data_2Y74
#
_entry.id   2Y74
#
_cell.length_a   225.800
_cell.length_b   225.800
_cell.length_c   218.700
_cell.angle_alpha   90.00
_cell.angle_beta   90.00
_cell.angle_gamma   120.00
#
_symmetry.space_group_name_H-M   'P 65 2 2'
#
loop_
_entity.id
_entity.type
_entity.pdbx_description
1 polymer 'MEMBRANE PRIMARY AMINE OXIDASE'
2 branched alpha-D-mannopyranose-(1-4)-2-acetamido-2-deoxy-beta-D-glucopyranose-(1-4)-2-acetamido-2-deoxy-beta-D-glucopyranose
3 branched 2-acetamido-2-deoxy-beta-D-glucopyranose-(1-4)-2-acetamido-2-deoxy-beta-D-glucopyranose
4 non-polymer 'COPPER (II) ION'
5 non-polymer 'CALCIUM ION'
6 non-polymer IMIDAZOLE
7 non-polymer 2-acetamido-2-deoxy-beta-D-glucopyranose
8 non-polymer alpha-D-mannopyranose
9 water water
#
_entity_poly.entity_id   1
_entity_poly.type   'polypeptide(L)'
_entity_poly.pdbx_seq_one_letter_code
;MNQKTILVLLILAVITIFALVCVLLVGRGGDGGEPSQLPHCPSVSPSAQPWTHPGQSQLFADLSREELTAVMRFLTQRLG
PGLVDAAQARPSDNCVFSVELQLPPKAAALAHLDRGSPPPAREALAIVFFGRQPQPNVSELVVGPLPHPSYMRDVTVERH
GGPLPYHRRPVLFQEYLDIDQMIFNRELPQASGLLHHCCFYKHRGRNLVTMTTAPRGLQSGDRATWFGLYYNISGAGFFL
HHVGLELLVNHKALDPARWTIQKVFYQGRYYDSLAQLEAQFEAGLVNVVLIPDNGTGGSWSLKSPVPPGPAPPLQFYPQG
PRFSVQGSRVASSLWTFSFGLGAFSGPRIFDVRFQGERLVYEISLQEALAIYGGNSPAAMTTRYVDGGFGMGKYTTPLTR
GVDCPYLATYVDWHFLLESQAPKTIRDAFCVFEQNQGLPLRRHHSDLYSHYFGGLAETVLVVRSMSTLLN(T0I)DYVWD
TVFHPSGAIEIRFYATGYISSAFLFGATGKYGNQVSEHTLGTVHTHSAHFKVDLDVAGLENWVWAEDMVFVPMAVPWSPE
HQLQRLQVTRKLLEMEEQAAFLVGSATPRYLYLASNHSNKWGHPRGYRIQMLSFAGEPLPQNSSMARGFSWERYQLAVTQ
RKEEEPSSSSVFNQNDPWAPTVDFSDFINNETIAGKDLVAWVTAGFLHIPHAEDIPNTVTVGNGVGFFLRPYNFFDEDPS
FYSADSIYFRGDQDAGACEVNPLACLPQAAACAPDLPAFSHGGFSHN
;
_entity_poly.pdbx_strand_id   A,B
#
loop_
_chem_comp.id
_chem_comp.type
_chem_comp.name
_chem_comp.formula
CA non-polymer 'CALCIUM ION' 'Ca 2'
CU non-polymer 'COPPER (II) ION' 'Cu 2'
IMD non-polymer IMIDAZOLE 'C3 H5 N2 1'
MAN D-saccharide, alpha linking alpha-D-mannopyranose 'C6 H12 O6'
NAG D-saccharide, beta linking 2-acetamido-2-deoxy-beta-D-glucopyranose 'C8 H15 N O6'
#
# COMPACT_ATOMS: atom_id res chain seq x y z
N GLN A 58 23.74 -19.46 16.48
CA GLN A 58 22.42 -18.88 16.29
C GLN A 58 21.85 -18.38 17.61
N LEU A 59 22.15 -17.13 17.92
CA LEU A 59 21.87 -16.53 19.21
C LEU A 59 20.36 -16.36 19.47
N PHE A 60 19.59 -16.18 18.40
CA PHE A 60 18.17 -15.86 18.54
C PHE A 60 17.26 -16.99 18.06
N ALA A 61 17.83 -18.15 17.78
CA ALA A 61 17.03 -19.29 17.33
C ALA A 61 16.06 -19.75 18.41
N ASP A 62 14.81 -19.98 18.04
CA ASP A 62 13.84 -20.50 18.98
C ASP A 62 14.32 -21.85 19.50
N LEU A 63 13.76 -22.29 20.62
CA LEU A 63 14.19 -23.53 21.25
C LEU A 63 13.88 -24.74 20.39
N SER A 64 14.87 -25.61 20.23
CA SER A 64 14.70 -26.85 19.47
C SER A 64 13.93 -27.89 20.29
N ARG A 65 13.48 -28.94 19.62
CA ARG A 65 12.79 -30.03 20.30
C ARG A 65 13.61 -30.58 21.45
N GLU A 66 14.93 -30.63 21.25
CA GLU A 66 15.84 -31.17 22.25
C GLU A 66 15.89 -30.26 23.47
N GLU A 67 16.16 -28.99 23.23
CA GLU A 67 16.23 -28.00 24.30
C GLU A 67 14.90 -27.93 25.06
N LEU A 68 13.81 -27.96 24.31
CA LEU A 68 12.48 -27.96 24.93
C LEU A 68 12.31 -29.17 25.85
N THR A 69 12.68 -30.34 25.35
CA THR A 69 12.62 -31.57 26.13
C THR A 69 13.47 -31.47 27.39
N ALA A 70 14.71 -31.00 27.25
CA ALA A 70 15.67 -30.96 28.35
C ALA A 70 15.25 -30.00 29.46
N VAL A 71 14.52 -28.95 29.10
CA VAL A 71 14.03 -28.00 30.10
C VAL A 71 12.81 -28.55 30.81
N MET A 72 12.01 -29.34 30.10
CA MET A 72 10.85 -29.98 30.70
C MET A 72 11.32 -31.09 31.64
N ARG A 73 12.41 -31.75 31.26
CA ARG A 73 13.02 -32.77 32.11
C ARG A 73 13.44 -32.15 33.43
N PHE A 74 14.16 -31.04 33.33
CA PHE A 74 14.64 -30.31 34.50
C PHE A 74 13.48 -29.83 35.37
N LEU A 75 12.48 -29.23 34.74
CA LEU A 75 11.33 -28.71 35.47
C LEU A 75 10.62 -29.80 36.26
N THR A 76 10.59 -31.01 35.74
CA THR A 76 9.89 -32.11 36.40
C THR A 76 10.66 -32.59 37.63
N GLN A 77 11.98 -32.48 37.58
CA GLN A 77 12.80 -32.83 38.73
C GLN A 77 12.65 -31.83 39.87
N ARG A 78 12.90 -30.55 39.56
CA ARG A 78 12.89 -29.48 40.56
C ARG A 78 11.54 -29.27 41.25
N LEU A 79 10.47 -29.69 40.60
CA LEU A 79 9.12 -29.46 41.12
C LEU A 79 8.48 -30.76 41.59
N GLY A 80 9.16 -31.48 42.46
CA GLY A 80 8.69 -32.75 43.02
C GLY A 80 7.22 -33.03 42.73
N PRO A 81 6.94 -34.12 42.09
CA PRO A 81 5.68 -34.47 41.45
C PRO A 81 4.44 -33.99 42.15
N GLY A 82 3.30 -34.24 41.52
CA GLY A 82 2.07 -33.54 41.84
C GLY A 82 1.90 -32.54 40.71
N LEU A 83 2.94 -32.46 39.90
CA LEU A 83 2.94 -31.65 38.68
C LEU A 83 2.16 -32.39 37.60
N VAL A 84 1.13 -31.75 37.07
CA VAL A 84 0.25 -32.38 36.10
C VAL A 84 0.53 -31.90 34.68
N ASP A 85 0.20 -32.75 33.71
CA ASP A 85 0.30 -32.38 32.30
C ASP A 85 -0.76 -31.34 31.98
N ALA A 86 -0.31 -30.15 31.58
CA ALA A 86 -1.22 -29.03 31.35
C ALA A 86 -2.38 -29.39 30.42
N ALA A 87 -2.16 -30.38 29.55
CA ALA A 87 -3.16 -30.79 28.58
C ALA A 87 -4.41 -31.36 29.24
N GLN A 88 -4.29 -31.74 30.52
CA GLN A 88 -5.41 -32.33 31.24
C GLN A 88 -5.55 -31.74 32.64
N ALA A 89 -4.80 -30.66 32.90
CA ALA A 89 -4.76 -30.04 34.21
C ALA A 89 -6.08 -29.36 34.59
N ARG A 90 -6.44 -29.47 35.86
CA ARG A 90 -7.57 -28.73 36.41
C ARG A 90 -7.05 -27.45 37.06
N PRO A 91 -7.95 -26.52 37.38
CA PRO A 91 -7.51 -25.21 37.90
C PRO A 91 -6.65 -25.32 39.16
N SER A 92 -6.90 -26.32 40.00
CA SER A 92 -6.22 -26.42 41.28
C SER A 92 -4.93 -27.23 41.21
N ASP A 93 -4.47 -27.54 40.00
CA ASP A 93 -3.23 -28.32 39.83
C ASP A 93 -2.02 -27.42 39.62
N ASN A 94 -0.85 -28.06 39.59
CA ASN A 94 0.38 -27.40 39.18
C ASN A 94 0.75 -27.91 37.79
N CYS A 95 0.93 -27.01 36.84
CA CYS A 95 1.28 -27.42 35.49
C CYS A 95 2.16 -26.40 34.78
N VAL A 96 2.89 -26.88 33.78
CA VAL A 96 3.69 -26.02 32.95
C VAL A 96 2.84 -25.59 31.75
N PHE A 97 2.62 -24.29 31.62
CA PHE A 97 1.80 -23.75 30.54
C PHE A 97 2.64 -23.49 29.31
N SER A 98 3.72 -22.73 29.49
CA SER A 98 4.60 -22.39 28.38
C SER A 98 6.06 -22.68 28.73
N VAL A 99 6.82 -23.11 27.72
CA VAL A 99 8.26 -23.15 27.80
C VAL A 99 8.80 -22.72 26.45
N GLU A 100 9.48 -21.58 26.41
CA GLU A 100 10.02 -21.08 25.15
C GLU A 100 11.27 -20.23 25.35
N LEU A 101 11.97 -19.95 24.26
CA LEU A 101 13.21 -19.18 24.33
C LEU A 101 13.05 -17.91 25.14
N GLN A 102 13.98 -17.70 26.06
CA GLN A 102 14.15 -16.43 26.72
C GLN A 102 15.17 -15.64 25.92
N LEU A 103 14.78 -14.49 25.40
CA LEU A 103 15.70 -13.68 24.60
C LEU A 103 16.83 -13.17 25.46
N PRO A 104 18.05 -13.14 24.90
CA PRO A 104 19.23 -12.70 25.65
C PRO A 104 19.18 -11.20 25.88
N PRO A 105 19.92 -10.72 26.91
CA PRO A 105 20.11 -9.28 27.10
C PRO A 105 20.91 -8.70 25.93
N LYS A 106 20.57 -7.48 25.53
CA LYS A 106 21.10 -6.91 24.28
C LYS A 106 22.60 -6.66 24.29
N ALA A 107 23.11 -6.10 25.39
CA ALA A 107 24.52 -5.79 25.51
C ALA A 107 25.39 -7.04 25.42
N ALA A 108 25.00 -8.07 26.16
CA ALA A 108 25.73 -9.34 26.14
C ALA A 108 25.77 -9.93 24.73
N ALA A 109 24.71 -9.68 23.97
CA ALA A 109 24.56 -10.26 22.64
C ALA A 109 25.40 -9.53 21.61
N LEU A 110 25.30 -8.20 21.60
CA LEU A 110 26.10 -7.39 20.70
C LEU A 110 27.58 -7.60 20.99
N ALA A 111 27.89 -7.78 22.27
CA ALA A 111 29.24 -8.10 22.69
C ALA A 111 29.73 -9.32 21.92
N HIS A 112 28.88 -10.33 21.84
CA HIS A 112 29.21 -11.58 21.15
C HIS A 112 29.27 -11.40 19.64
N LEU A 113 28.26 -10.74 19.07
CA LEU A 113 28.14 -10.61 17.64
C LEU A 113 29.18 -9.69 17.01
N ASP A 114 29.57 -8.64 17.74
CA ASP A 114 30.44 -7.61 17.18
C ASP A 114 31.83 -7.54 17.79
N ARG A 115 32.10 -8.36 18.81
CA ARG A 115 33.35 -8.25 19.54
C ARG A 115 33.90 -9.58 20.05
N GLY A 116 33.51 -10.67 19.40
CA GLY A 116 34.05 -11.98 19.73
C GLY A 116 33.64 -12.54 21.08
N SER A 117 33.30 -11.68 22.03
CA SER A 117 32.86 -12.10 23.36
C SER A 117 31.95 -13.33 23.33
N PRO A 118 32.09 -14.20 24.34
CA PRO A 118 31.35 -15.47 24.32
C PRO A 118 29.83 -15.30 24.40
N PRO A 119 29.09 -16.30 23.91
CA PRO A 119 27.62 -16.24 23.87
C PRO A 119 26.98 -16.09 25.25
N PRO A 120 26.03 -15.16 25.38
CA PRO A 120 25.25 -15.04 26.61
C PRO A 120 24.63 -16.39 26.92
N ALA A 121 24.50 -16.73 28.20
CA ALA A 121 23.87 -17.99 28.55
C ALA A 121 22.56 -18.12 27.79
N ARG A 122 22.31 -19.31 27.25
CA ARG A 122 21.07 -19.57 26.53
C ARG A 122 20.02 -20.13 27.48
N GLU A 123 18.98 -19.37 27.75
CA GLU A 123 18.00 -19.76 28.76
C GLU A 123 16.60 -19.88 28.19
N ALA A 124 15.73 -20.59 28.90
CA ALA A 124 14.32 -20.68 28.54
C ALA A 124 13.49 -19.95 29.57
N LEU A 125 12.27 -19.59 29.21
CA LEU A 125 11.33 -19.01 30.16
C LEU A 125 10.09 -19.90 30.25
N ALA A 126 9.84 -20.44 31.44
CA ALA A 126 8.69 -21.30 31.65
C ALA A 126 7.61 -20.58 32.44
N ILE A 127 6.38 -20.65 31.97
CA ILE A 127 5.24 -20.11 32.69
C ILE A 127 4.54 -21.25 33.41
N VAL A 128 4.48 -21.16 34.74
CA VAL A 128 3.92 -22.25 35.52
C VAL A 128 2.65 -21.84 36.24
N PHE A 129 1.64 -22.69 36.17
CA PHE A 129 0.39 -22.48 36.91
C PHE A 129 0.44 -23.21 38.25
N PHE A 130 0.62 -22.44 39.32
CA PHE A 130 0.71 -23.02 40.65
C PHE A 130 -0.63 -22.94 41.37
N GLY A 131 -1.54 -23.84 41.00
CA GLY A 131 -2.86 -23.85 41.60
C GLY A 131 -3.03 -24.73 42.82
N ARG A 132 -2.11 -25.66 43.04
CA ARG A 132 -2.18 -26.57 44.19
C ARG A 132 -1.45 -26.00 45.39
N GLN A 133 -2.07 -25.01 46.02
CA GLN A 133 -1.53 -24.34 47.20
C GLN A 133 -2.53 -23.31 47.76
N PRO A 134 -2.43 -22.99 49.06
CA PRO A 134 -3.28 -22.01 49.74
C PRO A 134 -3.49 -20.73 48.92
N GLN A 135 -2.45 -20.20 48.31
CA GLN A 135 -2.61 -19.03 47.48
C GLN A 135 -2.02 -19.22 46.13
N PRO A 136 -2.81 -19.72 45.18
CA PRO A 136 -2.31 -20.06 43.85
C PRO A 136 -1.72 -18.84 43.16
N ASN A 137 -0.84 -19.04 42.20
CA ASN A 137 -0.32 -17.94 41.41
C ASN A 137 0.31 -18.45 40.12
N VAL A 138 0.68 -17.51 39.25
CA VAL A 138 1.42 -17.83 38.04
C VAL A 138 2.84 -17.35 38.23
N SER A 139 3.81 -18.19 37.89
CA SER A 139 5.20 -17.83 38.05
C SER A 139 5.94 -17.92 36.72
N GLU A 140 6.81 -16.95 36.46
CA GLU A 140 7.72 -17.01 35.32
C GLU A 140 9.08 -17.49 35.81
N LEU A 141 9.50 -18.66 35.34
CA LEU A 141 10.76 -19.24 35.76
C LEU A 141 11.78 -19.34 34.62
N VAL A 142 12.90 -18.63 34.75
CA VAL A 142 13.99 -18.76 33.80
C VAL A 142 14.75 -20.06 34.09
N VAL A 143 15.02 -20.86 33.07
CA VAL A 143 15.69 -22.15 33.28
C VAL A 143 17.13 -22.19 32.75
N GLY A 144 17.98 -22.89 33.51
CA GLY A 144 19.43 -22.85 33.41
C GLY A 144 20.13 -23.06 32.07
N PRO A 145 21.46 -22.95 32.07
CA PRO A 145 22.30 -22.81 30.87
C PRO A 145 21.93 -23.88 29.87
N LEU A 146 21.71 -23.61 28.59
CA LEU A 146 21.29 -24.70 27.68
C LEU A 146 22.39 -25.10 26.76
N PRO A 147 22.65 -26.38 26.62
CA PRO A 147 21.83 -27.50 26.24
C PRO A 147 21.34 -28.32 27.36
N HIS A 148 22.02 -28.17 28.45
CA HIS A 148 21.87 -29.03 29.62
C HIS A 148 21.67 -28.14 30.85
N PRO A 149 20.41 -27.87 31.20
CA PRO A 149 20.00 -26.93 32.27
C PRO A 149 20.54 -27.31 33.65
N SER A 150 21.03 -26.32 34.39
CA SER A 150 21.60 -26.56 35.72
C SER A 150 20.96 -25.67 36.80
N TYR A 151 20.46 -24.50 36.41
CA TYR A 151 19.78 -23.63 37.37
C TYR A 151 18.30 -23.39 37.06
N MET A 152 17.61 -22.73 37.98
CA MET A 152 16.23 -22.32 37.79
C MET A 152 15.98 -21.06 38.60
N ARG A 153 15.41 -20.05 37.97
CA ARG A 153 15.33 -18.72 38.58
C ARG A 153 13.94 -18.13 38.44
N ASP A 154 13.32 -17.78 39.57
CA ASP A 154 11.99 -17.17 39.57
C ASP A 154 12.07 -15.66 39.44
N VAL A 155 11.69 -15.16 38.27
CA VAL A 155 11.80 -13.74 37.96
C VAL A 155 10.47 -13.00 38.09
N THR A 156 9.46 -13.69 38.60
CA THR A 156 8.10 -13.12 38.65
C THR A 156 8.05 -11.77 39.36
N VAL A 157 8.51 -11.71 40.60
CA VAL A 157 8.46 -10.48 41.39
C VAL A 157 9.38 -9.41 40.82
N GLU A 158 10.56 -9.84 40.38
CA GLU A 158 11.53 -8.96 39.76
C GLU A 158 10.89 -8.14 38.64
N ARG A 159 10.00 -8.78 37.89
CA ARG A 159 9.39 -8.16 36.72
C ARG A 159 8.10 -7.40 37.01
N HIS A 160 7.27 -7.95 37.90
CA HIS A 160 5.93 -7.42 38.09
C HIS A 160 5.71 -6.72 39.45
N GLY A 161 6.64 -6.91 40.38
CA GLY A 161 6.55 -6.26 41.67
C GLY A 161 5.88 -7.12 42.73
N GLY A 162 5.30 -8.23 42.29
CA GLY A 162 4.63 -9.15 43.18
C GLY A 162 4.25 -10.41 42.42
N PRO A 163 3.34 -11.21 42.99
CA PRO A 163 2.92 -12.42 42.29
C PRO A 163 2.02 -12.07 41.12
N LEU A 164 1.79 -13.04 40.24
CA LEU A 164 0.77 -12.88 39.21
C LEU A 164 -0.54 -13.46 39.73
N PRO A 165 -1.54 -12.61 39.92
CA PRO A 165 -2.88 -13.11 40.28
C PRO A 165 -3.29 -14.27 39.37
N TYR A 166 -3.74 -15.36 39.98
CA TYR A 166 -4.00 -16.60 39.26
C TYR A 166 -5.08 -16.48 38.20
N HIS A 167 -5.86 -15.39 38.24
CA HIS A 167 -6.96 -15.23 37.29
C HIS A 167 -6.52 -14.63 35.96
N ARG A 168 -5.27 -14.20 35.88
CA ARG A 168 -4.72 -13.66 34.64
C ARG A 168 -4.23 -14.77 33.73
N ARG A 169 -4.13 -15.98 34.27
CA ARG A 169 -3.67 -17.13 33.51
C ARG A 169 -4.66 -17.43 32.38
N PRO A 170 -4.15 -17.56 31.15
CA PRO A 170 -4.96 -17.94 30.00
C PRO A 170 -5.84 -19.15 30.32
N VAL A 171 -7.03 -19.19 29.75
CA VAL A 171 -7.89 -20.36 29.93
C VAL A 171 -7.27 -21.56 29.25
N LEU A 172 -6.99 -22.60 30.02
CA LEU A 172 -6.40 -23.82 29.49
C LEU A 172 -7.34 -24.50 28.53
N PHE A 173 -6.78 -25.33 27.65
CA PHE A 173 -7.59 -26.14 26.74
C PHE A 173 -8.53 -27.03 27.53
N GLN A 174 -7.98 -27.72 28.54
CA GLN A 174 -8.79 -28.56 29.41
C GLN A 174 -9.88 -27.76 30.09
N GLU A 175 -9.61 -26.48 30.35
CA GLU A 175 -10.59 -25.61 30.97
C GLU A 175 -11.79 -25.40 30.03
N TYR A 176 -11.51 -25.02 28.78
CA TYR A 176 -12.56 -24.88 27.78
C TYR A 176 -13.38 -26.16 27.71
N LEU A 177 -12.69 -27.29 27.83
CA LEU A 177 -13.32 -28.60 27.80
C LEU A 177 -14.30 -28.78 28.96
N ASP A 178 -13.86 -28.43 30.16
CA ASP A 178 -14.71 -28.49 31.34
C ASP A 178 -15.94 -27.61 31.15
N ILE A 179 -15.72 -26.36 30.74
CA ILE A 179 -16.81 -25.43 30.51
C ILE A 179 -17.85 -26.05 29.59
N ASP A 180 -17.40 -26.76 28.57
CA ASP A 180 -18.30 -27.40 27.62
C ASP A 180 -19.12 -28.50 28.28
N GLN A 181 -18.44 -29.38 29.02
CA GLN A 181 -19.11 -30.44 29.75
C GLN A 181 -20.25 -29.87 30.58
N MET A 182 -20.00 -28.73 31.21
CA MET A 182 -21.02 -28.06 32.01
C MET A 182 -22.19 -27.60 31.13
N ILE A 183 -21.88 -26.83 30.09
CA ILE A 183 -22.90 -26.32 29.18
C ILE A 183 -23.71 -27.43 28.53
N PHE A 184 -23.02 -28.40 27.93
CA PHE A 184 -23.68 -29.43 27.14
C PHE A 184 -24.32 -30.55 27.97
N ASN A 185 -23.74 -30.88 29.11
CA ASN A 185 -24.25 -32.00 29.91
C ASN A 185 -25.21 -31.59 31.02
N ARG A 186 -25.14 -30.34 31.45
CA ARG A 186 -25.87 -29.94 32.65
C ARG A 186 -26.74 -28.69 32.48
N GLU A 187 -26.35 -27.80 31.57
CA GLU A 187 -27.06 -26.54 31.44
C GLU A 187 -28.02 -26.50 30.23
N LEU A 188 -27.58 -27.04 29.11
CA LEU A 188 -28.37 -27.00 27.89
C LEU A 188 -29.64 -27.85 27.94
N PRO A 189 -29.54 -29.09 28.45
CA PRO A 189 -30.70 -29.98 28.45
C PRO A 189 -31.90 -29.40 29.21
N GLN A 190 -31.67 -28.34 29.97
CA GLN A 190 -32.75 -27.69 30.71
C GLN A 190 -33.62 -26.86 29.78
N ALA A 191 -33.12 -26.65 28.56
CA ALA A 191 -33.85 -25.89 27.56
C ALA A 191 -34.01 -26.71 26.29
N SER A 192 -34.10 -28.02 26.45
CA SER A 192 -34.23 -28.94 25.31
C SER A 192 -35.52 -28.69 24.56
N GLY A 193 -36.45 -27.99 25.18
CA GLY A 193 -37.69 -27.62 24.53
C GLY A 193 -37.45 -26.54 23.49
N LEU A 194 -36.98 -25.39 23.95
CA LEU A 194 -36.66 -24.27 23.07
C LEU A 194 -35.68 -24.69 22.00
N LEU A 195 -34.55 -25.24 22.42
CA LEU A 195 -33.46 -25.59 21.53
C LEU A 195 -33.86 -26.61 20.45
N HIS A 196 -34.95 -27.32 20.69
CA HIS A 196 -35.45 -28.26 19.69
C HIS A 196 -36.17 -27.53 18.55
N HIS A 197 -36.92 -26.49 18.90
CA HIS A 197 -37.73 -25.76 17.92
C HIS A 197 -36.97 -24.64 17.23
N CYS A 198 -35.80 -24.29 17.75
CA CYS A 198 -34.99 -23.26 17.12
C CYS A 198 -33.74 -23.85 16.48
N CYS A 199 -33.21 -24.93 17.04
CA CYS A 199 -31.86 -25.36 16.68
C CYS A 199 -31.64 -26.86 16.56
N PHE A 200 -32.68 -27.62 16.21
CA PHE A 200 -32.53 -29.05 15.96
C PHE A 200 -31.77 -29.77 17.07
N TYR A 201 -32.05 -29.38 18.31
CA TYR A 201 -31.34 -29.92 19.47
C TYR A 201 -31.56 -31.42 19.62
N LYS A 202 -30.57 -32.07 20.20
CA LYS A 202 -30.72 -33.42 20.60
C LYS A 202 -29.93 -33.68 21.84
N ARG A 206 -24.15 -34.10 20.01
CA ARG A 206 -24.58 -32.71 19.93
C ARG A 206 -24.24 -32.05 18.61
N ASN A 207 -25.03 -31.06 18.28
CA ASN A 207 -24.93 -30.42 17.00
C ASN A 207 -24.38 -29.05 17.13
N LEU A 208 -24.11 -28.65 18.36
CA LEU A 208 -23.71 -27.28 18.62
C LEU A 208 -22.29 -27.20 19.17
N VAL A 209 -21.66 -26.03 19.01
CA VAL A 209 -20.36 -25.78 19.60
C VAL A 209 -20.31 -24.36 20.17
N THR A 210 -19.32 -24.10 21.02
CA THR A 210 -19.17 -22.79 21.65
C THR A 210 -17.95 -22.06 21.11
N MET A 211 -17.97 -20.73 21.21
CA MET A 211 -16.78 -19.94 20.95
C MET A 211 -16.60 -18.86 22.01
N THR A 212 -15.43 -18.85 22.63
CA THR A 212 -15.13 -17.94 23.73
C THR A 212 -15.05 -16.49 23.28
N THR A 213 -15.23 -15.56 24.21
CA THR A 213 -15.08 -14.14 23.90
C THR A 213 -13.99 -13.42 24.70
N ALA A 214 -14.11 -12.10 24.73
CA ALA A 214 -13.02 -11.15 24.98
C ALA A 214 -12.39 -11.21 26.36
N PRO A 215 -12.28 -10.05 27.06
CA PRO A 215 -11.95 -10.24 28.47
C PRO A 215 -13.12 -10.91 29.16
N ARG A 216 -12.87 -11.53 30.30
CA ARG A 216 -13.85 -12.39 30.93
C ARG A 216 -14.42 -11.78 32.19
N GLY A 217 -15.39 -10.88 32.04
CA GLY A 217 -15.99 -10.18 33.16
C GLY A 217 -16.02 -8.67 32.98
N LEU A 218 -16.05 -7.95 34.10
CA LEU A 218 -16.21 -6.50 34.07
C LEU A 218 -15.27 -5.76 35.02
N GLN A 219 -14.73 -6.49 36.00
CA GLN A 219 -13.77 -5.94 36.93
C GLN A 219 -12.51 -6.78 36.92
N SER A 220 -11.41 -6.22 37.39
CA SER A 220 -10.22 -7.02 37.62
C SER A 220 -10.60 -8.16 38.57
N GLY A 221 -10.16 -9.37 38.25
CA GLY A 221 -10.42 -10.50 39.11
C GLY A 221 -11.53 -11.41 38.64
N ASP A 222 -12.37 -10.90 37.74
CA ASP A 222 -13.46 -11.71 37.18
C ASP A 222 -12.90 -12.76 36.23
N ARG A 223 -13.61 -13.87 36.11
CA ARG A 223 -13.31 -14.88 35.11
C ARG A 223 -14.62 -15.44 34.57
N ALA A 224 -15.43 -14.54 33.99
CA ALA A 224 -16.73 -14.91 33.45
C ALA A 224 -16.78 -14.61 31.95
N THR A 225 -16.93 -15.67 31.16
CA THR A 225 -16.84 -15.57 29.71
C THR A 225 -18.19 -15.73 29.02
N TRP A 226 -18.51 -14.82 28.09
CA TRP A 226 -19.68 -14.98 27.25
C TRP A 226 -19.35 -15.92 26.09
N PHE A 227 -20.14 -16.96 25.93
CA PHE A 227 -19.96 -17.89 24.83
C PHE A 227 -21.14 -17.80 23.88
N GLY A 228 -20.88 -17.89 22.59
CA GLY A 228 -21.95 -17.99 21.62
C GLY A 228 -22.14 -19.45 21.27
N LEU A 229 -23.35 -19.80 20.86
CA LEU A 229 -23.61 -21.15 20.37
C LEU A 229 -23.81 -21.16 18.87
N TYR A 230 -23.14 -22.09 18.20
CA TYR A 230 -23.13 -22.14 16.74
C TYR A 230 -23.39 -23.55 16.26
N TYR A 231 -24.10 -23.67 15.15
CA TYR A 231 -24.25 -24.96 14.49
C TYR A 231 -22.85 -25.51 14.21
N ASN A 232 -22.62 -26.76 14.59
CA ASN A 232 -21.33 -27.37 14.39
C ASN A 232 -21.11 -27.78 12.94
N ILE A 233 -20.97 -26.78 12.08
CA ILE A 233 -20.75 -27.00 10.65
C ILE A 233 -19.45 -27.78 10.42
N SER A 234 -19.50 -28.74 9.50
CA SER A 234 -18.33 -29.56 9.20
C SER A 234 -17.75 -29.19 7.84
N GLY A 235 -16.42 -29.13 7.77
CA GLY A 235 -15.73 -28.81 6.54
C GLY A 235 -15.79 -27.34 6.17
N ALA A 236 -16.35 -26.54 7.06
CA ALA A 236 -16.48 -25.10 6.83
C ALA A 236 -16.63 -24.36 8.15
N GLY A 237 -16.57 -23.04 8.09
CA GLY A 237 -16.57 -22.22 9.29
C GLY A 237 -17.88 -22.23 10.05
N PHE A 238 -17.83 -22.57 11.33
CA PHE A 238 -19.02 -22.57 12.17
C PHE A 238 -19.35 -21.15 12.58
N PHE A 239 -18.38 -20.25 12.41
CA PHE A 239 -18.50 -18.88 12.89
C PHE A 239 -19.66 -18.10 12.26
N LEU A 240 -20.21 -18.63 11.17
CA LEU A 240 -21.24 -17.93 10.43
C LEU A 240 -22.66 -18.39 10.81
N HIS A 241 -22.74 -19.25 11.81
CA HIS A 241 -24.04 -19.81 12.19
C HIS A 241 -24.33 -19.78 13.67
N HIS A 242 -24.42 -18.57 14.20
CA HIS A 242 -24.82 -18.30 15.57
C HIS A 242 -26.29 -18.66 15.67
N VAL A 243 -26.65 -19.50 16.64
CA VAL A 243 -28.04 -19.94 16.78
C VAL A 243 -28.84 -19.03 17.71
N GLY A 244 -28.23 -17.93 18.14
CA GLY A 244 -28.94 -16.90 18.88
C GLY A 244 -28.93 -17.04 20.38
N LEU A 245 -28.21 -18.05 20.88
CA LEU A 245 -28.09 -18.27 22.33
C LEU A 245 -26.69 -17.94 22.84
N GLU A 246 -26.62 -17.03 23.82
CA GLU A 246 -25.35 -16.66 24.41
C GLU A 246 -25.33 -16.86 25.93
N LEU A 247 -24.27 -17.48 26.43
CA LEU A 247 -24.20 -17.85 27.84
C LEU A 247 -23.05 -17.18 28.56
N LEU A 248 -23.35 -16.49 29.65
CA LEU A 248 -22.29 -15.94 30.50
C LEU A 248 -21.90 -16.96 31.57
N VAL A 249 -20.79 -17.64 31.33
CA VAL A 249 -20.30 -18.66 32.25
C VAL A 249 -19.29 -18.08 33.24
N ASN A 250 -19.51 -18.34 34.52
CA ASN A 250 -18.56 -17.93 35.56
C ASN A 250 -17.72 -19.10 36.02
N HIS A 251 -16.48 -19.17 35.53
CA HIS A 251 -15.59 -20.27 35.85
C HIS A 251 -14.34 -19.79 36.62
N LYS A 252 -14.55 -18.84 37.52
CA LYS A 252 -13.47 -18.30 38.35
C LYS A 252 -13.02 -19.28 39.43
N ALA A 253 -13.94 -20.15 39.84
CA ALA A 253 -13.67 -21.10 40.92
C ALA A 253 -12.63 -22.14 40.53
N LEU A 254 -11.79 -22.52 41.50
CA LEU A 254 -10.76 -23.52 41.27
C LEU A 254 -11.38 -24.91 41.14
N ASP A 255 -12.54 -25.08 41.76
CA ASP A 255 -13.30 -26.32 41.63
C ASP A 255 -14.38 -26.16 40.56
N PRO A 256 -14.16 -26.76 39.38
CA PRO A 256 -15.08 -26.64 38.25
C PRO A 256 -16.53 -26.97 38.62
N ALA A 257 -16.72 -27.63 39.76
CA ALA A 257 -18.06 -27.99 40.21
C ALA A 257 -18.87 -26.75 40.63
N ARG A 258 -18.19 -25.75 41.16
CA ARG A 258 -18.86 -24.53 41.62
C ARG A 258 -19.09 -23.53 40.48
N TRP A 259 -18.89 -23.98 39.25
CA TRP A 259 -19.10 -23.13 38.09
C TRP A 259 -20.58 -22.94 37.79
N THR A 260 -20.97 -21.70 37.56
CA THR A 260 -22.36 -21.33 37.42
C THR A 260 -22.62 -20.64 36.07
N ILE A 261 -23.87 -20.30 35.81
CA ILE A 261 -24.21 -19.46 34.67
C ILE A 261 -24.88 -18.18 35.16
N GLN A 262 -24.17 -17.06 35.06
CA GLN A 262 -24.63 -15.80 35.62
C GLN A 262 -25.73 -15.13 34.78
N LYS A 263 -25.69 -15.36 33.48
CA LYS A 263 -26.65 -14.74 32.57
C LYS A 263 -26.91 -15.59 31.34
N VAL A 264 -28.02 -15.30 30.68
CA VAL A 264 -28.38 -15.96 29.43
C VAL A 264 -29.00 -14.94 28.50
N PHE A 265 -28.74 -15.10 27.20
CA PHE A 265 -29.27 -14.17 26.21
C PHE A 265 -29.90 -14.92 25.07
N TYR A 266 -31.09 -14.50 24.71
CA TYR A 266 -31.74 -15.09 23.61
C TYR A 266 -32.64 -14.06 23.04
N GLN A 267 -32.56 -13.87 21.74
CA GLN A 267 -33.37 -12.93 21.02
C GLN A 267 -33.61 -11.66 21.75
N GLY A 268 -32.59 -10.90 22.05
CA GLY A 268 -32.81 -9.60 22.59
C GLY A 268 -33.09 -9.52 24.05
N ARG A 269 -33.43 -10.64 24.65
CA ARG A 269 -33.83 -10.66 26.03
C ARG A 269 -32.89 -11.43 26.93
N TYR A 270 -32.70 -10.96 28.16
CA TYR A 270 -31.81 -11.58 29.13
C TYR A 270 -32.55 -12.37 30.20
N TYR A 271 -31.96 -13.47 30.64
CA TYR A 271 -32.53 -14.31 31.69
C TYR A 271 -31.41 -14.65 32.67
N ASP A 272 -31.76 -15.28 33.77
CA ASP A 272 -30.76 -15.61 34.79
C ASP A 272 -30.32 -17.06 34.75
N SER A 273 -31.06 -17.87 34.00
CA SER A 273 -30.72 -19.28 33.83
C SER A 273 -31.46 -19.83 32.63
N LEU A 274 -31.03 -20.99 32.17
CA LEU A 274 -31.67 -21.65 31.04
C LEU A 274 -33.06 -22.15 31.39
N ALA A 275 -33.22 -22.57 32.65
CA ALA A 275 -34.52 -23.01 33.13
C ALA A 275 -35.54 -21.88 33.02
N GLN A 276 -35.12 -20.68 33.42
CA GLN A 276 -35.96 -19.50 33.34
C GLN A 276 -36.36 -19.20 31.89
N LEU A 277 -35.43 -19.43 30.96
CA LEU A 277 -35.69 -19.24 29.54
C LEU A 277 -36.66 -20.30 29.04
N GLU A 278 -36.26 -21.56 29.17
CA GLU A 278 -37.12 -22.69 28.81
C GLU A 278 -38.52 -22.50 29.37
N ALA A 279 -38.60 -21.84 30.52
CA ALA A 279 -39.87 -21.52 31.15
C ALA A 279 -40.69 -20.58 30.28
N GLN A 280 -40.12 -19.40 30.01
CA GLN A 280 -40.80 -18.40 29.21
C GLN A 280 -41.26 -18.94 27.85
N PHE A 281 -40.58 -19.97 27.37
CA PHE A 281 -40.93 -20.57 26.09
C PHE A 281 -42.09 -21.55 26.19
N GLU A 282 -42.03 -22.42 27.20
CA GLU A 282 -43.12 -23.35 27.45
C GLU A 282 -44.37 -22.56 27.83
N ALA A 283 -44.16 -21.31 28.21
CA ALA A 283 -45.25 -20.40 28.55
C ALA A 283 -45.75 -19.63 27.33
N GLY A 284 -45.23 -19.97 26.16
CA GLY A 284 -45.62 -19.36 24.91
C GLY A 284 -45.31 -17.87 24.81
N LEU A 285 -44.27 -17.44 25.50
CA LEU A 285 -43.90 -16.02 25.52
C LEU A 285 -42.62 -15.74 24.73
N VAL A 286 -42.07 -16.78 24.12
CA VAL A 286 -40.89 -16.63 23.29
C VAL A 286 -41.16 -17.20 21.91
N ASN A 287 -41.08 -16.36 20.89
CA ASN A 287 -41.30 -16.79 19.52
C ASN A 287 -40.06 -17.49 18.98
N VAL A 288 -40.22 -18.70 18.48
CA VAL A 288 -39.09 -19.43 17.91
C VAL A 288 -39.18 -19.58 16.40
N VAL A 289 -38.04 -19.43 15.74
CA VAL A 289 -37.91 -19.62 14.31
C VAL A 289 -36.89 -20.72 14.08
N LEU A 290 -37.25 -21.71 13.29
CA LEU A 290 -36.35 -22.84 13.08
C LEU A 290 -35.22 -22.47 12.13
N ILE A 291 -34.07 -22.11 12.70
CA ILE A 291 -32.88 -21.79 11.93
C ILE A 291 -32.37 -23.03 11.20
N PRO A 292 -32.30 -22.95 9.86
CA PRO A 292 -31.80 -24.09 9.06
C PRO A 292 -30.36 -24.44 9.43
N ASP A 293 -30.09 -25.73 9.59
CA ASP A 293 -28.77 -26.19 10.02
C ASP A 293 -27.95 -26.68 8.82
N ASN A 294 -28.38 -26.28 7.64
CA ASN A 294 -27.74 -26.72 6.41
C ASN A 294 -28.07 -25.81 5.23
N GLY A 295 -27.17 -25.76 4.26
CA GLY A 295 -27.38 -24.91 3.08
C GLY A 295 -26.29 -25.06 2.04
N THR A 296 -26.41 -24.27 0.98
CA THR A 296 -25.40 -24.24 -0.07
C THR A 296 -25.01 -22.81 -0.35
N GLY A 297 -23.74 -22.61 -0.69
CA GLY A 297 -23.22 -21.29 -0.97
C GLY A 297 -22.03 -20.98 -0.09
N GLY A 298 -21.55 -19.75 -0.16
CA GLY A 298 -20.39 -19.35 0.60
C GLY A 298 -20.59 -19.45 2.10
N SER A 299 -21.83 -19.32 2.55
CA SER A 299 -22.13 -19.36 3.98
C SER A 299 -21.89 -20.75 4.56
N TRP A 300 -21.94 -21.77 3.69
CA TRP A 300 -21.95 -23.15 4.14
C TRP A 300 -20.77 -23.96 3.63
N SER A 301 -20.01 -23.39 2.70
CA SER A 301 -18.91 -24.12 2.11
C SER A 301 -17.72 -23.22 1.79
N LEU A 302 -16.57 -23.84 1.57
CA LEU A 302 -15.36 -23.13 1.21
C LEU A 302 -14.86 -23.70 -0.11
N LYS A 303 -15.41 -24.84 -0.50
CA LYS A 303 -15.04 -25.54 -1.72
C LYS A 303 -15.75 -24.97 -2.93
N SER A 304 -14.98 -24.59 -3.95
CA SER A 304 -15.55 -24.01 -5.15
C SER A 304 -16.26 -25.05 -6.00
N PRO A 305 -17.49 -24.73 -6.42
CA PRO A 305 -18.31 -25.59 -7.28
C PRO A 305 -17.83 -25.58 -8.73
N VAL A 306 -16.79 -24.81 -9.01
CA VAL A 306 -16.29 -24.66 -10.38
C VAL A 306 -15.05 -25.53 -10.61
N PRO A 307 -15.05 -26.31 -11.70
CA PRO A 307 -13.91 -27.18 -12.01
C PRO A 307 -12.63 -26.37 -12.14
N PRO A 308 -11.49 -26.98 -11.79
CA PRO A 308 -10.21 -26.26 -11.92
C PRO A 308 -9.97 -25.89 -13.38
N GLY A 309 -9.32 -24.75 -13.60
CA GLY A 309 -9.01 -24.31 -14.95
C GLY A 309 -7.52 -24.43 -15.22
N PRO A 310 -7.02 -23.74 -16.24
CA PRO A 310 -5.58 -23.68 -16.44
C PRO A 310 -4.92 -23.01 -15.24
N ALA A 311 -3.72 -23.47 -14.88
CA ALA A 311 -3.07 -23.05 -13.64
C ALA A 311 -2.73 -21.57 -13.61
N PRO A 312 -2.67 -21.01 -12.41
CA PRO A 312 -2.22 -19.62 -12.21
C PRO A 312 -0.74 -19.52 -12.52
N PRO A 313 -0.22 -18.30 -12.72
CA PRO A 313 1.20 -18.15 -13.06
C PRO A 313 2.10 -18.78 -11.99
N LEU A 314 3.28 -19.20 -12.40
CA LEU A 314 4.23 -19.81 -11.48
C LEU A 314 5.58 -19.12 -11.62
N GLN A 315 6.23 -18.86 -10.48
CA GLN A 315 7.58 -18.32 -10.51
C GLN A 315 8.57 -19.40 -10.11
N PHE A 316 9.68 -19.48 -10.84
CA PHE A 316 10.76 -20.39 -10.49
C PHE A 316 12.07 -19.63 -10.58
N TYR A 317 13.15 -20.23 -10.08
CA TYR A 317 14.46 -19.58 -10.14
C TYR A 317 15.32 -20.23 -11.22
N PRO A 318 15.46 -19.55 -12.36
CA PRO A 318 16.14 -20.11 -13.54
C PRO A 318 17.49 -20.74 -13.18
N GLN A 319 18.34 -20.02 -12.47
CA GLN A 319 19.65 -20.52 -12.08
C GLN A 319 19.74 -20.79 -10.58
N GLY A 320 18.70 -21.42 -10.05
CA GLY A 320 18.69 -21.81 -8.64
C GLY A 320 18.37 -20.69 -7.68
N PRO A 321 17.92 -21.04 -6.46
CA PRO A 321 17.65 -20.06 -5.41
C PRO A 321 18.83 -19.13 -5.20
N ARG A 322 18.57 -17.89 -4.82
CA ARG A 322 19.63 -16.89 -4.64
C ARG A 322 19.74 -16.46 -3.19
N PHE A 323 19.23 -17.31 -2.30
CA PHE A 323 19.30 -17.10 -0.86
C PHE A 323 19.33 -18.47 -0.20
N SER A 324 19.78 -18.53 1.05
CA SER A 324 19.78 -19.81 1.78
C SER A 324 19.23 -19.66 3.18
N VAL A 325 18.62 -20.74 3.68
CA VAL A 325 18.10 -20.77 5.04
C VAL A 325 18.83 -21.83 5.85
N GLN A 326 19.46 -21.39 6.94
CA GLN A 326 20.24 -22.28 7.80
C GLN A 326 19.77 -22.14 9.24
N GLY A 327 18.87 -23.03 9.65
CA GLY A 327 18.27 -22.95 10.97
C GLY A 327 17.25 -21.82 11.03
N SER A 328 17.69 -20.66 11.49
CA SER A 328 16.81 -19.50 11.61
C SER A 328 17.47 -18.27 11.00
N ARG A 329 18.67 -18.43 10.47
CA ARG A 329 19.32 -17.33 9.78
C ARG A 329 19.04 -17.43 8.28
N VAL A 330 18.82 -16.27 7.66
CA VAL A 330 18.60 -16.20 6.23
C VAL A 330 19.71 -15.35 5.65
N ALA A 331 20.17 -15.71 4.46
CA ALA A 331 21.24 -14.96 3.82
C ALA A 331 21.02 -14.82 2.31
N SER A 332 21.16 -13.60 1.81
CA SER A 332 21.20 -13.34 0.39
C SER A 332 22.29 -12.31 0.15
N SER A 333 22.67 -12.09 -1.10
CA SER A 333 23.78 -11.19 -1.40
C SER A 333 23.58 -9.80 -0.79
N LEU A 334 22.38 -9.55 -0.27
CA LEU A 334 22.04 -8.24 0.27
C LEU A 334 21.69 -8.29 1.75
N TRP A 335 20.97 -9.33 2.16
CA TRP A 335 20.46 -9.38 3.52
C TRP A 335 20.93 -10.59 4.31
N THR A 336 21.18 -10.36 5.60
CA THR A 336 21.32 -11.44 6.56
C THR A 336 20.47 -11.05 7.75
N PHE A 337 19.72 -12.01 8.29
CA PHE A 337 18.86 -11.76 9.44
C PHE A 337 18.45 -13.08 10.08
N SER A 338 17.89 -13.01 11.28
CA SER A 338 17.34 -14.19 11.93
C SER A 338 15.83 -14.00 12.11
N PHE A 339 15.10 -15.11 12.10
CA PHE A 339 13.64 -15.04 12.23
C PHE A 339 13.14 -16.07 13.24
N GLY A 340 11.95 -15.84 13.76
CA GLY A 340 11.36 -16.74 14.73
C GLY A 340 9.96 -16.35 15.16
N LEU A 341 9.44 -17.09 16.13
CA LEU A 341 8.10 -16.84 16.66
C LEU A 341 8.09 -16.90 18.17
N GLY A 342 7.66 -15.80 18.79
CA GLY A 342 7.34 -15.83 20.20
C GLY A 342 6.01 -16.56 20.34
N ALA A 343 5.92 -17.47 21.30
CA ALA A 343 4.70 -18.24 21.48
C ALA A 343 3.48 -17.34 21.59
N PHE A 344 3.66 -16.15 22.15
CA PHE A 344 2.52 -15.27 22.38
C PHE A 344 2.57 -13.98 21.55
N SER A 345 3.75 -13.40 21.39
CA SER A 345 3.90 -12.17 20.61
C SER A 345 3.94 -12.43 19.11
N GLY A 346 4.38 -13.61 18.72
CA GLY A 346 4.40 -13.98 17.32
C GLY A 346 5.70 -13.67 16.60
N PRO A 347 5.61 -13.33 15.30
CA PRO A 347 6.76 -13.11 14.43
C PRO A 347 7.79 -12.14 15.00
N ARG A 348 9.05 -12.41 14.73
CA ARG A 348 10.14 -11.54 15.13
C ARG A 348 11.36 -11.72 14.22
N ILE A 349 12.09 -10.63 14.02
CA ILE A 349 13.26 -10.62 13.16
C ILE A 349 14.42 -10.01 13.94
N PHE A 350 15.58 -10.64 13.88
CA PHE A 350 16.73 -10.18 14.65
C PHE A 350 17.98 -9.98 13.82
N ASP A 351 18.79 -9.00 14.22
CA ASP A 351 20.11 -8.82 13.64
C ASP A 351 20.03 -8.69 12.12
N VAL A 352 19.26 -7.72 11.65
CA VAL A 352 19.13 -7.48 10.23
C VAL A 352 20.29 -6.65 9.72
N ARG A 353 21.12 -7.27 8.88
CA ARG A 353 22.26 -6.58 8.31
C ARG A 353 22.11 -6.48 6.79
N PHE A 354 22.23 -5.25 6.28
CA PHE A 354 22.19 -5.01 4.85
C PHE A 354 23.62 -4.83 4.34
N GLN A 355 24.09 -5.79 3.56
CA GLN A 355 25.48 -5.78 3.09
C GLN A 355 26.43 -5.66 4.27
N GLY A 356 26.18 -6.44 5.31
CA GLY A 356 27.09 -6.56 6.43
C GLY A 356 26.90 -5.55 7.55
N GLU A 357 26.18 -4.46 7.28
CA GLU A 357 25.93 -3.44 8.27
C GLU A 357 24.56 -3.62 8.93
N ARG A 358 24.50 -3.56 10.26
CA ARG A 358 23.23 -3.76 10.96
C ARG A 358 22.34 -2.53 10.91
N LEU A 359 21.07 -2.74 10.57
CA LEU A 359 20.08 -1.67 10.56
C LEU A 359 19.20 -1.77 11.79
N VAL A 360 18.63 -2.94 12.01
CA VAL A 360 17.77 -3.14 13.17
C VAL A 360 18.28 -4.31 14.01
N TYR A 361 18.18 -4.15 15.32
CA TYR A 361 18.49 -5.23 16.23
C TYR A 361 17.29 -6.18 16.27
N GLU A 362 16.11 -5.60 16.32
CA GLU A 362 14.89 -6.39 16.47
C GLU A 362 13.67 -5.69 15.86
N ILE A 363 12.92 -6.45 15.07
CA ILE A 363 11.58 -6.07 14.66
C ILE A 363 10.68 -7.20 15.09
N SER A 364 9.63 -6.89 15.85
CA SER A 364 8.76 -7.96 16.33
C SER A 364 7.32 -7.52 16.55
N LEU A 365 6.40 -8.43 16.25
CA LEU A 365 5.00 -8.24 16.59
C LEU A 365 4.87 -8.24 18.10
N GLN A 366 4.17 -7.24 18.62
CA GLN A 366 3.97 -7.12 20.06
C GLN A 366 2.60 -7.62 20.47
N GLU A 367 1.60 -7.29 19.66
CA GLU A 367 0.23 -7.60 20.02
C GLU A 367 -0.73 -7.41 18.86
N ALA A 368 -1.83 -8.15 18.90
CA ALA A 368 -2.93 -7.98 17.95
C ALA A 368 -4.21 -7.78 18.74
N LEU A 369 -5.06 -6.87 18.29
CA LEU A 369 -6.22 -6.45 19.07
C LEU A 369 -7.47 -6.29 18.21
N ALA A 370 -8.57 -6.89 18.65
CA ALA A 370 -9.84 -6.76 17.94
C ALA A 370 -10.93 -6.26 18.90
N ILE A 371 -11.59 -5.16 18.51
CA ILE A 371 -12.59 -4.52 19.35
C ILE A 371 -13.97 -4.46 18.67
N TYR A 372 -14.99 -4.98 19.34
CA TYR A 372 -16.28 -5.22 18.71
C TYR A 372 -17.45 -4.35 19.16
N GLY A 373 -18.47 -4.33 18.30
CA GLY A 373 -19.78 -3.80 18.64
C GLY A 373 -20.79 -4.89 18.35
N GLY A 374 -22.06 -4.64 18.67
CA GLY A 374 -23.08 -5.63 18.42
C GLY A 374 -24.29 -5.41 19.30
N ASN A 375 -25.40 -6.06 18.98
CA ASN A 375 -26.59 -5.93 19.82
C ASN A 375 -26.82 -7.18 20.65
N SER A 376 -25.82 -8.06 20.66
CA SER A 376 -25.77 -9.18 21.58
C SER A 376 -24.69 -8.92 22.62
N PRO A 377 -24.81 -9.53 23.81
CA PRO A 377 -23.86 -9.27 24.89
C PRO A 377 -22.44 -9.73 24.55
N ALA A 378 -22.30 -10.93 24.02
CA ALA A 378 -20.99 -11.47 23.67
C ALA A 378 -20.23 -10.49 22.78
N ALA A 379 -20.81 -10.13 21.64
CA ALA A 379 -20.17 -9.25 20.68
C ALA A 379 -19.88 -7.86 21.24
N MET A 380 -20.87 -7.28 21.94
CA MET A 380 -20.76 -5.88 22.36
C MET A 380 -19.70 -5.64 23.42
N THR A 381 -19.33 -6.69 24.15
CA THR A 381 -18.32 -6.57 25.19
C THR A 381 -17.07 -7.36 24.85
N THR A 382 -16.83 -7.55 23.55
CA THR A 382 -15.65 -8.29 23.12
C THR A 382 -14.48 -7.41 22.70
N ARG A 383 -13.36 -7.59 23.38
CA ARG A 383 -12.09 -6.99 23.01
C ARG A 383 -10.98 -8.04 23.16
N TYR A 384 -10.69 -8.75 22.07
CA TYR A 384 -9.62 -9.74 22.10
C TYR A 384 -8.26 -9.04 22.16
N VAL A 385 -7.42 -9.49 23.09
CA VAL A 385 -6.01 -9.14 23.08
C VAL A 385 -5.25 -10.41 22.74
N ASP A 386 -5.04 -10.61 21.44
CA ASP A 386 -4.69 -11.91 20.88
C ASP A 386 -3.44 -12.58 21.43
N GLY A 387 -2.55 -11.80 22.04
CA GLY A 387 -1.35 -12.35 22.64
C GLY A 387 -1.70 -13.28 23.79
N GLY A 388 -2.85 -13.04 24.40
CA GLY A 388 -3.36 -13.88 25.47
C GLY A 388 -3.66 -15.28 25.01
N PHE A 389 -3.78 -15.45 23.70
CA PHE A 389 -3.92 -16.78 23.11
C PHE A 389 -2.58 -17.18 22.52
N GLY A 390 -1.95 -16.27 21.80
CA GLY A 390 -0.61 -16.47 21.29
C GLY A 390 -0.55 -16.56 19.78
N MET A 391 0.02 -15.53 19.15
CA MET A 391 0.18 -15.52 17.69
C MET A 391 1.09 -16.66 17.23
N GLY A 392 2.06 -17.03 18.06
CA GLY A 392 2.94 -18.14 17.73
C GLY A 392 2.30 -19.48 18.05
N LYS A 393 1.66 -19.55 19.21
CA LYS A 393 1.00 -20.76 19.67
C LYS A 393 -0.05 -21.24 18.68
N TYR A 394 -0.67 -20.29 17.99
CA TYR A 394 -1.76 -20.60 17.07
C TYR A 394 -1.33 -20.48 15.61
N THR A 395 -0.02 -20.45 15.39
CA THR A 395 0.50 -20.44 14.03
C THR A 395 0.12 -21.75 13.34
N THR A 396 -0.29 -21.67 12.09
CA THR A 396 -0.78 -22.83 11.35
C THR A 396 0.11 -23.17 10.17
N PRO A 397 0.10 -24.43 9.74
CA PRO A 397 0.93 -24.87 8.60
C PRO A 397 0.62 -24.09 7.32
N LEU A 398 1.68 -23.73 6.61
CA LEU A 398 1.53 -23.01 5.35
C LEU A 398 1.28 -23.98 4.19
N THR A 399 0.19 -23.74 3.47
CA THR A 399 -0.18 -24.60 2.34
C THR A 399 0.57 -24.18 1.08
N ARG A 400 1.53 -25.02 0.68
CA ARG A 400 2.41 -24.70 -0.43
C ARG A 400 1.63 -24.43 -1.72
N GLY A 401 1.87 -23.27 -2.32
CA GLY A 401 1.17 -22.88 -3.53
C GLY A 401 0.07 -21.86 -3.27
N VAL A 402 -0.56 -21.94 -2.11
CA VAL A 402 -1.63 -21.01 -1.73
C VAL A 402 -1.13 -19.92 -0.79
N ASP A 403 -0.60 -20.33 0.36
CA ASP A 403 -0.14 -19.38 1.37
C ASP A 403 1.21 -18.77 1.03
N CYS A 404 1.99 -19.47 0.21
CA CYS A 404 3.29 -19.00 -0.25
C CYS A 404 3.52 -19.55 -1.64
N PRO A 405 4.38 -18.89 -2.42
CA PRO A 405 4.75 -19.42 -3.73
C PRO A 405 5.10 -20.90 -3.63
N TYR A 406 4.80 -21.68 -4.66
CA TYR A 406 5.01 -23.12 -4.62
C TYR A 406 6.46 -23.49 -4.36
N LEU A 407 7.38 -22.73 -4.96
CA LEU A 407 8.81 -23.01 -4.81
C LEU A 407 9.47 -22.18 -3.71
N ALA A 408 8.70 -21.85 -2.68
CA ALA A 408 9.26 -21.19 -1.53
C ALA A 408 9.94 -22.23 -0.65
N THR A 409 10.80 -21.79 0.26
CA THR A 409 11.40 -22.68 1.22
C THR A 409 10.53 -22.69 2.48
N TYR A 410 10.19 -23.89 2.95
CA TYR A 410 9.29 -23.99 4.11
C TYR A 410 10.00 -24.59 5.33
N VAL A 411 9.89 -23.89 6.45
CA VAL A 411 10.57 -24.28 7.68
C VAL A 411 9.59 -24.69 8.77
N ASP A 412 10.00 -25.61 9.64
CA ASP A 412 9.15 -26.03 10.76
C ASP A 412 9.34 -25.14 11.98
N TRP A 413 8.45 -25.29 12.95
CA TRP A 413 8.52 -24.53 14.20
C TRP A 413 8.15 -25.43 15.37
N HIS A 414 9.02 -25.49 16.37
CA HIS A 414 8.82 -26.40 17.49
C HIS A 414 8.39 -25.63 18.73
N PHE A 415 7.53 -26.26 19.53
CA PHE A 415 6.98 -25.60 20.70
C PHE A 415 6.60 -26.58 21.80
N LEU A 416 6.70 -26.12 23.05
CA LEU A 416 6.20 -26.85 24.18
C LEU A 416 5.13 -26.00 24.85
N LEU A 417 3.88 -26.19 24.43
CA LEU A 417 2.78 -25.38 24.94
C LEU A 417 1.60 -26.24 25.38
N GLU A 418 1.11 -25.99 26.58
CA GLU A 418 0.06 -26.81 27.20
C GLU A 418 0.33 -28.30 26.98
N SER A 419 1.59 -28.69 27.15
CA SER A 419 1.99 -30.07 26.96
C SER A 419 3.21 -30.39 27.83
N GLN A 420 3.63 -31.65 27.82
CA GLN A 420 4.84 -32.04 28.53
C GLN A 420 5.87 -32.59 27.55
N ALA A 421 5.49 -32.69 26.29
CA ALA A 421 6.41 -33.10 25.23
C ALA A 421 6.35 -32.09 24.09
N PRO A 422 7.51 -31.84 23.46
CA PRO A 422 7.58 -30.91 22.33
C PRO A 422 6.68 -31.33 21.17
N LYS A 423 6.23 -30.38 20.37
CA LYS A 423 5.48 -30.64 19.17
C LYS A 423 5.99 -29.76 18.06
N THR A 424 5.55 -30.03 16.83
CA THR A 424 6.02 -29.27 15.69
C THR A 424 4.87 -28.85 14.77
N ILE A 425 4.86 -27.56 14.42
CA ILE A 425 3.95 -27.08 13.39
C ILE A 425 4.70 -27.10 12.07
N ARG A 426 4.45 -28.13 11.26
CA ARG A 426 5.16 -28.30 10.00
C ARG A 426 4.86 -27.19 9.01
N ASP A 427 5.90 -26.71 8.34
CA ASP A 427 5.75 -25.67 7.33
C ASP A 427 5.19 -24.37 7.90
N ALA A 428 5.70 -23.97 9.07
CA ALA A 428 5.19 -22.79 9.76
C ALA A 428 5.73 -21.48 9.17
N PHE A 429 6.94 -21.53 8.63
CA PHE A 429 7.52 -20.36 7.97
C PHE A 429 7.71 -20.67 6.50
N CYS A 430 7.62 -19.63 5.67
CA CYS A 430 8.07 -19.74 4.29
C CYS A 430 9.00 -18.56 3.97
N VAL A 431 10.11 -18.87 3.31
CA VAL A 431 11.04 -17.84 2.88
C VAL A 431 11.20 -17.99 1.37
N PHE A 432 11.19 -16.87 0.64
CA PHE A 432 11.25 -16.94 -0.81
C PHE A 432 11.61 -15.61 -1.45
N GLU A 433 12.10 -15.68 -2.68
CA GLU A 433 12.29 -14.50 -3.51
C GLU A 433 11.07 -14.33 -4.41
N GLN A 434 10.64 -13.10 -4.60
CA GLN A 434 9.43 -12.83 -5.36
C GLN A 434 9.64 -11.71 -6.36
N ASN A 435 9.54 -12.02 -7.65
CA ASN A 435 9.62 -11.00 -8.68
C ASN A 435 8.33 -10.19 -8.64
N GLN A 436 8.46 -8.91 -8.32
CA GLN A 436 7.29 -8.05 -8.11
C GLN A 436 6.57 -7.70 -9.41
N GLY A 437 7.19 -7.97 -10.54
CA GLY A 437 6.65 -7.56 -11.82
C GLY A 437 6.42 -6.06 -11.74
N LEU A 438 7.52 -5.33 -11.61
CA LEU A 438 7.48 -3.90 -11.35
C LEU A 438 8.93 -3.43 -11.21
N PRO A 439 9.27 -2.31 -11.85
CA PRO A 439 10.65 -1.83 -11.74
C PRO A 439 10.93 -1.29 -10.35
N LEU A 440 12.11 -1.59 -9.80
CA LEU A 440 12.55 -0.93 -8.58
C LEU A 440 12.84 0.52 -8.95
N ARG A 441 13.32 0.70 -10.17
CA ARG A 441 13.66 2.00 -10.70
C ARG A 441 13.85 1.86 -12.20
N ARG A 442 13.75 2.97 -12.92
CA ARG A 442 14.01 2.96 -14.35
C ARG A 442 13.99 4.35 -14.94
N HIS A 443 14.76 4.55 -16.00
CA HIS A 443 14.69 5.77 -16.79
C HIS A 443 14.92 5.46 -18.26
N HIS A 444 14.10 6.06 -19.11
CA HIS A 444 14.25 5.91 -20.56
C HIS A 444 14.46 7.28 -21.17
N SER A 445 15.59 7.46 -21.85
CA SER A 445 15.96 8.77 -22.38
C SER A 445 15.82 8.87 -23.89
N ASP A 446 14.99 9.82 -24.34
CA ASP A 446 14.87 10.17 -25.75
C ASP A 446 15.48 11.55 -25.95
N LEU A 447 15.93 12.15 -24.86
CA LEU A 447 16.36 13.54 -24.84
C LEU A 447 17.87 13.69 -24.68
N TYR A 448 18.50 14.30 -25.69
CA TYR A 448 19.93 14.62 -25.63
C TYR A 448 20.83 13.38 -25.77
N SER A 449 20.50 12.34 -25.02
CA SER A 449 21.26 11.10 -25.08
C SER A 449 20.30 9.91 -25.06
N HIS A 450 20.59 8.89 -25.87
CA HIS A 450 19.71 7.73 -25.98
C HIS A 450 20.21 6.54 -25.17
N TYR A 451 19.61 6.34 -24.00
CA TYR A 451 20.00 5.24 -23.13
C TYR A 451 18.81 4.80 -22.30
N PHE A 452 18.84 3.54 -21.86
CA PHE A 452 17.88 3.04 -20.90
C PHE A 452 18.59 2.35 -19.76
N GLY A 453 18.15 2.66 -18.54
CA GLY A 453 18.69 2.01 -17.36
C GLY A 453 17.60 1.75 -16.34
N GLY A 454 17.48 0.50 -15.92
CA GLY A 454 16.47 0.14 -14.94
C GLY A 454 16.76 -1.19 -14.28
N LEU A 455 15.90 -1.56 -13.35
CA LEU A 455 16.09 -2.78 -12.57
C LEU A 455 14.75 -3.31 -12.09
N ALA A 456 14.42 -4.54 -12.48
CA ALA A 456 13.19 -5.17 -12.03
C ALA A 456 13.30 -5.53 -10.55
N GLU A 457 12.39 -5.01 -9.73
CA GLU A 457 12.45 -5.31 -8.30
C GLU A 457 12.12 -6.76 -7.98
N THR A 458 13.09 -7.46 -7.42
CA THR A 458 12.86 -8.74 -6.79
C THR A 458 12.96 -8.53 -5.28
N VAL A 459 12.17 -9.29 -4.52
CA VAL A 459 12.03 -9.03 -3.10
C VAL A 459 12.23 -10.31 -2.29
N LEU A 460 12.76 -10.18 -1.07
CA LEU A 460 12.98 -11.32 -0.19
C LEU A 460 11.95 -11.33 0.94
N VAL A 461 11.29 -12.46 1.14
CA VAL A 461 10.13 -12.51 2.03
C VAL A 461 10.18 -13.63 3.06
N VAL A 462 9.85 -13.29 4.31
CA VAL A 462 9.63 -14.28 5.35
C VAL A 462 8.20 -14.14 5.84
N ARG A 463 7.50 -15.26 6.00
CA ARG A 463 6.09 -15.20 6.38
C ARG A 463 5.63 -16.35 7.25
N SER A 464 4.75 -16.04 8.19
CA SER A 464 4.03 -17.06 8.95
C SER A 464 2.56 -16.64 8.99
N MET A 465 1.63 -17.51 9.36
CA MET A 465 0.26 -17.07 9.61
C MET A 465 -0.32 -17.61 10.88
N SER A 466 -1.11 -16.83 11.58
CA SER A 466 -1.76 -17.25 12.80
C SER A 466 -3.22 -17.39 12.65
N THR A 467 -3.76 -18.55 12.95
CA THR A 467 -5.19 -18.71 12.94
C THR A 467 -5.78 -18.69 14.33
N LEU A 468 -6.28 -17.56 14.72
CA LEU A 468 -6.92 -17.44 16.00
C LEU A 468 -8.36 -17.66 15.86
N LEU A 469 -8.79 -18.88 16.01
CA LEU A 469 -10.16 -19.22 15.84
C LEU A 469 -10.57 -18.87 14.47
N ASN A 470 -11.00 -17.33 14.34
CA ASN A 470 -11.54 -17.40 13.00
C ASN A 470 -10.57 -16.91 11.98
C14 T0I A 471 -10.69 -14.25 17.46
C15 T0I A 471 -10.13 -14.40 18.70
N11 T0I A 471 -9.12 -13.52 18.80
C12 T0I A 471 -9.03 -12.82 17.63
N13 T0I A 471 -10.01 -13.29 16.81
C5 T0I A 471 -10.27 -12.84 15.48
C6 T0I A 471 -9.58 -13.43 14.42
C4 T0I A 471 -11.22 -11.87 15.22
O4 T0I A 471 -11.93 -11.30 16.26
C3 T0I A 471 -11.48 -11.48 13.92
C2 T0I A 471 -10.79 -12.05 12.86
O2 T0I A 471 -11.06 -11.65 11.57
C1 T0I A 471 -9.84 -13.04 13.12
CB T0I A 471 -9.06 -13.65 12.02
CA T0I A 471 -9.31 -15.06 11.61
C T0I A 471 -7.97 -15.71 11.39
O T0I A 471 -7.41 -16.36 12.28
N T0I A 471 -10.14 -15.79 12.52
N ASP A 472 -7.46 -15.54 10.19
CA ASP A 472 -6.12 -15.97 9.83
C ASP A 472 -5.28 -14.73 9.56
N TYR A 473 -4.40 -14.40 10.50
CA TYR A 473 -3.50 -13.26 10.34
C TYR A 473 -2.29 -13.66 9.51
N VAL A 474 -2.03 -12.92 8.43
CA VAL A 474 -0.84 -13.14 7.62
C VAL A 474 0.23 -12.11 7.99
N TRP A 475 1.37 -12.59 8.46
CA TRP A 475 2.47 -11.72 8.88
C TRP A 475 3.61 -11.74 7.87
N ASP A 476 3.89 -10.58 7.28
CA ASP A 476 4.91 -10.48 6.24
C ASP A 476 6.11 -9.64 6.65
N THR A 477 7.31 -10.19 6.48
CA THR A 477 8.53 -9.40 6.57
C THR A 477 9.15 -9.38 5.18
N VAL A 478 9.28 -8.19 4.62
CA VAL A 478 9.72 -8.04 3.24
C VAL A 478 10.99 -7.22 3.12
N PHE A 479 12.01 -7.81 2.51
CA PHE A 479 13.31 -7.17 2.36
C PHE A 479 13.56 -6.68 0.95
N HIS A 480 13.58 -5.37 0.78
CA HIS A 480 13.78 -4.75 -0.53
C HIS A 480 15.26 -4.54 -0.85
N PRO A 481 15.61 -4.62 -2.14
CA PRO A 481 16.98 -4.42 -2.59
C PRO A 481 17.41 -2.96 -2.54
N SER A 482 16.50 -2.07 -2.18
CA SER A 482 16.83 -0.65 -2.08
C SER A 482 17.43 -0.35 -0.72
N GLY A 483 17.42 -1.35 0.16
CA GLY A 483 17.84 -1.18 1.54
C GLY A 483 16.66 -0.96 2.47
N ALA A 484 15.45 -1.12 1.95
CA ALA A 484 14.24 -0.86 2.73
C ALA A 484 13.63 -2.12 3.31
N ILE A 485 13.00 -1.98 4.47
CA ILE A 485 12.28 -3.09 5.10
C ILE A 485 10.79 -2.79 5.15
N GLU A 486 9.97 -3.77 4.79
CA GLU A 486 8.53 -3.62 4.82
C GLU A 486 7.90 -4.65 5.75
N ILE A 487 7.08 -4.18 6.68
CA ILE A 487 6.31 -5.09 7.53
C ILE A 487 4.82 -4.99 7.19
N ARG A 488 4.24 -6.11 6.78
CA ARG A 488 2.83 -6.14 6.42
C ARG A 488 2.04 -7.11 7.28
N PHE A 489 0.79 -6.76 7.52
CA PHE A 489 -0.12 -7.60 8.29
C PHE A 489 -1.46 -7.64 7.56
N TYR A 490 -1.80 -8.82 7.06
CA TYR A 490 -3.06 -9.04 6.34
C TYR A 490 -4.01 -9.88 7.18
N ALA A 491 -5.24 -9.43 7.32
CA ALA A 491 -6.25 -10.19 8.04
C ALA A 491 -7.22 -10.88 7.09
N THR A 492 -7.18 -12.20 7.06
CA THR A 492 -8.10 -12.99 6.25
C THR A 492 -8.79 -14.05 7.12
N GLY A 493 -9.45 -15.03 6.50
CA GLY A 493 -10.19 -16.03 7.25
C GLY A 493 -11.65 -15.66 7.46
N TYR A 494 -12.26 -16.23 8.50
CA TYR A 494 -13.67 -15.99 8.79
C TYR A 494 -13.91 -14.80 9.70
N ILE A 495 -15.07 -14.17 9.54
CA ILE A 495 -15.51 -13.13 10.48
C ILE A 495 -16.17 -13.77 11.69
N SER A 496 -16.33 -12.99 12.76
CA SER A 496 -17.24 -13.36 13.83
C SER A 496 -18.62 -12.90 13.42
N SER A 497 -19.63 -13.70 13.72
CA SER A 497 -20.99 -13.28 13.44
C SER A 497 -21.86 -13.38 14.68
N ALA A 498 -22.97 -12.66 14.67
CA ALA A 498 -23.97 -12.74 15.71
C ALA A 498 -25.28 -13.18 15.08
N PHE A 499 -26.25 -13.59 15.88
CA PHE A 499 -27.54 -13.95 15.31
C PHE A 499 -28.29 -12.67 14.93
N LEU A 500 -28.82 -12.66 13.72
CA LEU A 500 -29.52 -11.49 13.22
C LEU A 500 -30.91 -11.37 13.83
N PHE A 501 -31.05 -10.43 14.76
CA PHE A 501 -32.34 -10.20 15.39
C PHE A 501 -32.41 -8.80 15.98
N GLY A 502 -33.48 -8.07 15.64
CA GLY A 502 -33.67 -6.74 16.18
C GLY A 502 -33.25 -5.63 15.25
N ALA A 503 -32.86 -4.49 15.82
CA ALA A 503 -32.41 -3.34 15.05
C ALA A 503 -30.89 -3.34 14.91
N THR A 504 -30.40 -4.13 13.97
CA THR A 504 -28.96 -4.36 13.82
C THR A 504 -28.25 -3.27 13.00
N GLY A 505 -29.01 -2.26 12.59
CA GLY A 505 -28.47 -1.22 11.74
C GLY A 505 -27.23 -0.52 12.27
N LYS A 506 -27.10 -0.47 13.59
CA LYS A 506 -26.01 0.27 14.20
C LYS A 506 -24.78 -0.57 14.55
N TYR A 507 -24.84 -1.87 14.30
CA TYR A 507 -23.77 -2.76 14.73
C TYR A 507 -23.24 -3.69 13.64
N GLY A 508 -23.59 -3.42 12.39
CA GLY A 508 -23.12 -4.23 11.29
C GLY A 508 -24.14 -4.45 10.18
N ASN A 509 -23.77 -5.24 9.19
CA ASN A 509 -24.63 -5.52 8.06
C ASN A 509 -25.11 -6.96 8.07
N GLN A 510 -26.33 -7.19 7.60
CA GLN A 510 -26.78 -8.55 7.38
C GLN A 510 -25.95 -9.12 6.25
N VAL A 511 -25.26 -10.22 6.52
CA VAL A 511 -24.24 -10.70 5.61
C VAL A 511 -24.57 -12.10 5.10
N SER A 512 -25.65 -12.66 5.64
CA SER A 512 -26.20 -13.94 5.20
C SER A 512 -27.57 -14.04 5.82
N GLU A 513 -28.30 -15.12 5.57
CA GLU A 513 -29.58 -15.29 6.25
C GLU A 513 -29.30 -15.57 7.73
N HIS A 514 -29.92 -14.77 8.60
CA HIS A 514 -29.77 -14.93 10.04
C HIS A 514 -28.42 -14.48 10.58
N THR A 515 -27.56 -13.96 9.70
CA THR A 515 -26.19 -13.64 10.12
C THR A 515 -25.90 -12.14 10.15
N LEU A 516 -25.46 -11.65 11.31
CA LEU A 516 -25.01 -10.27 11.42
C LEU A 516 -23.48 -10.17 11.43
N GLY A 517 -22.92 -9.45 10.48
CA GLY A 517 -21.50 -9.17 10.47
C GLY A 517 -21.22 -8.00 11.40
N THR A 518 -20.79 -8.33 12.61
CA THR A 518 -20.59 -7.32 13.65
C THR A 518 -19.42 -6.38 13.39
N VAL A 519 -19.65 -5.08 13.54
CA VAL A 519 -18.62 -4.07 13.34
C VAL A 519 -17.49 -4.25 14.35
N HIS A 520 -16.26 -4.00 13.91
CA HIS A 520 -15.10 -4.11 14.78
C HIS A 520 -13.88 -3.42 14.21
N THR A 521 -12.83 -3.27 15.00
CA THR A 521 -11.55 -2.79 14.51
C THR A 521 -10.47 -3.81 14.77
N HIS A 522 -9.49 -3.89 13.89
CA HIS A 522 -8.34 -4.74 14.09
C HIS A 522 -7.17 -3.81 14.26
N SER A 523 -6.28 -4.04 15.22
CA SER A 523 -5.00 -3.36 15.27
C SER A 523 -3.88 -4.29 15.64
N ALA A 524 -2.68 -4.01 15.17
CA ALA A 524 -1.49 -4.72 15.62
C ALA A 524 -0.39 -3.79 16.02
N HIS A 525 0.45 -4.20 16.95
CA HIS A 525 1.51 -3.37 17.49
C HIS A 525 2.86 -3.99 17.17
N PHE A 526 3.80 -3.15 16.74
CA PHE A 526 5.11 -3.63 16.33
C PHE A 526 6.23 -2.93 17.08
N LYS A 527 7.25 -3.70 17.43
CA LYS A 527 8.44 -3.19 18.08
C LYS A 527 9.53 -3.06 17.04
N VAL A 528 10.02 -1.85 16.83
CA VAL A 528 11.05 -1.59 15.83
C VAL A 528 12.34 -1.08 16.46
N ASP A 529 13.28 -1.98 16.70
CA ASP A 529 14.53 -1.66 17.36
C ASP A 529 15.62 -1.31 16.33
N LEU A 530 15.58 -0.10 15.87
CA LEU A 530 16.52 0.35 14.92
C LEU A 530 17.70 0.81 15.66
N ASP A 531 18.83 0.69 14.98
CA ASP A 531 20.09 0.97 15.56
C ASP A 531 20.87 1.53 14.44
N VAL A 532 20.34 2.58 13.89
CA VAL A 532 20.91 3.29 12.78
C VAL A 532 22.33 3.67 13.06
N ALA A 533 23.23 3.04 12.34
CA ALA A 533 24.66 3.34 12.40
C ALA A 533 25.16 3.39 13.85
N GLY A 534 24.79 2.38 14.62
CA GLY A 534 25.14 2.34 16.03
C GLY A 534 23.90 2.48 16.90
N LEU A 535 24.09 2.45 18.22
CA LEU A 535 22.97 2.49 19.16
C LEU A 535 22.45 3.90 19.41
N GLU A 536 23.32 4.87 19.46
CA GLU A 536 22.90 6.18 19.84
C GLU A 536 22.16 6.81 18.73
N ASN A 537 20.84 6.89 18.80
CA ASN A 537 20.04 7.50 17.75
C ASN A 537 19.29 8.69 18.25
N TRP A 538 18.91 9.58 17.34
CA TRP A 538 18.03 10.72 17.59
C TRP A 538 16.83 10.66 16.67
N VAL A 539 15.73 11.30 17.00
CA VAL A 539 14.60 11.24 16.07
C VAL A 539 14.31 12.62 15.49
N TRP A 540 14.22 12.66 14.16
CA TRP A 540 13.96 13.90 13.44
C TRP A 540 12.55 13.91 12.87
N ALA A 541 11.96 15.10 12.81
CA ALA A 541 10.67 15.29 12.18
C ALA A 541 10.79 16.35 11.10
N GLU A 542 10.79 15.92 9.84
CA GLU A 542 10.87 16.84 8.73
C GLU A 542 9.52 16.93 8.00
N ASP A 543 9.17 18.13 7.58
CA ASP A 543 7.89 18.36 6.91
C ASP A 543 8.03 19.55 5.97
N MET A 544 6.91 20.17 5.63
CA MET A 544 6.92 21.25 4.65
C MET A 544 6.07 22.43 5.09
N VAL A 545 6.30 23.58 4.47
CA VAL A 545 5.54 24.78 4.74
C VAL A 545 5.64 25.74 3.55
N PHE A 546 4.59 26.52 3.33
CA PHE A 546 4.63 27.57 2.33
C PHE A 546 4.76 28.94 3.00
N VAL A 547 5.75 29.71 2.56
CA VAL A 547 5.99 31.03 3.12
C VAL A 547 5.87 32.08 2.02
N PRO A 548 4.80 32.89 2.06
CA PRO A 548 4.60 33.92 1.03
C PRO A 548 5.68 35.00 1.13
N MET A 549 6.36 35.26 0.01
CA MET A 549 7.36 36.32 -0.04
C MET A 549 7.49 36.86 -1.45
N ALA A 550 8.06 38.05 -1.57
CA ALA A 550 8.21 38.70 -2.87
C ALA A 550 9.10 37.91 -3.81
N VAL A 551 8.82 38.00 -5.10
CA VAL A 551 9.66 37.40 -6.12
C VAL A 551 10.90 38.28 -6.28
N PRO A 552 12.09 37.71 -6.01
CA PRO A 552 13.36 38.43 -6.02
C PRO A 552 13.57 39.32 -7.26
N TRP A 553 13.30 38.77 -8.42
CA TRP A 553 13.53 39.47 -9.65
C TRP A 553 12.32 40.20 -10.18
N SER A 554 11.29 40.29 -9.38
CA SER A 554 10.16 41.14 -9.68
C SER A 554 9.32 41.37 -8.48
N PRO A 555 9.75 42.27 -7.63
CA PRO A 555 9.32 42.34 -6.25
C PRO A 555 7.94 42.83 -6.02
N GLU A 556 7.30 43.33 -7.04
CA GLU A 556 5.88 43.69 -6.95
C GLU A 556 5.03 42.44 -6.89
N HIS A 557 5.62 41.33 -7.34
CA HIS A 557 4.92 40.05 -7.39
C HIS A 557 5.19 39.17 -6.18
N GLN A 558 4.20 38.35 -5.84
CA GLN A 558 4.33 37.41 -4.73
C GLN A 558 4.55 36.00 -5.24
N LEU A 559 4.99 35.10 -4.36
CA LEU A 559 5.13 33.69 -4.69
C LEU A 559 5.11 32.84 -3.43
N GLN A 560 4.24 31.84 -3.39
CA GLN A 560 4.21 30.92 -2.26
C GLN A 560 5.46 30.04 -2.30
N ARG A 561 6.33 30.24 -1.32
CA ARG A 561 7.66 29.64 -1.34
C ARG A 561 7.76 28.36 -0.53
N LEU A 562 7.97 27.25 -1.22
CA LEU A 562 8.03 25.94 -0.57
C LEU A 562 9.31 25.78 0.23
N GLN A 563 9.16 25.33 1.48
CA GLN A 563 10.30 25.14 2.39
C GLN A 563 10.20 23.85 3.19
N VAL A 564 11.35 23.23 3.45
CA VAL A 564 11.43 22.10 4.36
C VAL A 564 11.52 22.60 5.80
N THR A 565 10.95 21.85 6.73
CA THR A 565 11.07 22.17 8.15
C THR A 565 11.59 20.97 8.93
N ARG A 566 12.73 21.15 9.59
CA ARG A 566 13.29 20.09 10.40
C ARG A 566 13.16 20.45 11.87
N LYS A 567 13.00 19.42 12.71
CA LYS A 567 12.81 19.62 14.14
C LYS A 567 13.30 18.40 14.89
N LEU A 568 14.26 18.58 15.79
CA LEU A 568 14.73 17.47 16.60
C LEU A 568 13.72 17.19 17.72
N LEU A 569 13.38 15.92 17.90
CA LEU A 569 12.48 15.52 18.97
C LEU A 569 13.30 14.92 20.11
N GLU A 570 13.38 15.64 21.22
CA GLU A 570 14.34 15.32 22.27
C GLU A 570 13.75 14.57 23.46
N MET A 571 12.43 14.62 23.62
CA MET A 571 11.78 13.93 24.74
C MET A 571 10.76 12.90 24.27
N GLU A 572 10.71 11.77 24.96
CA GLU A 572 9.79 10.69 24.60
C GLU A 572 8.40 11.19 24.19
N GLU A 573 7.87 12.14 24.95
CA GLU A 573 6.52 12.66 24.70
C GLU A 573 6.41 13.40 23.37
N GLN A 574 7.52 13.96 22.90
CA GLN A 574 7.53 14.69 21.64
C GLN A 574 7.40 13.74 20.45
N ALA A 575 7.84 12.50 20.63
CA ALA A 575 7.81 11.49 19.59
C ALA A 575 6.70 10.48 19.82
N ALA A 576 5.77 10.84 20.69
CA ALA A 576 4.55 10.05 20.86
C ALA A 576 3.44 10.71 20.09
N PHE A 577 2.95 10.04 19.07
CA PHE A 577 1.93 10.57 18.21
C PHE A 577 0.70 9.75 18.35
N LEU A 578 -0.43 10.41 18.45
CA LEU A 578 -1.66 9.74 18.73
C LEU A 578 -2.50 9.52 17.52
N VAL A 579 -3.33 8.52 17.58
CA VAL A 579 -4.18 8.24 16.49
C VAL A 579 -5.09 9.39 16.47
N GLY A 580 -5.37 9.93 15.32
CA GLY A 580 -6.28 11.03 15.27
C GLY A 580 -5.61 12.30 14.91
N SER A 581 -4.52 12.59 15.58
CA SER A 581 -3.77 13.80 15.31
C SER A 581 -2.71 13.56 14.24
N ALA A 582 -2.32 14.62 13.54
CA ALA A 582 -1.40 14.50 12.41
C ALA A 582 0.05 14.27 12.86
N THR A 583 0.77 13.51 12.05
CA THR A 583 2.18 13.24 12.30
C THR A 583 3.01 13.87 11.19
N PRO A 584 4.29 14.18 11.46
CA PRO A 584 5.10 14.81 10.42
C PRO A 584 5.29 13.88 9.21
N ARG A 585 5.37 14.46 8.02
CA ARG A 585 5.45 13.67 6.79
C ARG A 585 6.75 12.87 6.66
N TYR A 586 7.85 13.44 7.16
CA TYR A 586 9.11 12.71 7.24
C TYR A 586 9.48 12.52 8.71
N LEU A 587 9.59 11.27 9.14
CA LEU A 587 10.01 10.97 10.49
C LEU A 587 11.00 9.81 10.52
N TYR A 588 12.18 10.05 11.07
CA TYR A 588 13.24 9.04 11.06
C TYR A 588 14.14 9.06 12.28
N LEU A 589 14.78 7.92 12.55
CA LEU A 589 15.82 7.83 13.57
C LEU A 589 17.18 8.01 12.92
N ALA A 590 17.99 8.90 13.48
CA ALA A 590 19.30 9.20 12.91
C ALA A 590 20.44 8.88 13.86
N SER A 591 21.65 8.76 13.30
CA SER A 591 22.86 8.76 14.09
C SER A 591 23.40 10.18 14.04
N ASN A 592 24.39 10.48 14.78
CA ASN A 592 25.08 11.78 14.68
C ASN A 592 26.08 11.73 13.52
N HIS A 593 26.48 10.52 13.15
CA HIS A 593 27.29 10.30 11.96
C HIS A 593 26.56 10.78 10.71
N SER A 594 27.29 11.22 9.71
CA SER A 594 26.69 11.67 8.46
C SER A 594 27.11 10.82 7.28
N ASN A 595 26.33 10.86 6.21
CA ASN A 595 26.71 10.25 4.95
C ASN A 595 27.69 11.17 4.23
N LYS A 596 28.26 10.70 3.13
CA LYS A 596 29.26 11.46 2.38
C LYS A 596 28.89 12.93 2.19
N TRP A 597 27.60 13.24 2.14
CA TRP A 597 27.16 14.59 1.79
C TRP A 597 26.76 15.44 3.01
N GLY A 598 27.03 14.92 4.20
CA GLY A 598 26.90 15.71 5.40
C GLY A 598 25.51 15.76 6.00
N HIS A 599 24.69 14.77 5.70
CA HIS A 599 23.36 14.68 6.29
C HIS A 599 23.31 13.53 7.28
N PRO A 600 22.52 13.69 8.35
CA PRO A 600 22.46 12.64 9.37
C PRO A 600 22.05 11.32 8.73
N ARG A 601 22.82 10.27 8.97
CA ARG A 601 22.45 8.95 8.51
C ARG A 601 21.17 8.56 9.22
N GLY A 602 20.11 8.30 8.45
CA GLY A 602 18.82 8.03 9.05
C GLY A 602 18.05 6.90 8.42
N TYR A 603 17.12 6.35 9.20
CA TYR A 603 16.13 5.43 8.67
C TYR A 603 14.74 5.93 9.01
N ARG A 604 13.92 6.07 7.98
CA ARG A 604 12.63 6.72 8.08
C ARG A 604 11.50 5.71 8.27
N ILE A 605 10.57 6.04 9.17
CA ILE A 605 9.41 5.19 9.42
C ILE A 605 8.19 5.72 8.69
N GLN A 606 7.69 4.94 7.73
CA GLN A 606 6.52 5.32 6.96
C GLN A 606 5.38 4.34 7.19
N MET A 607 4.27 4.84 7.72
CA MET A 607 3.19 3.98 8.18
C MET A 607 2.09 3.77 7.14
N LEU A 608 1.64 2.52 7.01
CA LEU A 608 0.47 2.19 6.21
C LEU A 608 -0.64 1.77 7.14
N SER A 609 -1.47 2.74 7.56
CA SER A 609 -2.55 2.45 8.49
C SER A 609 -3.80 3.25 8.16
N PHE A 610 -4.96 2.63 8.38
CA PHE A 610 -6.24 3.32 8.27
C PHE A 610 -6.89 3.22 9.63
N ALA A 611 -6.06 3.37 10.67
CA ALA A 611 -6.47 3.10 12.05
C ALA A 611 -7.85 3.64 12.38
N GLY A 612 -8.71 2.76 12.86
CA GLY A 612 -10.01 3.17 13.36
C GLY A 612 -9.89 3.81 14.74
N GLU A 613 -10.93 4.52 15.15
CA GLU A 613 -10.95 5.18 16.45
C GLU A 613 -10.66 4.19 17.58
N PRO A 614 -9.63 4.49 18.38
CA PRO A 614 -9.23 3.63 19.50
C PRO A 614 -10.27 3.59 20.62
N LEU A 615 -10.35 2.48 21.33
CA LEU A 615 -11.22 2.37 22.48
C LEU A 615 -10.98 3.54 23.42
N PRO A 616 -12.05 4.28 23.77
CA PRO A 616 -12.00 5.47 24.61
C PRO A 616 -11.16 5.28 25.88
N GLN A 617 -10.43 6.32 26.24
CA GLN A 617 -9.55 6.28 27.41
C GLN A 617 -10.33 6.05 28.70
N ASN A 618 -11.57 6.54 28.73
CA ASN A 618 -12.42 6.42 29.91
C ASN A 618 -12.74 4.98 30.30
N SER A 619 -12.60 4.06 29.35
CA SER A 619 -12.87 2.65 29.62
C SER A 619 -11.94 2.08 30.68
N SER A 620 -12.50 1.39 31.65
CA SER A 620 -11.72 0.85 32.76
C SER A 620 -10.73 -0.22 32.31
N MET A 621 -10.85 -0.67 31.07
CA MET A 621 -10.01 -1.76 30.57
C MET A 621 -9.02 -1.28 29.52
N ALA A 622 -9.18 -0.04 29.08
CA ALA A 622 -8.39 0.50 27.97
C ALA A 622 -6.88 0.41 28.17
N ARG A 623 -6.43 0.20 29.41
CA ARG A 623 -5.00 0.18 29.69
C ARG A 623 -4.36 -1.21 29.54
N GLY A 624 -5.14 -2.17 29.05
CA GLY A 624 -4.61 -3.47 28.70
C GLY A 624 -4.07 -3.47 27.28
N PHE A 625 -4.31 -2.36 26.59
CA PHE A 625 -3.80 -2.16 25.24
C PHE A 625 -3.66 -0.67 24.94
N SER A 626 -2.95 0.03 25.82
CA SER A 626 -2.80 1.48 25.71
C SER A 626 -2.02 1.89 24.47
N TRP A 627 -1.38 0.91 23.82
CA TRP A 627 -0.62 1.19 22.61
C TRP A 627 -1.54 1.53 21.44
N GLU A 628 -2.80 1.11 21.55
CA GLU A 628 -3.77 1.33 20.48
C GLU A 628 -4.10 2.81 20.30
N ARG A 629 -3.68 3.63 21.26
CA ARG A 629 -3.98 5.06 21.21
C ARG A 629 -2.94 5.80 20.38
N TYR A 630 -1.85 5.11 20.07
CA TYR A 630 -0.72 5.73 19.41
C TYR A 630 -0.51 5.24 17.98
N GLN A 631 -0.32 6.16 17.05
CA GLN A 631 0.11 5.80 15.71
C GLN A 631 1.51 5.27 15.82
N LEU A 632 2.39 6.12 16.34
CA LEU A 632 3.80 5.82 16.48
C LEU A 632 4.32 6.41 17.79
N ALA A 633 5.29 5.73 18.38
CA ALA A 633 5.93 6.22 19.59
C ALA A 633 7.38 5.78 19.61
N VAL A 634 8.24 6.59 20.22
CA VAL A 634 9.66 6.26 20.33
C VAL A 634 10.13 6.45 21.76
N THR A 635 10.91 5.49 22.26
CA THR A 635 11.35 5.50 23.65
C THR A 635 12.80 5.03 23.80
N GLN A 636 13.34 5.17 25.00
CA GLN A 636 14.61 4.56 25.34
C GLN A 636 14.38 3.06 25.46
N ARG A 637 15.15 2.27 24.72
CA ARG A 637 15.06 0.83 24.86
C ARG A 637 15.59 0.41 26.21
N LYS A 638 14.76 -0.30 26.97
CA LYS A 638 15.15 -0.80 28.28
C LYS A 638 14.98 -2.31 28.35
N GLU A 639 15.88 -2.97 29.07
CA GLU A 639 15.81 -4.40 29.27
C GLU A 639 14.54 -4.77 30.04
N GLU A 640 14.10 -3.83 30.87
CA GLU A 640 12.92 -4.04 31.71
C GLU A 640 11.62 -3.73 30.96
N GLU A 641 11.75 -3.11 29.79
CA GLU A 641 10.59 -2.87 28.92
C GLU A 641 10.74 -3.69 27.64
N PRO A 642 10.65 -5.03 27.76
CA PRO A 642 10.89 -5.94 26.63
C PRO A 642 9.74 -5.93 25.61
N SER A 643 8.50 -6.06 26.08
CA SER A 643 7.34 -6.05 25.19
C SER A 643 6.27 -5.08 25.66
N SER A 644 5.37 -4.70 24.75
CA SER A 644 4.37 -3.68 25.04
C SER A 644 3.03 -4.29 25.44
N SER A 645 2.95 -5.61 25.43
CA SER A 645 1.77 -6.30 25.94
C SER A 645 2.23 -7.52 26.71
N SER A 646 1.32 -8.47 26.91
CA SER A 646 1.66 -9.68 27.66
C SER A 646 0.53 -10.69 27.58
N VAL A 647 0.90 -11.97 27.63
CA VAL A 647 -0.07 -13.05 27.60
C VAL A 647 -1.07 -12.92 28.75
N PHE A 648 -0.75 -12.06 29.71
CA PHE A 648 -1.57 -11.94 30.92
C PHE A 648 -2.53 -10.75 30.92
N ASN A 649 -2.52 -9.95 29.85
CA ASN A 649 -3.44 -8.82 29.75
C ASN A 649 -4.85 -9.26 29.35
N GLN A 650 -4.93 -10.18 28.41
CA GLN A 650 -6.21 -10.66 27.89
C GLN A 650 -7.23 -10.90 29.00
N ASN A 651 -6.81 -11.61 30.04
CA ASN A 651 -7.75 -12.07 31.07
C ASN A 651 -7.93 -11.13 32.26
N ASP A 652 -7.19 -10.02 32.27
CA ASP A 652 -7.39 -8.99 33.29
C ASP A 652 -6.81 -7.65 32.85
N PRO A 653 -7.42 -7.02 31.83
CA PRO A 653 -6.98 -5.72 31.29
C PRO A 653 -7.23 -4.57 32.25
N TRP A 654 -8.03 -4.81 33.29
CA TRP A 654 -8.35 -3.79 34.27
C TRP A 654 -7.16 -3.60 35.21
N ALA A 655 -6.44 -4.70 35.43
CA ALA A 655 -5.17 -4.68 36.14
C ALA A 655 -4.09 -5.21 35.19
N PRO A 656 -3.67 -4.36 34.24
CA PRO A 656 -2.74 -4.77 33.17
C PRO A 656 -1.39 -5.25 33.69
N THR A 657 -0.93 -6.37 33.17
CA THR A 657 0.37 -6.92 33.57
C THR A 657 1.50 -6.09 32.97
N VAL A 658 1.21 -5.46 31.83
CA VAL A 658 2.07 -4.40 31.32
C VAL A 658 1.20 -3.33 30.64
N ASP A 659 1.54 -2.08 30.88
CA ASP A 659 0.80 -0.95 30.35
C ASP A 659 1.74 -0.11 29.49
N PHE A 660 1.63 -0.25 28.17
CA PHE A 660 2.55 0.39 27.25
C PHE A 660 2.80 1.87 27.54
N SER A 661 1.77 2.59 27.97
CA SER A 661 1.90 4.03 28.19
C SER A 661 2.95 4.33 29.26
N ASP A 662 3.23 3.35 30.11
CA ASP A 662 4.27 3.48 31.12
C ASP A 662 5.63 3.76 30.52
N PHE A 663 5.84 3.29 29.29
CA PHE A 663 7.14 3.45 28.62
C PHE A 663 7.40 4.91 28.30
N ILE A 664 6.34 5.67 28.04
CA ILE A 664 6.49 7.09 27.73
C ILE A 664 6.44 7.90 29.03
N ASN A 665 7.62 8.25 29.54
CA ASN A 665 7.74 8.88 30.86
C ASN A 665 8.80 9.97 30.95
N ASN A 666 8.69 11.01 30.15
CA ASN A 666 9.57 12.15 30.27
C ASN A 666 11.01 11.85 30.28
N GLU A 667 11.47 10.96 29.44
CA GLU A 667 12.90 10.68 29.33
C GLU A 667 13.44 11.28 28.05
N THR A 668 14.76 11.39 27.96
CA THR A 668 15.38 11.92 26.75
C THR A 668 15.45 10.83 25.69
N ILE A 669 15.30 11.23 24.44
CA ILE A 669 15.52 10.33 23.32
C ILE A 669 16.55 10.94 22.40
N ALA A 670 17.35 11.85 22.95
CA ALA A 670 18.42 12.51 22.21
C ALA A 670 19.76 11.83 22.49
N GLY A 671 20.19 10.97 21.58
CA GLY A 671 21.47 10.30 21.69
C GLY A 671 21.47 9.06 22.56
N LYS A 672 20.37 8.34 22.54
CA LYS A 672 20.31 7.07 23.21
C LYS A 672 20.03 5.93 22.29
N ASP A 673 19.87 4.76 22.88
CA ASP A 673 19.47 3.60 22.12
C ASP A 673 18.02 3.58 22.17
N LEU A 674 17.40 3.87 21.04
CA LEU A 674 15.98 3.93 20.95
C LEU A 674 15.39 2.75 20.28
N VAL A 675 14.09 2.70 20.42
CA VAL A 675 13.22 1.68 19.93
C VAL A 675 11.91 2.34 19.55
N ALA A 676 11.42 2.11 18.35
CA ALA A 676 10.18 2.67 17.84
C ALA A 676 9.04 1.67 17.98
N TRP A 677 7.83 2.18 18.26
CA TRP A 677 6.66 1.34 18.38
C TRP A 677 5.60 1.81 17.38
N VAL A 678 5.21 0.93 16.47
CA VAL A 678 4.26 1.28 15.42
C VAL A 678 2.93 0.53 15.56
N THR A 679 1.84 1.27 15.39
CA THR A 679 0.50 0.67 15.43
C THR A 679 -0.17 0.78 14.07
N ALA A 680 -0.80 -0.29 13.64
CA ALA A 680 -1.46 -0.32 12.36
C ALA A 680 -2.83 -0.95 12.45
N GLY A 681 -3.84 -0.38 11.81
CA GLY A 681 -5.14 -0.97 11.88
C GLY A 681 -6.12 -0.53 10.86
N PHE A 682 -7.38 -0.81 11.09
CA PHE A 682 -8.45 -0.47 10.21
C PHE A 682 -9.75 -0.76 10.88
N LEU A 683 -10.81 -0.16 10.40
CA LEU A 683 -12.14 -0.51 10.81
C LEU A 683 -12.74 -1.47 9.83
N HIS A 684 -13.67 -2.24 10.32
CA HIS A 684 -14.24 -3.27 9.53
C HIS A 684 -15.69 -3.39 9.83
N ILE A 685 -16.51 -2.97 8.90
CA ILE A 685 -17.93 -3.20 8.85
C ILE A 685 -18.12 -4.24 7.81
N PRO A 686 -18.62 -5.40 8.18
CA PRO A 686 -18.66 -6.50 7.25
C PRO A 686 -19.71 -6.43 6.19
N HIS A 687 -19.41 -6.96 5.03
CA HIS A 687 -20.31 -6.96 3.94
C HIS A 687 -20.36 -8.30 3.38
N ALA A 688 -21.20 -8.46 2.41
CA ALA A 688 -21.43 -9.75 1.75
C ALA A 688 -20.14 -10.36 1.19
N GLU A 689 -19.27 -9.51 0.66
CA GLU A 689 -18.04 -9.99 0.02
C GLU A 689 -17.06 -10.57 1.03
N ASP A 690 -17.48 -10.62 2.29
CA ASP A 690 -16.68 -11.27 3.33
C ASP A 690 -17.13 -12.71 3.55
N ILE A 691 -18.22 -13.10 2.91
CA ILE A 691 -18.69 -14.48 3.01
C ILE A 691 -17.79 -15.38 2.16
N PRO A 692 -17.74 -16.67 2.48
CA PRO A 692 -16.55 -17.44 2.83
C PRO A 692 -15.65 -16.61 3.74
N ASN A 693 -14.59 -16.01 3.21
CA ASN A 693 -13.65 -15.26 4.03
C ASN A 693 -13.56 -13.79 3.65
N THR A 694 -12.89 -13.03 4.51
CA THR A 694 -12.49 -11.68 4.15
C THR A 694 -11.24 -11.80 3.28
N VAL A 695 -11.16 -11.00 2.23
CA VAL A 695 -10.02 -11.06 1.33
C VAL A 695 -8.93 -10.07 1.75
N THR A 696 -7.70 -10.34 1.32
CA THR A 696 -6.54 -9.54 1.70
C THR A 696 -6.51 -8.18 1.00
N VAL A 697 -7.14 -8.09 -0.16
CA VAL A 697 -7.10 -6.88 -0.98
C VAL A 697 -7.51 -5.62 -0.22
N GLY A 698 -6.58 -4.70 -0.04
CA GLY A 698 -6.86 -3.43 0.58
C GLY A 698 -6.65 -3.42 2.09
N ASN A 699 -6.60 -4.57 2.69
CA ASN A 699 -6.47 -4.64 4.12
C ASN A 699 -5.11 -4.91 4.62
N GLY A 700 -4.13 -4.63 3.80
CA GLY A 700 -2.74 -4.71 4.21
C GLY A 700 -2.32 -3.47 4.95
N VAL A 701 -1.90 -3.66 6.20
CA VAL A 701 -1.39 -2.54 7.01
C VAL A 701 0.01 -2.86 7.50
N GLY A 702 0.70 -1.84 8.00
CA GLY A 702 2.05 -2.00 8.46
C GLY A 702 2.88 -0.75 8.23
N PHE A 703 4.14 -0.94 7.83
CA PHE A 703 5.03 0.20 7.67
C PHE A 703 6.27 -0.12 6.83
N PHE A 704 6.88 0.93 6.30
CA PHE A 704 8.15 0.83 5.61
C PHE A 704 9.24 1.45 6.47
N LEU A 705 10.39 0.80 6.52
CA LEU A 705 11.59 1.43 7.03
C LEU A 705 12.46 1.75 5.82
N ARG A 706 12.45 3.02 5.41
CA ARG A 706 13.18 3.45 4.23
C ARG A 706 14.47 4.17 4.61
N PRO A 707 15.59 3.81 3.96
CA PRO A 707 16.82 4.54 4.22
C PRO A 707 16.65 6.00 3.82
N TYR A 708 17.19 6.91 4.63
CA TYR A 708 17.08 8.34 4.37
C TYR A 708 18.41 9.03 4.65
N ASN A 709 19.24 9.11 3.62
CA ASN A 709 20.60 9.64 3.75
C ASN A 709 21.49 8.71 4.56
N PHE A 710 21.03 7.48 4.75
CA PHE A 710 21.82 6.45 5.39
C PHE A 710 23.01 6.09 4.49
N PHE A 711 22.73 5.87 3.22
CA PHE A 711 23.77 5.56 2.24
C PHE A 711 24.27 6.82 1.55
N ASP A 712 25.29 6.68 0.71
CA ASP A 712 25.82 7.80 -0.06
C ASP A 712 25.16 7.87 -1.43
N GLU A 713 24.61 6.73 -1.84
CA GLU A 713 23.87 6.64 -3.09
C GLU A 713 23.01 5.39 -3.00
N ASP A 714 22.01 5.28 -3.88
CA ASP A 714 21.14 4.10 -3.88
C ASP A 714 21.94 2.81 -4.12
N PRO A 715 22.03 1.96 -3.09
CA PRO A 715 22.79 0.71 -3.18
C PRO A 715 22.47 -0.11 -4.42
N SER A 716 21.23 -0.01 -4.92
CA SER A 716 20.83 -0.84 -6.06
C SER A 716 21.57 -0.45 -7.34
N PHE A 717 22.34 0.64 -7.27
CA PHE A 717 23.20 1.04 -8.38
C PHE A 717 24.24 -0.04 -8.64
N TYR A 718 24.65 -0.72 -7.58
CA TYR A 718 25.67 -1.77 -7.67
C TYR A 718 25.02 -3.14 -7.79
N SER A 719 23.79 -3.18 -8.28
CA SER A 719 23.03 -4.42 -8.38
C SER A 719 23.59 -5.34 -9.46
N ALA A 720 23.60 -6.64 -9.18
CA ALA A 720 24.07 -7.63 -10.15
C ALA A 720 22.97 -7.97 -11.14
N ASP A 721 21.84 -7.29 -11.03
CA ASP A 721 20.69 -7.59 -11.88
C ASP A 721 20.22 -6.39 -12.67
N SER A 722 20.91 -5.26 -12.54
CA SER A 722 20.51 -4.04 -13.22
C SER A 722 20.73 -4.17 -14.73
N ILE A 723 19.91 -3.48 -15.50
CA ILE A 723 19.99 -3.54 -16.96
C ILE A 723 20.29 -2.15 -17.54
N TYR A 724 21.20 -2.09 -18.51
CA TYR A 724 21.56 -0.82 -19.13
C TYR A 724 22.07 -0.97 -20.56
N PHE A 725 21.61 -0.08 -21.44
CA PHE A 725 22.08 -0.02 -22.81
C PHE A 725 21.83 1.34 -23.44
N ARG A 726 22.71 1.74 -24.33
CA ARG A 726 22.55 2.98 -25.09
C ARG A 726 21.85 2.70 -26.41
N GLY A 727 21.46 3.76 -27.10
CA GLY A 727 20.82 3.64 -28.40
C GLY A 727 21.73 2.97 -29.41
N ASP A 728 23.01 3.30 -29.34
CA ASP A 728 24.00 2.79 -30.29
C ASP A 728 24.54 1.40 -29.91
N GLN A 729 23.80 0.68 -29.09
CA GLN A 729 24.19 -0.68 -28.73
C GLN A 729 23.13 -1.69 -29.18
N ASP A 730 23.58 -2.91 -29.44
CA ASP A 730 22.66 -3.99 -29.81
C ASP A 730 22.00 -4.53 -28.56
N ALA A 731 20.85 -3.96 -28.20
CA ALA A 731 20.17 -4.31 -26.96
C ALA A 731 19.73 -5.78 -26.92
N GLY A 732 19.86 -6.47 -28.05
CA GLY A 732 19.52 -7.87 -28.13
C GLY A 732 20.77 -8.75 -28.07
N ALA A 733 21.88 -8.15 -27.63
CA ALA A 733 23.15 -8.86 -27.54
C ALA A 733 23.42 -9.34 -26.13
N CYS A 734 23.71 -10.59 -25.89
CA CYS A 734 23.78 -10.98 -24.50
C CYS A 734 24.94 -10.42 -23.75
N GLU A 735 25.97 -9.99 -24.45
CA GLU A 735 27.06 -9.35 -23.69
C GLU A 735 26.78 -7.88 -23.36
N VAL A 736 25.66 -7.37 -23.88
CA VAL A 736 25.24 -5.99 -23.63
C VAL A 736 24.09 -5.97 -22.62
N ASN A 737 23.35 -7.07 -22.59
CA ASN A 737 22.08 -7.13 -21.89
C ASN A 737 21.79 -8.56 -21.43
N PRO A 738 21.77 -8.80 -20.14
CA PRO A 738 21.59 -10.16 -19.66
C PRO A 738 20.26 -10.74 -19.90
N LEU A 739 19.33 -9.90 -20.26
CA LEU A 739 17.98 -10.36 -20.58
C LEU A 739 17.95 -11.08 -21.93
N ALA A 740 18.86 -10.70 -22.78
CA ALA A 740 18.93 -11.28 -24.08
C ALA A 740 19.69 -12.58 -23.97
N CYS A 741 19.75 -13.16 -22.80
CA CYS A 741 20.60 -14.29 -22.69
C CYS A 741 19.83 -15.58 -22.49
N LEU A 742 20.18 -16.56 -23.30
CA LEU A 742 19.61 -17.90 -23.27
C LEU A 742 18.99 -18.29 -24.60
N ALA A 749 12.53 -25.58 -17.47
CA ALA A 749 11.63 -26.65 -17.11
C ALA A 749 11.82 -26.92 -15.65
N PRO A 750 11.28 -26.03 -14.82
CA PRO A 750 11.39 -26.15 -13.37
C PRO A 750 11.12 -27.53 -12.84
N ASP A 751 11.93 -27.97 -11.89
CA ASP A 751 11.66 -29.20 -11.20
C ASP A 751 10.96 -28.85 -9.91
N LEU A 752 9.87 -29.53 -9.64
CA LEU A 752 8.98 -29.13 -8.59
C LEU A 752 8.74 -30.26 -7.66
N PRO A 753 9.08 -30.04 -6.42
CA PRO A 753 8.92 -31.07 -5.39
C PRO A 753 7.49 -31.58 -5.34
N ALA A 754 7.29 -32.80 -4.86
CA ALA A 754 5.95 -33.34 -4.71
C ALA A 754 5.21 -32.56 -3.62
N PHE A 755 3.92 -32.32 -3.84
CA PHE A 755 3.13 -31.57 -2.87
C PHE A 755 2.98 -32.34 -1.56
N SER A 756 2.88 -31.60 -0.46
CA SER A 756 2.76 -32.18 0.87
C SER A 756 2.15 -31.14 1.80
N HIS A 757 1.30 -31.60 2.73
CA HIS A 757 0.68 -30.70 3.68
C HIS A 757 0.98 -31.01 5.16
N GLY A 758 1.14 -29.96 5.95
CA GLY A 758 1.51 -30.08 7.36
C GLY A 758 0.54 -30.86 8.22
N GLY A 759 -0.72 -30.95 7.78
CA GLY A 759 -1.71 -31.70 8.52
C GLY A 759 -2.42 -30.89 9.58
N PHE A 760 -3.06 -31.57 10.52
CA PHE A 760 -3.86 -30.91 11.54
C PHE A 760 -3.56 -31.42 12.96
N SER A 761 -4.33 -30.96 13.93
CA SER A 761 -4.12 -31.36 15.32
C SER A 761 -5.44 -31.68 16.04
N GLN B 56 -19.94 -6.22 -29.96
CA GLN B 56 -20.08 -4.92 -30.57
C GLN B 56 -18.76 -4.33 -30.88
N SER B 57 -18.77 -3.04 -31.02
CA SER B 57 -17.72 -2.24 -31.56
C SER B 57 -16.69 -1.95 -30.51
N GLN B 58 -15.45 -1.78 -30.94
CA GLN B 58 -14.38 -1.35 -30.08
C GLN B 58 -14.37 0.14 -30.03
N LEU B 59 -15.21 0.64 -29.14
CA LEU B 59 -15.65 2.02 -29.19
C LEU B 59 -14.66 3.04 -28.60
N PHE B 60 -13.77 2.57 -27.75
CA PHE B 60 -12.87 3.47 -27.01
C PHE B 60 -11.41 3.34 -27.45
N ALA B 61 -11.19 2.63 -28.56
CA ALA B 61 -9.85 2.44 -29.08
C ALA B 61 -9.25 3.75 -29.53
N ASP B 62 -7.96 3.95 -29.24
CA ASP B 62 -7.25 5.10 -29.73
C ASP B 62 -7.17 5.01 -31.26
N LEU B 63 -7.06 6.15 -31.93
CA LEU B 63 -6.97 6.17 -33.38
C LEU B 63 -5.76 5.40 -33.89
N SER B 64 -5.96 4.62 -34.94
CA SER B 64 -4.88 3.86 -35.57
C SER B 64 -4.03 4.76 -36.46
N ARG B 65 -2.96 4.20 -37.00
CA ARG B 65 -2.09 4.97 -37.88
C ARG B 65 -2.87 5.48 -39.09
N GLU B 66 -3.64 4.62 -39.74
CA GLU B 66 -4.36 5.05 -40.93
C GLU B 66 -5.52 5.98 -40.62
N GLU B 67 -6.15 5.80 -39.45
CA GLU B 67 -7.19 6.73 -39.02
C GLU B 67 -6.57 8.11 -38.83
N LEU B 68 -5.41 8.13 -38.17
CA LEU B 68 -4.68 9.38 -37.95
C LEU B 68 -4.29 10.02 -39.27
N THR B 69 -3.68 9.22 -40.15
CA THR B 69 -3.34 9.69 -41.49
C THR B 69 -4.55 10.31 -42.18
N ALA B 70 -5.68 9.60 -42.11
CA ALA B 70 -6.91 10.01 -42.78
C ALA B 70 -7.40 11.38 -42.32
N VAL B 71 -7.31 11.63 -41.02
CA VAL B 71 -7.71 12.92 -40.47
C VAL B 71 -6.72 14.01 -40.88
N MET B 72 -5.44 13.69 -40.80
CA MET B 72 -4.38 14.62 -41.18
C MET B 72 -4.56 15.09 -42.62
N ARG B 73 -4.84 14.14 -43.50
CA ARG B 73 -5.07 14.44 -44.91
C ARG B 73 -6.28 15.35 -45.09
N PHE B 74 -7.35 15.05 -44.36
CA PHE B 74 -8.59 15.83 -44.46
C PHE B 74 -8.34 17.29 -44.09
N LEU B 75 -7.53 17.51 -43.06
CA LEU B 75 -7.21 18.86 -42.60
C LEU B 75 -6.29 19.57 -43.58
N THR B 76 -5.25 18.88 -44.02
CA THR B 76 -4.33 19.42 -45.02
C THR B 76 -5.07 20.21 -46.09
N GLN B 77 -6.13 19.61 -46.62
CA GLN B 77 -6.93 20.22 -47.68
C GLN B 77 -7.64 21.48 -47.21
N ARG B 78 -8.44 21.34 -46.16
CA ARG B 78 -9.39 22.38 -45.76
C ARG B 78 -8.79 23.53 -44.95
N LEU B 79 -7.51 23.46 -44.66
CA LEU B 79 -6.85 24.59 -44.01
C LEU B 79 -6.02 25.36 -45.03
N GLY B 80 -6.69 26.29 -45.71
CA GLY B 80 -6.10 27.07 -46.79
C GLY B 80 -4.59 27.17 -46.72
N PRO B 81 -3.89 26.64 -47.72
CA PRO B 81 -2.44 26.47 -47.76
C PRO B 81 -1.64 27.45 -46.94
N GLY B 82 -0.40 27.09 -46.64
CA GLY B 82 0.42 27.83 -45.71
C GLY B 82 0.63 26.98 -44.49
N LEU B 83 -0.24 25.99 -44.32
CA LEU B 83 -0.13 25.05 -43.21
C LEU B 83 1.27 24.45 -43.21
N VAL B 84 1.98 24.64 -42.11
CA VAL B 84 3.33 24.12 -41.98
C VAL B 84 3.37 22.88 -41.08
N ASP B 85 4.28 21.98 -41.39
CA ASP B 85 4.55 20.83 -40.52
C ASP B 85 5.00 21.34 -39.17
N ALA B 86 4.21 21.06 -38.13
CA ALA B 86 4.46 21.61 -36.80
C ALA B 86 5.84 21.21 -36.26
N ALA B 87 6.43 20.17 -36.84
CA ALA B 87 7.72 19.68 -36.41
C ALA B 87 8.83 20.72 -36.62
N GLN B 88 8.52 21.76 -37.39
CA GLN B 88 9.46 22.85 -37.63
C GLN B 88 8.71 24.17 -37.79
N ALA B 89 7.54 24.27 -37.16
CA ALA B 89 6.73 25.48 -37.26
C ALA B 89 7.30 26.60 -36.41
N ARG B 90 7.11 27.83 -36.88
CA ARG B 90 7.44 29.01 -36.07
C ARG B 90 6.13 29.58 -35.54
N PRO B 91 6.22 30.40 -34.48
CA PRO B 91 5.03 31.01 -33.89
C PRO B 91 4.11 31.66 -34.92
N SER B 92 4.61 32.00 -36.07
CA SER B 92 3.79 32.75 -37.01
C SER B 92 3.04 31.82 -37.89
N ASP B 93 3.55 30.63 -37.99
CA ASP B 93 2.95 29.65 -38.88
C ASP B 93 1.59 29.13 -38.38
N ASN B 94 0.87 28.48 -39.30
CA ASN B 94 -0.31 27.69 -38.94
C ASN B 94 0.07 26.23 -39.01
N CYS B 95 -0.22 25.48 -37.95
CA CYS B 95 0.12 24.07 -37.93
C CYS B 95 -0.82 23.24 -37.08
N VAL B 96 -0.89 21.94 -37.39
CA VAL B 96 -1.65 21.00 -36.59
C VAL B 96 -0.75 20.50 -35.47
N PHE B 97 -1.14 20.81 -34.24
CA PHE B 97 -0.35 20.45 -33.07
C PHE B 97 -0.54 18.99 -32.69
N SER B 98 -1.79 18.56 -32.63
CA SER B 98 -2.10 17.19 -32.23
C SER B 98 -3.35 16.69 -32.93
N VAL B 99 -3.38 15.40 -33.21
CA VAL B 99 -4.59 14.73 -33.67
C VAL B 99 -4.75 13.44 -32.87
N GLU B 100 -5.90 13.29 -32.22
CA GLU B 100 -6.19 12.07 -31.47
C GLU B 100 -7.68 11.80 -31.32
N LEU B 101 -8.00 10.58 -30.87
CA LEU B 101 -9.37 10.17 -30.67
C LEU B 101 -10.19 11.16 -29.87
N GLN B 102 -11.43 11.40 -30.31
CA GLN B 102 -12.41 12.13 -29.52
C GLN B 102 -13.39 11.14 -28.92
N LEU B 103 -13.41 11.04 -27.60
CA LEU B 103 -14.26 10.07 -26.92
C LEU B 103 -15.73 10.34 -27.22
N PRO B 104 -16.50 9.27 -27.43
CA PRO B 104 -17.93 9.37 -27.72
C PRO B 104 -18.71 9.91 -26.52
N PRO B 105 -19.88 10.49 -26.77
CA PRO B 105 -20.76 10.88 -25.67
C PRO B 105 -21.32 9.64 -24.99
N LYS B 106 -21.51 9.69 -23.68
CA LYS B 106 -21.81 8.50 -22.89
C LYS B 106 -23.14 7.88 -23.27
N ALA B 107 -24.16 8.70 -23.42
CA ALA B 107 -25.49 8.19 -23.76
C ALA B 107 -25.45 7.33 -25.02
N ALA B 108 -24.88 7.87 -26.08
CA ALA B 108 -24.78 7.16 -27.35
C ALA B 108 -23.97 5.88 -27.21
N ALA B 109 -22.88 5.97 -26.46
CA ALA B 109 -21.98 4.83 -26.26
C ALA B 109 -22.68 3.69 -25.54
N LEU B 110 -23.39 4.02 -24.45
CA LEU B 110 -24.09 3.01 -23.68
C LEU B 110 -25.26 2.42 -24.46
N ALA B 111 -25.97 3.26 -25.20
CA ALA B 111 -27.07 2.80 -26.05
C ALA B 111 -26.55 1.71 -26.98
N HIS B 112 -25.35 1.90 -27.52
CA HIS B 112 -24.73 0.91 -28.38
C HIS B 112 -24.34 -0.35 -27.62
N LEU B 113 -23.58 -0.16 -26.54
CA LEU B 113 -23.04 -1.28 -25.77
C LEU B 113 -24.11 -2.12 -25.07
N ASP B 114 -25.20 -1.48 -24.66
CA ASP B 114 -26.21 -2.16 -23.84
C ASP B 114 -27.53 -2.43 -24.56
N ARG B 115 -28.03 -1.43 -25.27
CA ARG B 115 -29.34 -1.55 -25.92
C ARG B 115 -29.25 -1.87 -27.41
N GLY B 116 -28.04 -2.19 -27.88
CA GLY B 116 -27.85 -2.59 -29.26
C GLY B 116 -28.03 -1.52 -30.32
N SER B 117 -28.16 -0.27 -29.89
CA SER B 117 -28.25 0.86 -30.83
C SER B 117 -27.01 0.92 -31.71
N PRO B 118 -27.08 1.67 -32.82
CA PRO B 118 -25.90 1.84 -33.67
C PRO B 118 -24.81 2.58 -32.89
N PRO B 119 -23.54 2.29 -33.18
CA PRO B 119 -22.43 2.94 -32.48
C PRO B 119 -22.35 4.41 -32.88
N PRO B 120 -21.85 5.26 -31.98
CA PRO B 120 -21.72 6.70 -32.27
C PRO B 120 -20.68 6.92 -33.34
N ALA B 121 -20.78 8.06 -34.04
CA ALA B 121 -19.78 8.40 -35.04
C ALA B 121 -18.40 8.40 -34.40
N ARG B 122 -17.44 7.78 -35.07
CA ARG B 122 -16.06 7.78 -34.60
C ARG B 122 -15.36 9.04 -35.05
N GLU B 123 -15.06 9.93 -34.11
CA GLU B 123 -14.49 11.23 -34.46
C GLU B 123 -13.08 11.39 -33.89
N ALA B 124 -12.37 12.38 -34.41
CA ALA B 124 -11.07 12.75 -33.87
C ALA B 124 -11.12 14.22 -33.47
N LEU B 125 -10.25 14.61 -32.55
CA LEU B 125 -10.10 16.02 -32.23
C LEU B 125 -8.69 16.49 -32.58
N ALA B 126 -8.62 17.59 -33.31
CA ALA B 126 -7.33 18.13 -33.71
C ALA B 126 -7.15 19.52 -33.11
N ILE B 127 -5.99 19.75 -32.51
CA ILE B 127 -5.67 21.06 -32.00
C ILE B 127 -4.80 21.77 -33.02
N VAL B 128 -5.27 22.93 -33.48
CA VAL B 128 -4.54 23.66 -34.51
C VAL B 128 -4.04 25.00 -33.99
N PHE B 129 -2.77 25.28 -34.25
CA PHE B 129 -2.18 26.57 -33.91
C PHE B 129 -2.32 27.53 -35.10
N PHE B 130 -3.17 28.54 -34.95
CA PHE B 130 -3.37 29.53 -35.99
C PHE B 130 -2.51 30.77 -35.75
N GLY B 131 -1.25 30.69 -36.19
CA GLY B 131 -0.29 31.76 -35.95
C GLY B 131 -0.31 32.88 -36.97
N ARG B 132 -0.65 32.56 -38.22
CA ARG B 132 -0.65 33.57 -39.29
C ARG B 132 -1.97 34.30 -39.43
N GLN B 133 -2.14 35.37 -38.65
CA GLN B 133 -3.33 36.21 -38.72
C GLN B 133 -3.23 37.35 -37.70
N PRO B 134 -3.98 38.43 -37.94
CA PRO B 134 -4.09 39.56 -37.01
C PRO B 134 -4.31 39.13 -35.56
N GLN B 135 -5.24 38.22 -35.33
CA GLN B 135 -5.56 37.76 -33.98
C GLN B 135 -5.35 36.25 -33.85
N PRO B 136 -4.08 35.83 -33.67
CA PRO B 136 -3.72 34.41 -33.61
C PRO B 136 -4.48 33.69 -32.50
N ASN B 137 -4.64 32.38 -32.64
CA ASN B 137 -5.40 31.61 -31.66
C ASN B 137 -5.21 30.12 -31.81
N VAL B 138 -5.60 29.39 -30.77
CA VAL B 138 -5.62 27.94 -30.81
C VAL B 138 -7.05 27.49 -30.99
N SER B 139 -7.28 26.55 -31.89
CA SER B 139 -8.63 26.04 -32.11
C SER B 139 -8.69 24.52 -31.94
N GLU B 140 -9.81 24.06 -31.40
CA GLU B 140 -10.09 22.63 -31.27
C GLU B 140 -11.08 22.21 -32.35
N LEU B 141 -10.63 21.36 -33.28
CA LEU B 141 -11.46 20.93 -34.39
C LEU B 141 -11.78 19.44 -34.30
N VAL B 142 -13.06 19.10 -34.40
CA VAL B 142 -13.49 17.71 -34.47
C VAL B 142 -13.60 17.30 -35.94
N VAL B 143 -13.04 16.14 -36.28
CA VAL B 143 -13.05 15.70 -37.68
C VAL B 143 -13.96 14.48 -37.90
N GLY B 144 -14.70 14.54 -39.02
CA GLY B 144 -15.82 13.67 -39.36
C GLY B 144 -15.72 12.17 -39.23
N PRO B 145 -16.73 11.45 -39.76
CA PRO B 145 -17.00 10.04 -39.50
C PRO B 145 -15.79 9.19 -39.90
N LEU B 146 -15.39 8.26 -39.11
CA LEU B 146 -14.11 7.81 -39.35
C LEU B 146 -13.99 6.36 -39.63
N PRO B 147 -13.82 6.06 -40.90
CA PRO B 147 -12.63 5.49 -41.51
C PRO B 147 -12.26 6.51 -42.58
N HIS B 148 -13.30 7.18 -43.10
CA HIS B 148 -13.19 8.15 -44.18
C HIS B 148 -13.97 9.40 -43.82
N PRO B 149 -13.30 10.38 -43.20
CA PRO B 149 -13.93 11.60 -42.71
C PRO B 149 -14.58 12.41 -43.83
N SER B 150 -15.62 13.16 -43.50
CA SER B 150 -16.32 13.98 -44.48
C SER B 150 -16.78 15.31 -43.88
N TYR B 151 -16.57 15.50 -42.57
CA TYR B 151 -16.92 16.77 -41.95
C TYR B 151 -15.88 17.28 -40.98
N MET B 152 -15.90 18.58 -40.75
CA MET B 152 -14.97 19.23 -39.83
C MET B 152 -15.75 20.28 -39.06
N ARG B 153 -15.58 20.32 -37.76
CA ARG B 153 -16.28 21.29 -37.01
C ARG B 153 -15.47 21.92 -35.91
N ASP B 154 -15.63 23.23 -35.75
CA ASP B 154 -14.90 23.99 -34.76
C ASP B 154 -15.69 24.08 -33.46
N VAL B 155 -15.14 23.55 -32.38
CA VAL B 155 -15.86 23.44 -31.12
C VAL B 155 -15.27 24.34 -30.03
N THR B 156 -14.29 25.16 -30.38
CA THR B 156 -13.58 25.97 -29.40
C THR B 156 -14.51 26.82 -28.53
N VAL B 157 -15.34 27.64 -29.16
CA VAL B 157 -16.21 28.55 -28.43
C VAL B 157 -17.32 27.81 -27.67
N GLU B 158 -17.66 26.62 -28.15
CA GLU B 158 -18.66 25.81 -27.49
C GLU B 158 -18.13 25.32 -26.15
N ARG B 159 -16.84 24.99 -26.12
CA ARG B 159 -16.20 24.43 -24.94
C ARG B 159 -15.64 25.50 -24.00
N HIS B 160 -15.21 26.63 -24.56
CA HIS B 160 -14.47 27.63 -23.78
C HIS B 160 -15.15 29.00 -23.70
N GLY B 161 -16.19 29.21 -24.50
CA GLY B 161 -16.95 30.45 -24.45
C GLY B 161 -16.29 31.59 -25.20
N GLY B 162 -15.18 31.28 -25.86
CA GLY B 162 -14.43 32.25 -26.64
C GLY B 162 -13.24 31.56 -27.26
N PRO B 163 -12.36 32.33 -27.91
CA PRO B 163 -11.17 31.71 -28.50
C PRO B 163 -10.14 31.34 -27.44
N LEU B 164 -9.17 30.51 -27.81
CA LEU B 164 -8.08 30.18 -26.90
C LEU B 164 -6.88 31.08 -27.14
N PRO B 165 -6.60 31.97 -26.18
CA PRO B 165 -5.46 32.87 -26.28
C PRO B 165 -4.20 32.12 -26.72
N TYR B 166 -3.47 32.70 -27.66
CA TYR B 166 -2.41 31.98 -28.36
C TYR B 166 -1.23 31.61 -27.45
N HIS B 167 -1.14 32.26 -26.29
CA HIS B 167 -0.01 32.01 -25.40
C HIS B 167 -0.22 30.78 -24.53
N ARG B 168 -1.45 30.26 -24.52
CA ARG B 168 -1.78 29.08 -23.73
C ARG B 168 -1.23 27.82 -24.40
N ARG B 169 -0.94 27.93 -25.69
CA ARG B 169 -0.46 26.79 -26.44
C ARG B 169 0.82 26.26 -25.84
N PRO B 170 0.97 24.92 -25.76
CA PRO B 170 2.22 24.32 -25.33
C PRO B 170 3.38 24.84 -26.18
N VAL B 171 4.59 24.73 -25.67
CA VAL B 171 5.77 25.13 -26.43
C VAL B 171 6.12 24.04 -27.46
N LEU B 172 6.20 24.44 -28.72
CA LEU B 172 6.58 23.49 -29.77
C LEU B 172 8.02 23.03 -29.59
N PHE B 173 8.31 21.85 -30.11
CA PHE B 173 9.67 21.33 -30.05
C PHE B 173 10.61 22.23 -30.84
N GLN B 174 10.08 22.82 -31.91
CA GLN B 174 10.84 23.75 -32.73
C GLN B 174 11.11 25.04 -31.94
N GLU B 175 10.18 25.38 -31.06
CA GLU B 175 10.33 26.57 -30.23
C GLU B 175 11.46 26.40 -29.23
N TYR B 176 11.53 25.22 -28.62
CA TYR B 176 12.63 24.89 -27.74
C TYR B 176 13.94 24.98 -28.51
N LEU B 177 13.91 24.58 -29.78
CA LEU B 177 15.08 24.61 -30.63
C LEU B 177 15.58 26.03 -30.89
N ASP B 178 14.65 26.94 -31.16
CA ASP B 178 14.99 28.33 -31.43
C ASP B 178 15.52 29.02 -30.18
N ILE B 179 14.94 28.68 -29.04
CA ILE B 179 15.41 29.19 -27.75
C ILE B 179 16.87 28.77 -27.53
N ASP B 180 17.17 27.51 -27.79
CA ASP B 180 18.53 27.00 -27.68
C ASP B 180 19.46 27.65 -28.71
N GLN B 181 18.88 28.22 -29.76
CA GLN B 181 19.65 28.97 -30.75
C GLN B 181 20.05 30.31 -30.17
N MET B 182 19.06 31.05 -29.70
CA MET B 182 19.29 32.35 -29.09
C MET B 182 20.22 32.24 -27.88
N ILE B 183 20.11 31.13 -27.15
CA ILE B 183 20.96 30.91 -25.99
C ILE B 183 22.40 30.63 -26.39
N PHE B 184 22.61 29.55 -27.14
CA PHE B 184 23.97 29.08 -27.45
C PHE B 184 24.65 29.85 -28.59
N ASN B 185 23.90 30.64 -29.35
CA ASN B 185 24.46 31.31 -30.52
C ASN B 185 24.52 32.83 -30.44
N ARG B 186 23.68 33.43 -29.60
CA ARG B 186 23.63 34.89 -29.51
C ARG B 186 23.88 35.44 -28.11
N GLU B 187 23.66 34.62 -27.09
CA GLU B 187 23.76 35.09 -25.71
C GLU B 187 24.95 34.49 -24.98
N LEU B 188 25.05 33.17 -25.00
CA LEU B 188 26.09 32.46 -24.24
C LEU B 188 27.52 32.87 -24.59
N PRO B 189 27.78 33.18 -25.87
CA PRO B 189 29.15 33.62 -26.20
C PRO B 189 29.49 35.00 -25.63
N GLN B 190 28.48 35.80 -25.32
CA GLN B 190 28.72 37.10 -24.69
C GLN B 190 29.39 36.93 -23.34
N ALA B 191 29.60 35.67 -22.96
CA ALA B 191 30.24 35.34 -21.68
C ALA B 191 31.22 34.19 -21.89
N SER B 192 31.75 34.04 -23.06
CA SER B 192 32.68 32.99 -23.32
C SER B 192 33.80 32.97 -22.34
N GLY B 193 34.13 34.12 -21.80
CA GLY B 193 35.16 34.20 -20.79
C GLY B 193 34.81 33.38 -19.57
N LEU B 194 33.75 33.79 -18.88
CA LEU B 194 33.28 33.07 -17.71
C LEU B 194 33.08 31.59 -18.03
N LEU B 195 32.24 31.33 -19.02
CA LEU B 195 31.94 29.96 -19.42
C LEU B 195 33.21 29.14 -19.66
N HIS B 196 34.22 29.77 -20.25
CA HIS B 196 35.44 29.07 -20.60
C HIS B 196 36.23 28.70 -19.35
N HIS B 197 36.07 29.50 -18.31
CA HIS B 197 36.78 29.29 -17.05
C HIS B 197 36.09 28.26 -16.17
N CYS B 198 34.77 28.38 -16.05
CA CYS B 198 34.01 27.59 -15.08
C CYS B 198 33.55 26.23 -15.60
N CYS B 199 33.19 26.17 -16.87
CA CYS B 199 32.42 25.02 -17.37
C CYS B 199 32.95 24.39 -18.66
N PHE B 200 34.27 24.34 -18.81
CA PHE B 200 34.89 23.63 -19.92
C PHE B 200 34.30 24.05 -21.27
N TYR B 201 33.86 25.30 -21.33
CA TYR B 201 33.18 25.80 -22.49
C TYR B 201 34.13 26.04 -23.57
N LYS B 202 33.66 26.05 -24.80
CA LYS B 202 34.59 26.06 -25.90
C LYS B 202 34.19 26.47 -27.28
N ARG B 206 28.24 24.39 -26.28
CA ARG B 206 27.55 23.13 -26.58
C ARG B 206 28.25 21.91 -26.08
N ASN B 207 28.47 21.90 -24.79
CA ASN B 207 28.76 20.73 -24.04
C ASN B 207 27.75 20.86 -22.95
N LEU B 208 26.93 21.88 -23.11
CA LEU B 208 25.86 22.20 -22.16
C LEU B 208 24.48 21.98 -22.78
N VAL B 209 23.49 21.73 -21.93
CA VAL B 209 22.10 21.59 -22.37
C VAL B 209 21.18 22.40 -21.48
N THR B 210 20.01 22.74 -21.99
CA THR B 210 19.02 23.47 -21.21
C THR B 210 17.89 22.56 -20.76
N MET B 211 17.12 23.01 -19.78
CA MET B 211 15.88 22.32 -19.40
C MET B 211 14.82 23.32 -18.96
N THR B 212 13.62 23.22 -19.47
CA THR B 212 12.62 24.20 -19.17
C THR B 212 11.98 24.03 -17.84
N THR B 213 11.14 24.98 -17.44
CA THR B 213 10.46 24.89 -16.18
C THR B 213 9.03 25.36 -16.17
N ALA B 214 8.50 25.42 -14.96
CA ALA B 214 7.10 25.45 -14.62
C ALA B 214 6.29 26.29 -15.50
N PRO B 215 5.60 27.23 -14.90
CA PRO B 215 4.91 28.24 -15.66
C PRO B 215 5.90 29.11 -16.36
N ARG B 216 5.41 30.03 -17.16
CA ARG B 216 6.30 30.81 -17.93
C ARG B 216 5.97 32.25 -17.74
N GLY B 217 6.22 32.77 -16.56
CA GLY B 217 5.89 34.15 -16.28
C GLY B 217 5.39 34.35 -14.86
N LEU B 218 4.62 35.42 -14.65
CA LEU B 218 4.17 35.80 -13.33
C LEU B 218 2.69 36.23 -13.32
N GLN B 219 2.11 36.35 -14.52
CA GLN B 219 0.68 36.61 -14.64
C GLN B 219 0.17 36.15 -16.00
N SER B 220 -1.14 36.16 -16.17
CA SER B 220 -1.77 35.67 -17.40
C SER B 220 -1.26 36.40 -18.64
N GLY B 221 -0.71 35.66 -19.58
CA GLY B 221 -0.22 36.25 -20.82
C GLY B 221 1.28 36.16 -20.98
N ASP B 222 1.97 35.98 -19.87
CA ASP B 222 3.42 35.86 -19.90
C ASP B 222 3.83 34.58 -20.62
N ARG B 223 5.03 34.59 -21.19
CA ARG B 223 5.63 33.40 -21.75
C ARG B 223 7.14 33.50 -21.58
N ALA B 224 7.56 33.68 -20.34
CA ALA B 224 8.98 33.80 -20.00
C ALA B 224 9.43 32.62 -19.13
N THR B 225 10.27 31.77 -19.70
CA THR B 225 10.70 30.55 -19.03
C THR B 225 12.09 30.68 -18.41
N TRP B 226 12.27 30.13 -17.21
CA TRP B 226 13.59 30.01 -16.62
C TRP B 226 14.24 28.73 -17.10
N PHE B 227 15.42 28.84 -17.70
CA PHE B 227 16.14 27.66 -18.16
C PHE B 227 17.38 27.40 -17.33
N GLY B 228 17.45 26.23 -16.73
CA GLY B 228 18.67 25.81 -16.08
C GLY B 228 19.64 25.36 -17.15
N LEU B 229 20.92 25.51 -16.90
CA LEU B 229 21.92 24.97 -17.82
C LEU B 229 22.72 23.86 -17.14
N TYR B 230 22.90 22.76 -17.85
CA TYR B 230 23.48 21.56 -17.26
C TYR B 230 24.59 21.02 -18.13
N TYR B 231 25.39 20.14 -17.60
CA TYR B 231 26.37 19.50 -18.45
C TYR B 231 25.78 18.39 -19.32
N ASN B 232 25.95 18.48 -20.61
CA ASN B 232 25.53 17.39 -21.44
C ASN B 232 26.31 16.17 -21.12
N ILE B 233 25.86 15.46 -20.12
CA ILE B 233 26.37 14.14 -19.84
C ILE B 233 25.92 13.18 -20.90
N SER B 234 26.51 12.00 -20.92
CA SER B 234 26.16 11.00 -21.91
C SER B 234 25.91 9.64 -21.27
N GLY B 235 24.83 8.97 -21.66
CA GLY B 235 24.50 7.67 -21.15
C GLY B 235 24.01 7.73 -19.71
N ALA B 236 23.68 8.94 -19.27
CA ALA B 236 23.22 9.16 -17.91
C ALA B 236 22.60 10.55 -17.79
N GLY B 237 21.82 10.76 -16.73
CA GLY B 237 21.06 11.98 -16.58
C GLY B 237 21.89 13.24 -16.39
N PHE B 238 21.57 14.28 -17.16
CA PHE B 238 22.22 15.57 -17.03
C PHE B 238 21.58 16.35 -15.89
N PHE B 239 20.45 15.85 -15.41
CA PHE B 239 19.64 16.57 -14.43
C PHE B 239 20.37 16.77 -13.11
N LEU B 240 21.45 16.00 -12.91
CA LEU B 240 22.19 16.06 -11.66
C LEU B 240 23.34 17.07 -11.71
N HIS B 241 23.60 17.61 -12.89
CA HIS B 241 24.78 18.44 -13.08
C HIS B 241 24.47 19.85 -13.56
N HIS B 242 23.74 20.57 -12.73
CA HIS B 242 23.43 21.98 -12.94
C HIS B 242 24.73 22.76 -12.75
N VAL B 243 25.04 23.65 -13.69
CA VAL B 243 26.30 24.38 -13.63
C VAL B 243 26.16 25.69 -12.88
N GLY B 244 24.93 26.04 -12.53
CA GLY B 244 24.69 27.21 -11.70
C GLY B 244 24.14 28.39 -12.46
N LEU B 245 24.08 28.27 -13.79
CA LEU B 245 23.56 29.35 -14.63
C LEU B 245 22.10 29.12 -14.99
N GLU B 246 21.29 30.17 -14.84
CA GLU B 246 19.88 30.08 -15.16
C GLU B 246 19.39 31.33 -15.87
N LEU B 247 18.89 31.16 -17.09
CA LEU B 247 18.46 32.28 -17.91
C LEU B 247 16.95 32.39 -17.94
N LEU B 248 16.44 33.60 -17.78
CA LEU B 248 15.00 33.85 -17.90
C LEU B 248 14.67 34.32 -19.31
N VAL B 249 14.44 33.35 -20.19
CA VAL B 249 14.15 33.64 -21.60
C VAL B 249 12.71 34.12 -21.77
N ASN B 250 12.54 35.31 -22.34
CA ASN B 250 11.21 35.77 -22.72
C ASN B 250 10.95 35.45 -24.19
N HIS B 251 10.08 34.48 -24.44
CA HIS B 251 9.77 34.05 -25.80
C HIS B 251 8.30 34.26 -26.16
N LYS B 252 7.68 35.26 -25.54
CA LYS B 252 6.31 35.63 -25.86
C LYS B 252 6.17 36.06 -27.32
N ALA B 253 7.14 36.84 -27.80
CA ALA B 253 7.08 37.42 -29.13
C ALA B 253 6.94 36.38 -30.23
N LEU B 254 6.13 36.68 -31.24
CA LEU B 254 5.94 35.76 -32.36
C LEU B 254 7.16 35.75 -33.29
N ASP B 255 7.98 36.78 -33.21
CA ASP B 255 9.23 36.81 -33.96
C ASP B 255 10.41 36.52 -33.03
N PRO B 256 10.94 35.30 -33.11
CA PRO B 256 12.04 34.82 -32.24
C PRO B 256 13.27 35.73 -32.25
N ALA B 257 13.35 36.66 -33.21
CA ALA B 257 14.41 37.65 -33.19
C ALA B 257 14.19 38.63 -32.05
N ARG B 258 12.92 38.91 -31.77
CA ARG B 258 12.54 39.82 -30.70
C ARG B 258 12.64 39.18 -29.30
N TRP B 259 13.12 37.95 -29.23
CA TRP B 259 13.25 37.26 -27.96
C TRP B 259 14.42 37.83 -27.14
N THR B 260 14.17 38.05 -25.86
CA THR B 260 15.15 38.67 -24.98
C THR B 260 15.45 37.78 -23.77
N ILE B 261 16.45 38.19 -22.98
CA ILE B 261 16.71 37.55 -21.70
C ILE B 261 16.48 38.55 -20.58
N GLN B 262 15.44 38.31 -19.78
CA GLN B 262 15.00 39.29 -18.78
C GLN B 262 15.85 39.31 -17.51
N LYS B 263 16.52 38.20 -17.21
CA LYS B 263 17.35 38.10 -16.01
C LYS B 263 18.36 36.98 -16.12
N VAL B 264 19.43 37.09 -15.33
CA VAL B 264 20.45 36.06 -15.29
C VAL B 264 20.73 35.66 -13.85
N PHE B 265 21.05 34.40 -13.63
CA PHE B 265 21.33 33.90 -12.30
C PHE B 265 22.56 33.01 -12.37
N TYR B 266 23.61 33.41 -11.70
CA TYR B 266 24.77 32.59 -11.67
C TYR B 266 25.39 32.31 -10.35
N GLN B 267 25.36 31.05 -9.97
CA GLN B 267 25.86 30.58 -8.72
C GLN B 267 25.55 31.46 -7.57
N GLY B 268 24.37 32.04 -7.50
CA GLY B 268 23.93 32.63 -6.26
C GLY B 268 23.56 34.07 -6.36
N ARG B 269 23.93 34.65 -7.47
CA ARG B 269 23.80 36.08 -7.69
C ARG B 269 22.99 36.39 -8.95
N TYR B 270 22.29 37.52 -8.93
CA TYR B 270 21.53 37.95 -10.09
C TYR B 270 22.27 39.01 -10.92
N TYR B 271 22.11 38.93 -12.24
CA TYR B 271 22.71 39.91 -13.15
C TYR B 271 21.65 40.32 -14.16
N ASP B 272 21.90 41.40 -14.90
CA ASP B 272 20.91 41.92 -15.84
C ASP B 272 21.12 41.39 -17.25
N SER B 273 22.27 40.78 -17.48
CA SER B 273 22.62 40.23 -18.79
C SER B 273 23.88 39.40 -18.65
N LEU B 274 24.15 38.54 -19.63
CA LEU B 274 25.37 37.75 -19.60
C LEU B 274 26.57 38.65 -19.92
N ALA B 275 26.29 39.84 -20.42
CA ALA B 275 27.33 40.83 -20.70
C ALA B 275 27.83 41.42 -19.40
N GLN B 276 26.90 41.87 -18.56
CA GLN B 276 27.22 42.42 -17.26
C GLN B 276 27.96 41.39 -16.40
N LEU B 277 27.54 40.14 -16.50
CA LEU B 277 28.19 39.06 -15.76
C LEU B 277 29.59 38.81 -16.30
N GLU B 278 29.74 38.95 -17.61
CA GLU B 278 31.04 38.78 -18.25
C GLU B 278 31.96 39.91 -17.81
N ALA B 279 31.41 41.13 -17.80
CA ALA B 279 32.13 42.28 -17.31
C ALA B 279 32.72 41.99 -15.94
N GLN B 280 31.83 41.70 -14.99
CA GLN B 280 32.24 41.46 -13.61
C GLN B 280 33.21 40.30 -13.45
N PHE B 281 33.14 39.32 -14.35
CA PHE B 281 34.04 38.18 -14.26
C PHE B 281 35.49 38.58 -14.51
N GLU B 282 35.75 39.17 -15.67
CA GLU B 282 37.11 39.54 -16.03
C GLU B 282 37.63 40.71 -15.19
N ALA B 283 36.71 41.41 -14.53
CA ALA B 283 37.08 42.45 -13.60
C ALA B 283 37.41 41.84 -12.24
N GLY B 284 37.59 40.52 -12.22
CA GLY B 284 37.92 39.79 -11.01
C GLY B 284 36.91 39.94 -9.89
N LEU B 285 35.66 40.23 -10.23
CA LEU B 285 34.64 40.56 -9.24
C LEU B 285 33.66 39.44 -8.93
N VAL B 286 33.83 38.29 -9.56
CA VAL B 286 32.94 37.16 -9.27
C VAL B 286 33.73 35.94 -8.79
N ASN B 287 33.39 35.47 -7.59
CA ASN B 287 34.02 34.27 -7.06
C ASN B 287 33.39 33.04 -7.70
N VAL B 288 34.02 32.56 -8.77
CA VAL B 288 33.50 31.44 -9.54
C VAL B 288 33.86 30.11 -8.90
N VAL B 289 32.84 29.26 -8.69
CA VAL B 289 33.07 27.93 -8.16
C VAL B 289 33.14 26.90 -9.29
N LEU B 290 34.27 26.21 -9.39
CA LEU B 290 34.49 25.26 -10.47
C LEU B 290 33.77 23.95 -10.23
N ILE B 291 32.89 23.58 -11.15
CA ILE B 291 32.13 22.33 -11.04
C ILE B 291 32.61 21.31 -12.06
N PRO B 292 33.18 20.19 -11.59
CA PRO B 292 33.67 19.13 -12.48
C PRO B 292 32.61 18.69 -13.49
N ASP B 293 33.03 18.33 -14.70
CA ASP B 293 32.09 17.98 -15.75
C ASP B 293 32.02 16.48 -16.02
N ASN B 294 32.68 15.68 -15.19
CA ASN B 294 32.46 14.24 -15.15
C ASN B 294 33.02 13.60 -13.87
N GLY B 295 32.88 12.29 -13.75
CA GLY B 295 33.35 11.58 -12.57
C GLY B 295 32.92 10.12 -12.58
N THR B 296 32.86 9.52 -11.41
CA THR B 296 32.39 8.15 -11.28
C THR B 296 31.48 7.97 -10.07
N GLY B 297 30.54 7.04 -10.19
CA GLY B 297 29.55 6.81 -9.15
C GLY B 297 28.16 6.82 -9.74
N GLY B 298 27.16 6.74 -8.89
CA GLY B 298 25.78 6.73 -9.36
C GLY B 298 25.37 8.05 -9.99
N SER B 299 25.97 9.14 -9.52
CA SER B 299 25.64 10.47 -10.00
C SER B 299 26.25 10.76 -11.37
N TRP B 300 27.00 9.81 -11.91
CA TRP B 300 27.67 10.00 -13.20
C TRP B 300 27.38 8.86 -14.15
N SER B 301 26.81 7.79 -13.61
CA SER B 301 26.53 6.61 -14.40
C SER B 301 25.20 6.00 -13.97
N LEU B 302 24.75 5.00 -14.72
CA LEU B 302 23.53 4.28 -14.43
C LEU B 302 23.75 2.81 -14.71
N LYS B 303 24.89 2.52 -15.33
CA LYS B 303 25.33 1.17 -15.59
C LYS B 303 26.04 0.61 -14.38
N SER B 304 25.64 -0.58 -13.94
CA SER B 304 26.24 -1.19 -12.76
C SER B 304 27.65 -1.70 -13.05
N PRO B 305 28.60 -1.35 -12.18
CA PRO B 305 29.97 -1.88 -12.23
C PRO B 305 30.01 -3.36 -11.85
N VAL B 306 28.93 -3.88 -11.31
CA VAL B 306 28.89 -5.28 -10.90
C VAL B 306 28.38 -6.19 -12.01
N PRO B 307 29.09 -7.30 -12.26
CA PRO B 307 28.71 -8.33 -13.23
C PRO B 307 27.44 -9.07 -12.80
N PRO B 308 26.63 -9.48 -13.78
CA PRO B 308 25.41 -10.26 -13.56
C PRO B 308 25.64 -11.49 -12.69
N GLY B 309 24.74 -11.73 -11.74
CA GLY B 309 24.81 -12.92 -10.91
C GLY B 309 23.81 -13.94 -11.41
N PRO B 310 23.47 -14.93 -10.56
CA PRO B 310 22.43 -15.90 -10.91
C PRO B 310 21.12 -15.19 -11.23
N ALA B 311 20.32 -15.79 -12.12
CA ALA B 311 19.12 -15.15 -12.65
C ALA B 311 18.07 -14.83 -11.59
N PRO B 312 17.40 -13.68 -11.73
CA PRO B 312 16.24 -13.35 -10.90
C PRO B 312 15.08 -14.30 -11.23
N PRO B 313 14.09 -14.39 -10.34
CA PRO B 313 12.95 -15.29 -10.57
C PRO B 313 12.19 -14.92 -11.84
N LEU B 314 11.64 -15.93 -12.50
CA LEU B 314 10.88 -15.74 -13.73
C LEU B 314 9.46 -16.29 -13.58
N GLN B 315 8.50 -15.56 -14.14
CA GLN B 315 7.09 -15.96 -14.05
C GLN B 315 6.59 -16.45 -15.40
N PHE B 316 5.95 -17.61 -15.40
CA PHE B 316 5.40 -18.17 -16.64
C PHE B 316 4.04 -18.82 -16.40
N TYR B 317 3.30 -19.06 -17.47
CA TYR B 317 1.95 -19.63 -17.37
C TYR B 317 1.97 -21.09 -17.77
N PRO B 318 2.06 -21.99 -16.78
CA PRO B 318 2.22 -23.43 -17.00
C PRO B 318 1.33 -23.98 -18.12
N GLN B 319 0.04 -23.67 -18.07
CA GLN B 319 -0.90 -24.21 -19.05
C GLN B 319 -1.48 -23.14 -19.96
N GLY B 320 -0.61 -22.32 -20.54
CA GLY B 320 -1.06 -21.29 -21.46
C GLY B 320 -1.58 -20.05 -20.75
N PRO B 321 -1.86 -18.99 -21.52
CA PRO B 321 -2.32 -17.71 -20.98
C PRO B 321 -3.77 -17.81 -20.49
N ARG B 322 -4.19 -16.86 -19.67
CA ARG B 322 -5.53 -16.90 -19.09
C ARG B 322 -6.23 -15.56 -19.27
N PHE B 323 -5.75 -14.79 -20.24
CA PHE B 323 -6.39 -13.55 -20.63
C PHE B 323 -6.03 -13.33 -22.08
N SER B 324 -6.73 -12.44 -22.76
CA SER B 324 -6.42 -12.16 -24.14
C SER B 324 -6.57 -10.68 -24.47
N VAL B 325 -5.58 -10.15 -25.17
CA VAL B 325 -5.65 -8.79 -25.69
C VAL B 325 -6.01 -8.86 -27.16
N GLN B 326 -7.01 -8.10 -27.55
CA GLN B 326 -7.45 -8.04 -28.94
C GLN B 326 -7.81 -6.62 -29.28
N GLY B 327 -6.84 -5.89 -29.81
CA GLY B 327 -7.01 -4.47 -30.07
C GLY B 327 -6.62 -3.69 -28.84
N SER B 328 -7.57 -2.92 -28.31
CA SER B 328 -7.39 -2.21 -27.06
C SER B 328 -8.24 -2.87 -25.97
N ARG B 329 -8.76 -4.04 -26.24
CA ARG B 329 -9.64 -4.71 -25.31
C ARG B 329 -9.04 -5.92 -24.71
N VAL B 330 -9.17 -6.08 -23.40
CA VAL B 330 -8.60 -7.20 -22.66
C VAL B 330 -9.74 -8.01 -22.04
N ALA B 331 -9.59 -9.32 -22.04
CA ALA B 331 -10.60 -10.18 -21.44
C ALA B 331 -9.98 -11.40 -20.77
N SER B 332 -10.30 -11.56 -19.49
CA SER B 332 -10.04 -12.80 -18.77
C SER B 332 -11.39 -13.38 -18.43
N SER B 333 -11.43 -14.40 -17.57
CA SER B 333 -12.68 -15.03 -17.22
C SER B 333 -13.50 -14.14 -16.29
N LEU B 334 -12.83 -13.20 -15.62
CA LEU B 334 -13.50 -12.35 -14.66
C LEU B 334 -13.65 -10.93 -15.18
N TRP B 335 -12.70 -10.51 -16.00
CA TRP B 335 -12.65 -9.10 -16.43
C TRP B 335 -12.72 -8.92 -17.93
N THR B 336 -13.42 -7.87 -18.34
CA THR B 336 -13.27 -7.32 -19.68
C THR B 336 -13.24 -5.80 -19.54
N PHE B 337 -12.33 -5.18 -20.29
CA PHE B 337 -12.22 -3.73 -20.25
C PHE B 337 -11.48 -3.26 -21.49
N SER B 338 -11.44 -1.94 -21.67
CA SER B 338 -10.68 -1.34 -22.75
C SER B 338 -9.68 -0.36 -22.17
N PHE B 339 -8.51 -0.25 -22.80
CA PHE B 339 -7.46 0.65 -22.33
C PHE B 339 -6.93 1.52 -23.47
N GLY B 340 -6.25 2.60 -23.10
CA GLY B 340 -5.67 3.50 -24.07
C GLY B 340 -4.94 4.65 -23.40
N LEU B 341 -4.42 5.56 -24.21
CA LEU B 341 -3.74 6.74 -23.71
C LEU B 341 -4.29 8.00 -24.36
N GLY B 342 -4.71 8.95 -23.53
CA GLY B 342 -4.93 10.30 -24.00
C GLY B 342 -3.56 10.92 -24.20
N ALA B 343 -3.38 11.70 -25.25
CA ALA B 343 -2.07 12.27 -25.56
C ALA B 343 -1.59 13.13 -24.39
N PHE B 344 -2.52 13.82 -23.76
CA PHE B 344 -2.17 14.77 -22.72
C PHE B 344 -2.63 14.32 -21.34
N SER B 345 -3.81 13.72 -21.26
CA SER B 345 -4.35 13.23 -20.00
C SER B 345 -3.70 11.91 -19.57
N GLY B 346 -3.24 11.13 -20.53
CA GLY B 346 -2.55 9.88 -20.24
C GLY B 346 -3.46 8.67 -20.14
N PRO B 347 -3.05 7.66 -19.38
CA PRO B 347 -3.70 6.35 -19.21
C PRO B 347 -5.20 6.45 -18.95
N ARG B 348 -5.96 5.50 -19.49
CA ARG B 348 -7.40 5.45 -19.29
C ARG B 348 -7.98 4.06 -19.52
N ILE B 349 -9.03 3.76 -18.76
CA ILE B 349 -9.70 2.47 -18.81
C ILE B 349 -11.18 2.71 -19.07
N PHE B 350 -11.79 1.93 -19.95
CA PHE B 350 -13.20 2.11 -20.28
C PHE B 350 -13.99 0.81 -20.23
N ASP B 351 -15.26 0.92 -19.87
CA ASP B 351 -16.21 -0.19 -19.95
C ASP B 351 -15.72 -1.43 -19.20
N VAL B 352 -15.39 -1.26 -17.93
CA VAL B 352 -14.91 -2.36 -17.10
C VAL B 352 -16.06 -3.23 -16.66
N ARG B 353 -15.99 -4.51 -16.98
CA ARG B 353 -17.04 -5.45 -16.58
C ARG B 353 -16.48 -6.63 -15.80
N PHE B 354 -17.05 -6.85 -14.63
CA PHE B 354 -16.69 -7.99 -13.83
C PHE B 354 -17.75 -9.07 -14.00
N GLN B 355 -17.35 -10.19 -14.57
CA GLN B 355 -18.29 -11.28 -14.84
C GLN B 355 -19.52 -10.76 -15.56
N GLY B 356 -19.31 -9.92 -16.56
CA GLY B 356 -20.38 -9.47 -17.42
C GLY B 356 -21.04 -8.16 -17.03
N GLU B 357 -20.86 -7.75 -15.78
CA GLU B 357 -21.52 -6.55 -15.28
C GLU B 357 -20.58 -5.33 -15.23
N ARG B 358 -21.04 -4.19 -15.72
CA ARG B 358 -20.23 -2.99 -15.69
C ARG B 358 -20.12 -2.42 -14.29
N LEU B 359 -18.91 -2.00 -13.93
CA LEU B 359 -18.66 -1.38 -12.64
C LEU B 359 -18.31 0.08 -12.84
N VAL B 360 -17.37 0.33 -13.75
CA VAL B 360 -16.97 1.69 -14.07
C VAL B 360 -17.04 1.92 -15.57
N TYR B 361 -17.63 3.05 -15.96
CA TYR B 361 -17.69 3.43 -17.35
C TYR B 361 -16.31 3.90 -17.80
N GLU B 362 -15.62 4.59 -16.91
CA GLU B 362 -14.32 5.17 -17.22
C GLU B 362 -13.49 5.37 -15.96
N ILE B 363 -12.21 4.98 -16.02
CA ILE B 363 -11.23 5.39 -15.03
C ILE B 363 -10.04 5.95 -15.80
N SER B 364 -9.67 7.19 -15.53
CA SER B 364 -8.64 7.84 -16.32
C SER B 364 -7.81 8.85 -15.55
N LEU B 365 -6.51 8.85 -15.81
CA LEU B 365 -5.64 9.90 -15.30
C LEU B 365 -6.13 11.22 -15.85
N GLN B 366 -6.03 12.27 -15.05
CA GLN B 366 -6.53 13.58 -15.46
C GLN B 366 -5.41 14.61 -15.52
N GLU B 367 -4.47 14.49 -14.59
CA GLU B 367 -3.40 15.46 -14.49
C GLU B 367 -2.31 14.96 -13.55
N ALA B 368 -1.10 15.49 -13.72
CA ALA B 368 -0.01 15.22 -12.80
C ALA B 368 0.66 16.53 -12.42
N LEU B 369 0.97 16.70 -11.14
CA LEU B 369 1.52 17.96 -10.66
C LEU B 369 2.89 17.78 -10.01
N ALA B 370 3.69 18.84 -10.04
CA ALA B 370 4.96 18.88 -9.33
C ALA B 370 5.26 20.29 -8.87
N ILE B 371 5.15 20.53 -7.57
CA ILE B 371 5.39 21.85 -7.00
C ILE B 371 6.72 21.86 -6.24
N TYR B 372 7.60 22.79 -6.61
CA TYR B 372 8.98 22.80 -6.11
C TYR B 372 9.31 23.96 -5.16
N GLY B 373 10.44 23.79 -4.46
CA GLY B 373 11.06 24.86 -3.70
C GLY B 373 12.54 24.93 -4.06
N GLY B 374 13.26 25.86 -3.47
CA GLY B 374 14.68 26.01 -3.73
C GLY B 374 15.14 27.44 -3.56
N ASN B 375 16.43 27.70 -3.77
CA ASN B 375 16.92 29.07 -3.70
C ASN B 375 17.38 29.61 -5.05
N SER B 376 17.43 28.73 -6.04
CA SER B 376 17.62 29.16 -7.42
C SER B 376 16.27 29.59 -7.96
N PRO B 377 16.25 30.55 -8.89
CA PRO B 377 14.96 31.08 -9.38
C PRO B 377 14.17 30.05 -10.17
N ALA B 378 14.87 29.14 -10.86
CA ALA B 378 14.19 28.09 -11.61
C ALA B 378 13.39 27.21 -10.66
N ALA B 379 14.10 26.50 -9.80
CA ALA B 379 13.47 25.56 -8.88
C ALA B 379 12.39 26.21 -8.01
N MET B 380 12.59 27.45 -7.71
CA MET B 380 11.86 28.15 -6.72
C MET B 380 10.50 28.56 -7.19
N THR B 381 10.24 28.44 -8.48
CA THR B 381 9.03 28.97 -9.06
C THR B 381 8.41 27.96 -9.96
N THR B 382 8.77 26.72 -9.78
CA THR B 382 8.37 25.71 -10.71
C THR B 382 7.19 24.89 -10.27
N ARG B 383 6.07 25.04 -10.96
CA ARG B 383 4.94 24.16 -10.84
C ARG B 383 4.63 23.50 -12.14
N TYR B 384 5.08 22.29 -12.34
CA TYR B 384 4.74 21.56 -13.56
C TYR B 384 3.29 21.07 -13.53
N VAL B 385 2.54 21.38 -14.58
CA VAL B 385 1.23 20.77 -14.78
C VAL B 385 1.36 19.82 -15.97
N ASP B 386 1.89 18.64 -15.71
CA ASP B 386 2.42 17.74 -16.73
C ASP B 386 1.55 17.47 -17.95
N GLY B 387 0.23 17.63 -17.81
CA GLY B 387 -0.66 17.45 -18.93
C GLY B 387 -0.34 18.44 -20.04
N GLY B 388 0.26 19.56 -19.65
CA GLY B 388 0.66 20.58 -20.61
C GLY B 388 1.74 20.07 -21.56
N PHE B 389 2.42 19.00 -21.16
CA PHE B 389 3.39 18.33 -22.02
C PHE B 389 2.76 17.08 -22.62
N GLY B 390 1.98 16.37 -21.80
CA GLY B 390 1.25 15.20 -22.25
C GLY B 390 1.78 13.88 -21.75
N MET B 391 0.99 13.19 -20.93
CA MET B 391 1.40 11.91 -20.37
C MET B 391 1.41 10.79 -21.41
N GLY B 392 0.62 10.95 -22.46
CA GLY B 392 0.60 9.99 -23.54
C GLY B 392 1.70 10.34 -24.51
N LYS B 393 1.80 11.62 -24.85
CA LYS B 393 2.79 12.12 -25.78
C LYS B 393 4.20 11.73 -25.37
N TYR B 394 4.45 11.69 -24.06
CA TYR B 394 5.76 11.38 -23.53
C TYR B 394 5.86 9.95 -23.02
N THR B 395 4.86 9.14 -23.32
CA THR B 395 4.92 7.72 -22.99
C THR B 395 6.12 7.11 -23.71
N THR B 396 6.70 6.07 -23.11
CA THR B 396 7.93 5.48 -23.63
C THR B 396 7.84 3.95 -23.69
N PRO B 397 8.69 3.33 -24.52
CA PRO B 397 8.67 1.88 -24.67
C PRO B 397 8.96 1.19 -23.35
N LEU B 398 8.37 0.02 -23.15
CA LEU B 398 8.60 -0.76 -21.95
C LEU B 398 9.66 -1.81 -22.22
N THR B 399 10.75 -1.76 -21.46
CA THR B 399 11.83 -2.71 -21.62
C THR B 399 11.41 -4.05 -21.04
N ARG B 400 11.21 -5.02 -21.92
CA ARG B 400 10.71 -6.32 -21.49
C ARG B 400 11.66 -6.99 -20.51
N GLY B 401 11.11 -7.40 -19.37
CA GLY B 401 11.90 -8.03 -18.32
C GLY B 401 12.24 -7.07 -17.19
N VAL B 402 12.17 -5.78 -17.48
CA VAL B 402 12.48 -4.76 -16.49
C VAL B 402 11.23 -4.00 -16.08
N ASP B 403 10.54 -3.42 -17.07
CA ASP B 403 9.34 -2.64 -16.81
C ASP B 403 8.09 -3.50 -16.60
N CYS B 404 8.13 -4.72 -17.10
CA CYS B 404 7.02 -5.66 -16.96
C CYS B 404 7.60 -7.06 -16.97
N PRO B 405 6.83 -8.04 -16.47
CA PRO B 405 7.31 -9.42 -16.55
C PRO B 405 7.73 -9.74 -17.97
N TYR B 406 8.73 -10.60 -18.13
CA TYR B 406 9.26 -10.92 -19.44
C TYR B 406 8.20 -11.48 -20.39
N LEU B 407 7.33 -12.34 -19.86
CA LEU B 407 6.32 -13.00 -20.68
C LEU B 407 5.01 -12.23 -20.72
N ALA B 408 5.06 -10.95 -20.35
CA ALA B 408 3.89 -10.09 -20.47
C ALA B 408 3.55 -9.85 -21.94
N THR B 409 2.32 -9.41 -22.18
CA THR B 409 1.87 -9.06 -23.53
C THR B 409 2.07 -7.57 -23.78
N TYR B 410 2.84 -7.24 -24.80
CA TYR B 410 3.17 -5.84 -25.07
C TYR B 410 2.41 -5.29 -26.27
N VAL B 411 2.06 -4.01 -26.21
CA VAL B 411 1.20 -3.39 -27.20
C VAL B 411 1.70 -2.01 -27.61
N ASP B 412 1.69 -1.74 -28.91
CA ASP B 412 2.19 -0.46 -29.43
C ASP B 412 1.14 0.64 -29.29
N TRP B 413 1.59 1.88 -29.38
CA TRP B 413 0.70 3.03 -29.31
C TRP B 413 0.99 3.97 -30.48
N HIS B 414 -0.06 4.50 -31.10
CA HIS B 414 0.11 5.35 -32.27
C HIS B 414 -0.36 6.76 -31.97
N PHE B 415 0.37 7.74 -32.50
CA PHE B 415 0.06 9.14 -32.25
C PHE B 415 0.44 10.01 -33.43
N LEU B 416 -0.29 11.11 -33.60
CA LEU B 416 0.11 12.16 -34.51
C LEU B 416 0.26 13.43 -33.69
N LEU B 417 1.51 13.77 -33.37
CA LEU B 417 1.80 14.87 -32.45
C LEU B 417 2.99 15.70 -32.90
N GLU B 418 2.77 17.00 -33.06
CA GLU B 418 3.79 17.90 -33.57
C GLU B 418 4.43 17.30 -34.81
N SER B 419 3.58 16.77 -35.70
CA SER B 419 4.03 16.09 -36.89
C SER B 419 2.96 16.17 -37.96
N GLN B 420 3.14 15.43 -39.05
CA GLN B 420 2.14 15.35 -40.10
C GLN B 420 1.96 13.92 -40.56
N ALA B 421 2.83 13.04 -40.06
CA ALA B 421 2.69 11.61 -40.28
C ALA B 421 2.59 10.90 -38.95
N PRO B 422 1.75 9.86 -38.87
CA PRO B 422 1.61 9.11 -37.62
C PRO B 422 2.91 8.45 -37.21
N LYS B 423 3.17 8.37 -35.91
CA LYS B 423 4.31 7.63 -35.41
C LYS B 423 3.86 6.63 -34.37
N THR B 424 4.75 5.70 -34.01
CA THR B 424 4.41 4.65 -33.07
C THR B 424 5.41 4.57 -31.92
N ILE B 425 4.91 4.53 -30.70
CA ILE B 425 5.72 4.11 -29.56
C ILE B 425 5.59 2.61 -29.43
N ARG B 426 6.67 1.88 -29.70
CA ARG B 426 6.61 0.43 -29.67
C ARG B 426 6.65 -0.10 -28.24
N ASP B 427 5.72 -1.00 -27.93
CA ASP B 427 5.63 -1.59 -26.59
C ASP B 427 5.26 -0.56 -25.52
N ALA B 428 4.26 0.26 -25.81
CA ALA B 428 3.84 1.31 -24.90
C ALA B 428 3.03 0.78 -23.71
N PHE B 429 2.25 -0.27 -23.95
CA PHE B 429 1.48 -0.92 -22.90
C PHE B 429 2.00 -2.33 -22.65
N CYS B 430 1.78 -2.83 -21.44
CA CYS B 430 1.97 -4.24 -21.17
C CYS B 430 0.77 -4.75 -20.38
N VAL B 431 0.37 -5.98 -20.66
CA VAL B 431 -0.72 -6.62 -19.95
C VAL B 431 -0.23 -7.98 -19.50
N PHE B 432 -0.47 -8.32 -18.24
CA PHE B 432 -0.01 -9.59 -17.73
C PHE B 432 -0.76 -10.01 -16.48
N GLU B 433 -0.88 -11.32 -16.29
CA GLU B 433 -1.28 -11.86 -15.01
C GLU B 433 -0.04 -11.89 -14.13
N GLN B 434 -0.20 -11.47 -12.88
CA GLN B 434 0.88 -11.51 -11.91
C GLN B 434 0.46 -12.35 -10.72
N ASN B 435 1.30 -13.30 -10.33
CA ASN B 435 1.08 -14.05 -9.11
C ASN B 435 1.63 -13.24 -7.95
N GLN B 436 0.74 -12.74 -7.10
CA GLN B 436 1.12 -11.83 -6.03
C GLN B 436 2.02 -12.45 -4.97
N GLY B 437 2.04 -13.79 -4.89
CA GLY B 437 2.80 -14.47 -3.86
C GLY B 437 2.20 -14.20 -2.48
N LEU B 438 0.88 -14.16 -2.46
CA LEU B 438 0.13 -13.78 -1.27
C LEU B 438 -1.27 -14.37 -1.43
N PRO B 439 -1.83 -14.93 -0.35
CA PRO B 439 -3.18 -15.48 -0.52
C PRO B 439 -4.21 -14.36 -0.64
N LEU B 440 -5.22 -14.58 -1.48
CA LEU B 440 -6.34 -13.66 -1.54
C LEU B 440 -7.19 -13.86 -0.31
N ARG B 441 -7.31 -15.12 0.09
CA ARG B 441 -8.06 -15.51 1.26
C ARG B 441 -7.61 -16.90 1.66
N ARG B 442 -7.81 -17.25 2.92
CA ARG B 442 -7.47 -18.59 3.39
C ARG B 442 -7.93 -18.82 4.81
N HIS B 443 -8.08 -20.09 5.18
CA HIS B 443 -8.40 -20.46 6.54
C HIS B 443 -7.98 -21.90 6.84
N HIS B 444 -7.17 -22.05 7.88
CA HIS B 444 -6.75 -23.37 8.34
C HIS B 444 -7.48 -23.71 9.62
N SER B 445 -8.30 -24.76 9.58
CA SER B 445 -9.10 -25.13 10.75
C SER B 445 -8.58 -26.36 11.50
N ASP B 446 -8.07 -26.13 12.69
CA ASP B 446 -7.70 -27.20 13.60
C ASP B 446 -8.83 -27.44 14.59
N LEU B 447 -9.87 -26.61 14.51
CA LEU B 447 -10.89 -26.52 15.53
C LEU B 447 -12.20 -27.23 15.15
N TYR B 448 -12.56 -28.25 15.92
CA TYR B 448 -13.80 -29.00 15.72
C TYR B 448 -13.82 -29.81 14.44
N SER B 449 -13.58 -29.14 13.31
CA SER B 449 -13.56 -29.77 12.00
C SER B 449 -12.25 -29.46 11.29
N HIS B 450 -11.61 -30.49 10.75
CA HIS B 450 -10.29 -30.33 10.12
C HIS B 450 -10.36 -30.07 8.62
N TYR B 451 -10.01 -28.85 8.20
CA TYR B 451 -10.04 -28.51 6.78
C TYR B 451 -9.14 -27.33 6.45
N PHE B 452 -8.81 -27.18 5.18
CA PHE B 452 -8.15 -25.98 4.68
C PHE B 452 -8.83 -25.52 3.40
N GLY B 453 -9.05 -24.21 3.28
CA GLY B 453 -9.62 -23.63 2.09
C GLY B 453 -8.97 -22.30 1.80
N GLY B 454 -8.35 -22.18 0.63
CA GLY B 454 -7.64 -20.97 0.27
C GLY B 454 -7.47 -20.75 -1.22
N LEU B 455 -6.93 -19.58 -1.56
CA LEU B 455 -6.75 -19.19 -2.95
C LEU B 455 -5.59 -18.19 -3.03
N ALA B 456 -4.58 -18.51 -3.82
CA ALA B 456 -3.49 -17.58 -4.04
C ALA B 456 -3.93 -16.49 -4.99
N GLU B 457 -3.70 -15.24 -4.61
CA GLU B 457 -4.15 -14.14 -5.47
C GLU B 457 -3.28 -13.98 -6.71
N THR B 458 -3.90 -14.16 -7.87
CA THR B 458 -3.31 -13.76 -9.13
C THR B 458 -4.05 -12.51 -9.59
N VAL B 459 -3.35 -11.58 -10.20
CA VAL B 459 -3.93 -10.29 -10.51
C VAL B 459 -3.74 -9.92 -11.99
N LEU B 460 -4.60 -9.07 -12.52
CA LEU B 460 -4.49 -8.65 -13.92
C LEU B 460 -4.03 -7.21 -14.03
N VAL B 461 -2.92 -6.97 -14.72
CA VAL B 461 -2.31 -5.65 -14.76
C VAL B 461 -2.18 -5.06 -16.17
N VAL B 462 -2.50 -3.76 -16.27
CA VAL B 462 -2.21 -2.99 -17.48
C VAL B 462 -1.29 -1.84 -17.07
N ARG B 463 -0.12 -1.76 -17.70
CA ARG B 463 0.86 -0.75 -17.32
C ARG B 463 1.36 0.08 -18.49
N SER B 464 1.50 1.37 -18.26
CA SER B 464 2.18 2.26 -19.19
C SER B 464 3.08 3.21 -18.41
N MET B 465 4.22 3.63 -18.93
CA MET B 465 4.99 4.68 -18.26
C MET B 465 5.23 5.89 -19.12
N SER B 466 5.16 7.05 -18.51
CA SER B 466 5.48 8.29 -19.14
C SER B 466 6.77 8.80 -18.62
N THR B 467 7.69 9.10 -19.49
CA THR B 467 8.89 9.74 -19.08
C THR B 467 8.84 11.22 -19.41
N LEU B 468 8.47 12.05 -18.45
CA LEU B 468 8.43 13.49 -18.65
C LEU B 468 9.74 14.13 -18.26
N LEU B 469 10.62 14.31 -19.25
CA LEU B 469 11.95 14.84 -19.02
C LEU B 469 12.72 13.95 -18.06
N ASN B 470 12.72 14.29 -16.78
CA ASN B 470 13.54 13.55 -15.82
C ASN B 470 12.86 12.35 -15.14
C14 T0I B 471 9.71 17.04 -15.27
C15 T0I B 471 8.95 17.86 -16.09
N11 T0I B 471 7.69 17.78 -15.68
C12 T0I B 471 7.62 16.93 -14.62
N13 T0I B 471 8.88 16.48 -14.39
C5 T0I B 471 9.27 15.56 -13.37
C6 T0I B 471 9.40 14.21 -13.65
C4 T0I B 471 9.58 16.03 -12.10
O4 T0I B 471 9.48 17.37 -11.82
C3 T0I B 471 9.98 15.13 -11.10
C2 T0I B 471 10.10 13.78 -11.39
O2 T0I B 471 10.51 12.91 -10.41
C1 T0I B 471 9.81 13.33 -12.68
CB T0I B 471 9.93 11.89 -13.00
CA T0I B 471 10.95 11.44 -14.01
C T0I B 471 10.25 10.51 -14.94
O T0I B 471 9.75 10.90 -15.98
N T0I B 471 11.61 12.52 -14.69
N ASP B 472 10.21 9.25 -14.53
CA ASP B 472 9.39 8.23 -15.18
C ASP B 472 8.20 7.90 -14.29
N TYR B 473 6.99 8.21 -14.73
CA TYR B 473 5.83 7.81 -13.99
C TYR B 473 5.30 6.51 -14.46
N VAL B 474 5.13 5.58 -13.56
CA VAL B 474 4.58 4.26 -13.86
C VAL B 474 3.11 4.23 -13.47
N TRP B 475 2.24 4.01 -14.45
CA TRP B 475 0.81 3.97 -14.19
C TRP B 475 0.30 2.54 -14.23
N ASP B 476 -0.26 2.08 -13.11
CA ASP B 476 -0.78 0.73 -13.01
C ASP B 476 -2.29 0.71 -12.93
N THR B 477 -2.89 -0.27 -13.60
CA THR B 477 -4.31 -0.56 -13.43
C THR B 477 -4.41 -2.04 -13.11
N VAL B 478 -4.82 -2.34 -11.89
CA VAL B 478 -4.77 -3.71 -11.40
C VAL B 478 -6.16 -4.26 -11.08
N PHE B 479 -6.46 -5.42 -11.66
CA PHE B 479 -7.78 -6.02 -11.52
C PHE B 479 -7.72 -7.28 -10.65
N HIS B 480 -8.32 -7.19 -9.47
CA HIS B 480 -8.27 -8.29 -8.51
C HIS B 480 -9.43 -9.28 -8.69
N PRO B 481 -9.18 -10.57 -8.38
CA PRO B 481 -10.15 -11.65 -8.55
C PRO B 481 -11.33 -11.53 -7.62
N SER B 482 -11.30 -10.54 -6.72
CA SER B 482 -12.33 -10.36 -5.72
C SER B 482 -13.41 -9.37 -6.18
N GLY B 483 -13.14 -8.71 -7.30
CA GLY B 483 -14.04 -7.69 -7.80
C GLY B 483 -13.48 -6.29 -7.60
N ALA B 484 -12.31 -6.20 -6.98
CA ALA B 484 -11.73 -4.91 -6.66
C ALA B 484 -10.84 -4.39 -7.78
N ILE B 485 -10.77 -3.08 -7.90
CA ILE B 485 -9.89 -2.46 -8.88
C ILE B 485 -8.89 -1.57 -8.16
N GLU B 486 -7.61 -1.73 -8.51
CA GLU B 486 -6.54 -0.97 -7.88
C GLU B 486 -5.86 -0.07 -8.90
N ILE B 487 -5.79 1.22 -8.60
CA ILE B 487 -5.07 2.17 -9.44
C ILE B 487 -3.80 2.65 -8.74
N ARG B 488 -2.67 2.44 -9.40
CA ARG B 488 -1.37 2.77 -8.81
C ARG B 488 -0.57 3.76 -9.65
N PHE B 489 0.24 4.56 -8.97
CA PHE B 489 1.07 5.56 -9.63
C PHE B 489 2.41 5.67 -8.92
N TYR B 490 3.43 5.10 -9.55
CA TYR B 490 4.80 5.15 -9.01
C TYR B 490 5.62 6.19 -9.77
N ALA B 491 6.42 6.96 -9.04
CA ALA B 491 7.32 7.90 -9.69
C ALA B 491 8.76 7.43 -9.51
N THR B 492 9.48 7.29 -10.61
CA THR B 492 10.88 6.87 -10.58
C THR B 492 11.67 7.71 -11.60
N GLY B 493 12.89 7.30 -11.91
CA GLY B 493 13.76 8.06 -12.78
C GLY B 493 14.62 9.07 -12.03
N TYR B 494 15.08 10.11 -12.72
CA TYR B 494 15.94 11.11 -12.12
C TYR B 494 15.14 12.20 -11.43
N ILE B 495 15.76 12.84 -10.44
CA ILE B 495 15.18 14.01 -9.79
C ILE B 495 15.64 15.26 -10.50
N SER B 496 14.83 16.31 -10.45
CA SER B 496 15.23 17.62 -10.92
C SER B 496 16.10 18.23 -9.83
N SER B 497 17.24 18.80 -10.21
CA SER B 497 18.15 19.36 -9.21
C SER B 497 18.53 20.81 -9.49
N ALA B 498 19.15 21.44 -8.49
CA ALA B 498 19.68 22.79 -8.62
C ALA B 498 21.16 22.78 -8.24
N PHE B 499 21.87 23.85 -8.55
CA PHE B 499 23.26 23.96 -8.14
C PHE B 499 23.33 24.22 -6.63
N LEU B 500 24.17 23.52 -5.92
CA LEU B 500 24.25 23.68 -4.49
C LEU B 500 24.98 24.89 -3.95
N PHE B 501 24.24 25.82 -3.40
CA PHE B 501 24.84 27.02 -2.97
C PHE B 501 23.87 27.75 -2.09
N GLY B 502 24.25 28.01 -0.86
CA GLY B 502 23.45 28.84 -0.04
C GLY B 502 22.98 28.14 1.20
N ALA B 503 21.86 28.62 1.73
CA ALA B 503 21.16 27.99 2.84
C ALA B 503 20.24 26.90 2.33
N THR B 504 20.83 25.82 1.84
CA THR B 504 20.09 24.72 1.22
C THR B 504 19.19 23.97 2.19
N GLY B 505 19.43 24.13 3.49
CA GLY B 505 18.68 23.41 4.49
C GLY B 505 17.17 23.45 4.31
N LYS B 506 16.65 24.63 4.00
CA LYS B 506 15.21 24.81 3.87
C LYS B 506 14.65 24.38 2.53
N TYR B 507 15.51 23.86 1.65
CA TYR B 507 15.08 23.60 0.29
C TYR B 507 15.50 22.24 -0.25
N GLY B 508 15.99 21.37 0.63
CA GLY B 508 16.36 20.04 0.22
C GLY B 508 17.62 19.53 0.88
N ASN B 509 18.16 18.44 0.35
CA ASN B 509 19.40 17.86 0.86
C ASN B 509 20.50 17.83 -0.19
N GLN B 510 21.74 17.89 0.27
CA GLN B 510 22.85 17.68 -0.64
C GLN B 510 22.86 16.20 -0.99
N VAL B 511 23.09 15.91 -2.26
CA VAL B 511 22.83 14.59 -2.79
C VAL B 511 24.02 14.07 -3.60
N SER B 512 24.77 15.01 -4.17
CA SER B 512 26.03 14.72 -4.84
C SER B 512 26.89 15.97 -4.67
N GLU B 513 28.14 15.93 -5.16
CA GLU B 513 28.95 17.13 -5.14
C GLU B 513 28.26 18.22 -5.95
N HIS B 514 27.98 19.35 -5.31
CA HIS B 514 27.37 20.51 -5.97
C HIS B 514 25.89 20.32 -6.30
N THR B 515 25.34 19.16 -5.97
CA THR B 515 23.97 18.84 -6.37
C THR B 515 22.96 18.92 -5.22
N LEU B 516 22.06 19.90 -5.30
CA LEU B 516 20.97 20.00 -4.33
C LEU B 516 19.72 19.32 -4.87
N GLY B 517 19.24 18.31 -4.14
CA GLY B 517 17.96 17.70 -4.46
C GLY B 517 16.84 18.57 -3.93
N THR B 518 16.16 19.28 -4.83
CA THR B 518 15.14 20.24 -4.41
C THR B 518 13.87 19.59 -3.89
N VAL B 519 13.31 20.18 -2.84
CA VAL B 519 12.08 19.70 -2.24
C VAL B 519 10.89 20.00 -3.15
N HIS B 520 9.95 19.07 -3.22
CA HIS B 520 8.79 19.22 -4.08
C HIS B 520 7.66 18.29 -3.65
N THR B 521 6.46 18.55 -4.16
CA THR B 521 5.34 17.65 -3.93
C THR B 521 4.86 17.03 -5.24
N HIS B 522 4.38 15.80 -5.15
CA HIS B 522 3.76 15.14 -6.29
C HIS B 522 2.27 15.00 -6.02
N SER B 523 1.50 14.98 -7.09
CA SER B 523 0.07 14.71 -7.00
C SER B 523 -0.51 14.45 -8.38
N ALA B 524 -1.26 13.36 -8.49
CA ALA B 524 -1.95 13.04 -9.72
C ALA B 524 -3.44 13.14 -9.44
N HIS B 525 -4.23 13.39 -10.48
CA HIS B 525 -5.67 13.47 -10.32
C HIS B 525 -6.33 12.37 -11.14
N PHE B 526 -7.30 11.69 -10.56
CA PHE B 526 -7.93 10.55 -11.24
C PHE B 526 -9.44 10.72 -11.36
N LYS B 527 -9.96 10.39 -12.54
CA LYS B 527 -11.39 10.43 -12.79
C LYS B 527 -11.95 9.01 -12.65
N VAL B 528 -12.87 8.84 -11.71
CA VAL B 528 -13.47 7.54 -11.48
C VAL B 528 -14.98 7.59 -11.67
N ASP B 529 -15.41 7.32 -12.90
CA ASP B 529 -16.81 7.30 -13.24
C ASP B 529 -17.39 5.91 -13.02
N LEU B 530 -17.74 5.63 -11.76
CA LEU B 530 -18.40 4.38 -11.40
C LEU B 530 -19.86 4.41 -11.83
N ASP B 531 -20.31 3.39 -12.53
CA ASP B 531 -21.73 3.21 -12.77
C ASP B 531 -22.24 2.03 -11.94
N VAL B 532 -22.34 2.23 -10.62
CA VAL B 532 -22.67 1.12 -9.73
C VAL B 532 -24.07 0.59 -9.94
N ALA B 533 -24.16 -0.61 -10.54
CA ALA B 533 -25.44 -1.24 -10.81
C ALA B 533 -26.38 -0.28 -11.53
N GLY B 534 -25.86 0.36 -12.58
CA GLY B 534 -26.63 1.34 -13.32
C GLY B 534 -26.05 2.74 -13.17
N LEU B 535 -26.70 3.71 -13.80
CA LEU B 535 -26.20 5.08 -13.82
C LEU B 535 -26.50 5.86 -12.55
N GLU B 536 -27.69 5.71 -12.02
CA GLU B 536 -28.11 6.43 -10.86
C GLU B 536 -27.45 5.97 -9.60
N ASN B 537 -26.60 6.81 -9.03
CA ASN B 537 -25.90 6.50 -7.83
C ASN B 537 -26.10 7.51 -6.75
N TRP B 538 -25.72 7.13 -5.55
CA TRP B 538 -25.81 7.94 -4.36
C TRP B 538 -24.47 7.77 -3.69
N VAL B 539 -24.07 8.65 -2.80
CA VAL B 539 -22.83 8.45 -2.05
C VAL B 539 -23.11 8.35 -0.55
N TRP B 540 -22.54 7.31 0.06
CA TRP B 540 -22.71 7.05 1.48
C TRP B 540 -21.42 7.26 2.26
N ALA B 541 -21.56 7.81 3.46
CA ALA B 541 -20.44 7.91 4.39
C ALA B 541 -20.75 7.09 5.63
N GLU B 542 -20.07 5.96 5.77
CA GLU B 542 -20.21 5.15 6.97
C GLU B 542 -18.93 5.23 7.80
N ASP B 543 -19.08 5.13 9.11
CA ASP B 543 -17.94 5.25 10.01
C ASP B 543 -18.30 4.72 11.39
N MET B 544 -17.40 4.87 12.35
CA MET B 544 -17.63 4.31 13.69
C MET B 544 -17.85 5.39 14.74
N VAL B 545 -18.24 4.96 15.93
CA VAL B 545 -18.44 5.86 17.05
C VAL B 545 -18.63 5.04 18.32
N PHE B 546 -18.09 5.54 19.44
CA PHE B 546 -18.29 4.91 20.73
C PHE B 546 -19.32 5.68 21.56
N VAL B 547 -20.34 4.97 22.02
CA VAL B 547 -21.37 5.59 22.84
C VAL B 547 -21.30 5.04 24.26
N PRO B 548 -20.81 5.87 25.19
CA PRO B 548 -20.75 5.45 26.60
C PRO B 548 -22.15 5.14 27.12
N MET B 549 -22.32 3.96 27.71
CA MET B 549 -23.58 3.59 28.31
C MET B 549 -23.38 2.53 29.39
N ALA B 550 -24.48 2.10 30.00
CA ALA B 550 -24.39 1.12 31.07
C ALA B 550 -24.56 -0.29 30.55
N VAL B 551 -23.79 -1.23 31.09
CA VAL B 551 -23.90 -2.63 30.71
C VAL B 551 -25.32 -3.10 31.02
N PRO B 552 -26.09 -3.41 29.97
CA PRO B 552 -27.49 -3.81 30.07
C PRO B 552 -27.77 -4.87 31.14
N TRP B 553 -26.78 -5.68 31.49
CA TRP B 553 -26.99 -6.73 32.49
C TRP B 553 -26.20 -6.51 33.78
N SER B 554 -25.60 -5.32 33.91
CA SER B 554 -24.83 -4.97 35.09
C SER B 554 -24.76 -3.45 35.18
N PRO B 555 -25.88 -2.82 35.58
CA PRO B 555 -26.15 -1.37 35.51
C PRO B 555 -25.11 -0.45 36.14
N GLU B 556 -24.43 -0.87 37.21
CA GLU B 556 -23.44 0.01 37.84
C GLU B 556 -22.08 -0.13 37.14
N HIS B 557 -22.09 -0.80 36.01
CA HIS B 557 -20.89 -0.93 35.18
C HIS B 557 -21.02 -0.16 33.88
N GLN B 558 -19.88 0.27 33.34
CA GLN B 558 -19.85 1.05 32.11
C GLN B 558 -19.22 0.28 30.97
N LEU B 559 -19.67 0.55 29.74
CA LEU B 559 -19.08 -0.03 28.56
C LEU B 559 -19.09 0.98 27.42
N GLN B 560 -18.04 0.98 26.62
CA GLN B 560 -17.95 1.88 25.48
C GLN B 560 -18.56 1.21 24.25
N ARG B 561 -19.83 1.52 23.98
CA ARG B 561 -20.60 0.84 22.94
C ARG B 561 -20.17 1.26 21.53
N LEU B 562 -19.62 0.32 20.78
CA LEU B 562 -19.19 0.60 19.42
C LEU B 562 -20.38 0.53 18.46
N GLN B 563 -20.53 1.57 17.65
CA GLN B 563 -21.64 1.65 16.72
C GLN B 563 -21.21 2.08 15.32
N VAL B 564 -22.00 1.70 14.33
CA VAL B 564 -21.81 2.18 12.96
C VAL B 564 -22.63 3.44 12.74
N THR B 565 -22.09 4.35 11.94
CA THR B 565 -22.80 5.58 11.60
C THR B 565 -22.91 5.70 10.08
N ARG B 566 -24.14 5.88 9.60
CA ARG B 566 -24.39 5.97 8.16
C ARG B 566 -25.03 7.32 7.81
N LYS B 567 -24.37 8.07 6.94
CA LYS B 567 -24.90 9.36 6.51
C LYS B 567 -24.99 9.39 5.00
N LEU B 568 -26.06 9.99 4.48
CA LEU B 568 -26.21 10.14 3.05
C LEU B 568 -25.72 11.53 2.64
N LEU B 569 -24.69 11.57 1.81
CA LEU B 569 -24.18 12.83 1.29
C LEU B 569 -24.98 13.19 0.04
N GLU B 570 -25.72 14.28 0.11
CA GLU B 570 -26.73 14.61 -0.91
C GLU B 570 -26.34 15.74 -1.88
N MET B 571 -25.48 16.65 -1.43
CA MET B 571 -25.02 17.75 -2.28
C MET B 571 -23.54 17.62 -2.61
N GLU B 572 -23.16 18.06 -3.81
CA GLU B 572 -21.78 17.94 -4.26
C GLU B 572 -20.78 18.36 -3.18
N GLU B 573 -21.10 19.43 -2.46
CA GLU B 573 -20.20 19.94 -1.43
C GLU B 573 -20.01 18.97 -0.27
N GLN B 574 -21.07 18.25 0.11
CA GLN B 574 -20.99 17.31 1.22
C GLN B 574 -20.00 16.19 0.92
N ALA B 575 -19.76 15.93 -0.36
CA ALA B 575 -18.91 14.83 -0.77
C ALA B 575 -17.59 15.32 -1.34
N ALA B 576 -17.28 16.59 -1.10
CA ALA B 576 -15.99 17.14 -1.46
C ALA B 576 -15.13 17.24 -0.21
N PHE B 577 -13.98 16.59 -0.21
CA PHE B 577 -13.14 16.51 0.97
C PHE B 577 -11.78 17.15 0.74
N LEU B 578 -11.51 18.25 1.37
CA LEU B 578 -10.26 18.89 1.16
C LEU B 578 -9.14 18.11 1.75
N VAL B 579 -7.96 18.34 1.26
CA VAL B 579 -6.82 17.72 1.81
C VAL B 579 -6.66 18.26 3.18
N GLY B 580 -6.41 17.41 4.16
CA GLY B 580 -6.16 17.86 5.48
C GLY B 580 -7.28 17.75 6.47
N SER B 581 -8.51 17.79 6.01
CA SER B 581 -9.67 17.45 6.83
C SER B 581 -9.87 15.93 6.82
N ALA B 582 -10.66 15.43 7.76
CA ALA B 582 -10.86 13.99 7.88
C ALA B 582 -11.95 13.49 6.95
N THR B 583 -11.77 12.27 6.44
CA THR B 583 -12.73 11.66 5.53
C THR B 583 -13.31 10.38 6.12
N PRO B 584 -14.59 10.11 5.81
CA PRO B 584 -15.26 8.89 6.28
C PRO B 584 -14.43 7.65 5.98
N ARG B 585 -14.23 6.79 6.97
CA ARG B 585 -13.49 5.55 6.79
C ARG B 585 -14.11 4.68 5.69
N TYR B 586 -15.43 4.62 5.67
CA TYR B 586 -16.15 3.96 4.59
C TYR B 586 -16.88 4.99 3.76
N LEU B 587 -16.42 5.17 2.52
CA LEU B 587 -17.08 6.08 1.60
C LEU B 587 -17.30 5.37 0.28
N TYR B 588 -18.55 5.28 -0.15
CA TYR B 588 -18.88 4.52 -1.36
C TYR B 588 -20.04 5.08 -2.16
N LEU B 589 -20.00 4.84 -3.46
CA LEU B 589 -21.13 5.13 -4.32
C LEU B 589 -21.97 3.86 -4.36
N ALA B 590 -23.28 4.03 -4.34
CA ALA B 590 -24.18 2.88 -4.35
C ALA B 590 -25.41 3.11 -5.20
N SER B 591 -26.00 2.01 -5.64
CA SER B 591 -27.32 2.04 -6.24
C SER B 591 -28.32 2.08 -5.10
N ASN B 592 -29.57 2.35 -5.42
CA ASN B 592 -30.62 2.22 -4.40
C ASN B 592 -31.19 0.81 -4.44
N HIS B 593 -30.70 0.01 -5.39
CA HIS B 593 -31.00 -1.41 -5.45
C HIS B 593 -30.20 -2.17 -4.40
N SER B 594 -30.80 -3.18 -3.79
CA SER B 594 -30.16 -3.91 -2.71
C SER B 594 -29.61 -5.25 -3.19
N ASN B 595 -28.67 -5.80 -2.42
CA ASN B 595 -28.21 -7.17 -2.64
C ASN B 595 -29.19 -8.13 -1.98
N LYS B 596 -28.85 -9.41 -1.99
CA LYS B 596 -29.71 -10.44 -1.43
C LYS B 596 -30.10 -10.15 0.03
N TRP B 597 -29.25 -9.40 0.73
CA TRP B 597 -29.47 -9.16 2.16
C TRP B 597 -29.97 -7.74 2.42
N GLY B 598 -30.37 -7.06 1.35
CA GLY B 598 -31.07 -5.79 1.47
C GLY B 598 -30.22 -4.61 1.91
N HIS B 599 -28.94 -4.61 1.53
CA HIS B 599 -28.09 -3.45 1.71
C HIS B 599 -27.84 -2.83 0.35
N PRO B 600 -27.63 -1.51 0.31
CA PRO B 600 -27.38 -0.84 -0.97
C PRO B 600 -26.15 -1.42 -1.67
N ARG B 601 -26.29 -1.78 -2.94
CA ARG B 601 -25.17 -2.28 -3.72
C ARG B 601 -24.18 -1.15 -3.95
N GLY B 602 -22.96 -1.29 -3.43
CA GLY B 602 -22.01 -0.22 -3.49
C GLY B 602 -20.57 -0.60 -3.82
N TYR B 603 -19.81 0.39 -4.28
CA TYR B 603 -18.38 0.27 -4.44
C TYR B 603 -17.73 1.39 -3.66
N ARG B 604 -16.76 1.07 -2.80
CA ARG B 604 -16.13 2.10 -1.99
C ARG B 604 -14.77 2.54 -2.51
N ILE B 605 -14.42 3.78 -2.22
CA ILE B 605 -13.17 4.36 -2.66
C ILE B 605 -12.20 4.45 -1.49
N GLN B 606 -11.17 3.62 -1.52
CA GLN B 606 -10.15 3.60 -0.49
C GLN B 606 -8.89 4.28 -0.99
N MET B 607 -8.54 5.41 -0.37
CA MET B 607 -7.40 6.20 -0.83
C MET B 607 -6.07 5.81 -0.21
N LEU B 608 -5.08 5.58 -1.07
CA LEU B 608 -3.70 5.39 -0.62
C LEU B 608 -2.93 6.65 -0.99
N SER B 609 -2.86 7.60 -0.07
CA SER B 609 -2.18 8.87 -0.35
C SER B 609 -1.46 9.41 0.88
N PHE B 610 -0.33 10.07 0.64
CA PHE B 610 0.40 10.77 1.69
C PHE B 610 0.54 12.23 1.31
N ALA B 611 -0.53 12.78 0.73
CA ALA B 611 -0.52 14.10 0.11
C ALA B 611 0.22 15.15 0.92
N GLY B 612 0.96 16.01 0.21
CA GLY B 612 1.63 17.14 0.85
C GLY B 612 0.71 18.33 0.93
N GLU B 613 1.22 19.47 1.36
CA GLU B 613 0.44 20.69 1.40
C GLU B 613 0.13 21.15 -0.02
N PRO B 614 -1.16 21.31 -0.34
CA PRO B 614 -1.52 21.91 -1.62
C PRO B 614 -1.00 23.33 -1.71
N LEU B 615 -0.64 23.79 -2.90
CA LEU B 615 -0.25 25.17 -3.07
C LEU B 615 -1.35 26.05 -2.48
N PRO B 616 -0.95 27.03 -1.67
CA PRO B 616 -1.92 27.92 -1.01
C PRO B 616 -2.82 28.64 -2.01
N GLN B 617 -4.08 28.81 -1.65
CA GLN B 617 -5.08 29.45 -2.50
C GLN B 617 -4.73 30.90 -2.85
N ASN B 618 -3.96 31.56 -1.99
CA ASN B 618 -3.62 32.96 -2.19
C ASN B 618 -2.69 33.16 -3.39
N SER B 619 -2.29 32.05 -4.00
CA SER B 619 -1.49 32.09 -5.22
C SER B 619 -2.39 32.32 -6.43
N SER B 620 -2.05 33.32 -7.23
CA SER B 620 -2.85 33.67 -8.40
C SER B 620 -2.91 32.52 -9.42
N MET B 621 -2.06 31.52 -9.24
CA MET B 621 -1.95 30.43 -10.22
C MET B 621 -2.55 29.12 -9.72
N ALA B 622 -3.11 29.13 -8.51
CA ALA B 622 -3.55 27.90 -7.88
C ALA B 622 -4.84 27.32 -8.47
N ARG B 623 -5.55 28.13 -9.25
CA ARG B 623 -6.76 27.63 -9.87
C ARG B 623 -6.47 26.88 -11.17
N GLY B 624 -5.18 26.73 -11.47
CA GLY B 624 -4.73 25.95 -12.61
C GLY B 624 -4.66 24.47 -12.27
N PHE B 625 -4.75 24.17 -10.98
CA PHE B 625 -4.78 22.79 -10.51
C PHE B 625 -5.54 22.67 -9.19
N SER B 626 -6.73 23.28 -9.15
CA SER B 626 -7.50 23.34 -7.92
C SER B 626 -7.97 21.96 -7.45
N TRP B 627 -7.73 20.94 -8.26
CA TRP B 627 -8.01 19.56 -7.85
C TRP B 627 -7.03 19.11 -6.77
N GLU B 628 -5.93 19.85 -6.63
CA GLU B 628 -4.89 19.50 -5.67
C GLU B 628 -5.35 19.69 -4.23
N ARG B 629 -6.38 20.45 -4.03
CA ARG B 629 -6.82 20.78 -2.72
C ARG B 629 -7.78 19.84 -2.21
N TYR B 630 -8.16 18.90 -3.03
CA TYR B 630 -9.13 17.87 -2.67
C TYR B 630 -8.49 16.49 -2.62
N GLN B 631 -8.79 15.75 -1.57
CA GLN B 631 -8.46 14.33 -1.55
C GLN B 631 -9.42 13.64 -2.50
N LEU B 632 -10.70 13.94 -2.32
CA LEU B 632 -11.76 13.28 -3.07
C LEU B 632 -12.97 14.19 -3.20
N ALA B 633 -13.67 14.06 -4.33
CA ALA B 633 -14.89 14.81 -4.57
C ALA B 633 -15.82 13.99 -5.43
N VAL B 634 -17.12 14.24 -5.32
CA VAL B 634 -18.10 13.55 -6.15
C VAL B 634 -19.05 14.56 -6.79
N THR B 635 -19.07 14.58 -8.11
CA THR B 635 -19.90 15.52 -8.86
C THR B 635 -20.90 14.80 -9.75
N GLN B 636 -21.90 15.52 -10.23
CA GLN B 636 -22.73 15.02 -11.31
C GLN B 636 -21.85 14.93 -12.54
N ARG B 637 -21.93 13.81 -13.25
CA ARG B 637 -21.16 13.65 -14.47
C ARG B 637 -21.81 14.45 -15.59
N LYS B 638 -20.99 15.15 -16.37
CA LYS B 638 -21.50 15.99 -17.44
C LYS B 638 -20.61 15.90 -18.67
N GLU B 639 -21.23 15.89 -19.86
CA GLU B 639 -20.46 15.85 -21.10
C GLU B 639 -19.54 17.04 -21.20
N GLU B 640 -19.97 18.18 -20.65
CA GLU B 640 -19.21 19.42 -20.74
C GLU B 640 -18.18 19.55 -19.62
N GLU B 641 -18.16 18.56 -18.73
CA GLU B 641 -17.12 18.47 -17.72
C GLU B 641 -16.33 17.18 -17.93
N PRO B 642 -15.70 17.04 -19.12
CA PRO B 642 -15.03 15.80 -19.50
C PRO B 642 -13.71 15.59 -18.76
N SER B 643 -13.00 16.67 -18.50
CA SER B 643 -11.70 16.58 -17.84
C SER B 643 -11.54 17.64 -16.75
N SER B 644 -10.74 17.31 -15.73
CA SER B 644 -10.51 18.22 -14.62
C SER B 644 -9.29 19.11 -14.85
N SER B 645 -8.60 18.87 -15.96
CA SER B 645 -7.45 19.70 -16.33
C SER B 645 -7.48 19.98 -17.83
N SER B 646 -6.39 20.53 -18.35
CA SER B 646 -6.30 20.85 -19.76
C SER B 646 -4.86 20.97 -20.22
N VAL B 647 -4.60 20.58 -21.45
CA VAL B 647 -3.27 20.72 -22.03
C VAL B 647 -2.87 22.20 -21.98
N PHE B 648 -3.85 23.07 -21.78
CA PHE B 648 -3.66 24.51 -21.87
C PHE B 648 -3.49 25.23 -20.54
N ASN B 649 -3.59 24.50 -19.43
CA ASN B 649 -3.43 25.11 -18.12
C ASN B 649 -1.99 25.46 -17.79
N GLN B 650 -1.07 24.63 -18.27
CA GLN B 650 0.35 24.79 -17.98
C GLN B 650 0.88 26.20 -18.16
N ASN B 651 0.62 26.79 -19.33
CA ASN B 651 1.22 28.08 -19.68
C ASN B 651 0.38 29.31 -19.38
N ASP B 652 -0.74 29.09 -18.70
CA ASP B 652 -1.53 30.19 -18.17
C ASP B 652 -2.43 29.71 -17.02
N PRO B 653 -1.80 29.24 -15.93
CA PRO B 653 -2.57 28.79 -14.76
C PRO B 653 -3.31 29.95 -14.10
N TRP B 654 -2.95 31.17 -14.47
CA TRP B 654 -3.61 32.36 -13.93
C TRP B 654 -4.98 32.55 -14.57
N ALA B 655 -5.06 32.16 -15.84
CA ALA B 655 -6.32 32.13 -16.56
C ALA B 655 -6.60 30.70 -17.02
N PRO B 656 -7.03 29.85 -16.08
CA PRO B 656 -7.19 28.41 -16.33
C PRO B 656 -8.23 28.09 -17.40
N THR B 657 -7.89 27.19 -18.31
CA THR B 657 -8.81 26.77 -19.36
C THR B 657 -9.94 25.96 -18.76
N VAL B 658 -9.61 25.14 -17.77
CA VAL B 658 -10.62 24.52 -16.92
C VAL B 658 -10.20 24.66 -15.47
N ASP B 659 -11.17 24.95 -14.62
CA ASP B 659 -10.92 25.13 -13.19
C ASP B 659 -11.75 24.11 -12.42
N PHE B 660 -11.13 22.99 -12.07
CA PHE B 660 -11.84 21.85 -11.52
C PHE B 660 -12.84 22.21 -10.42
N SER B 661 -12.56 23.28 -9.69
CA SER B 661 -13.43 23.70 -8.59
C SER B 661 -14.83 24.05 -9.08
N ASP B 662 -14.96 24.34 -10.38
CA ASP B 662 -16.23 24.70 -10.97
C ASP B 662 -17.23 23.55 -10.95
N PHE B 663 -16.72 22.32 -10.94
CA PHE B 663 -17.57 21.14 -10.97
C PHE B 663 -18.34 20.98 -9.67
N ILE B 664 -17.89 21.67 -8.62
CA ILE B 664 -18.57 21.62 -7.34
C ILE B 664 -19.40 22.89 -7.16
N ASN B 665 -20.69 22.78 -7.44
CA ASN B 665 -21.55 23.95 -7.55
C ASN B 665 -22.96 23.74 -7.03
N ASN B 666 -23.07 23.16 -5.84
CA ASN B 666 -24.37 23.04 -5.19
C ASN B 666 -25.41 22.31 -6.06
N GLU B 667 -25.07 21.09 -6.46
CA GLU B 667 -26.01 20.24 -7.18
C GLU B 667 -26.24 18.96 -6.40
N THR B 668 -27.39 18.32 -6.62
CA THR B 668 -27.66 17.05 -5.97
C THR B 668 -26.75 15.96 -6.53
N ILE B 669 -26.38 15.03 -5.67
CA ILE B 669 -25.67 13.83 -6.09
C ILE B 669 -26.45 12.63 -5.59
N ALA B 670 -27.74 12.85 -5.35
CA ALA B 670 -28.64 11.78 -4.92
C ALA B 670 -29.42 11.25 -6.12
N GLY B 671 -29.06 10.06 -6.57
CA GLY B 671 -29.74 9.41 -7.66
C GLY B 671 -29.42 9.99 -9.03
N LYS B 672 -28.15 10.30 -9.25
CA LYS B 672 -27.71 10.83 -10.54
C LYS B 672 -26.53 10.02 -11.05
N ASP B 673 -26.18 10.22 -12.32
CA ASP B 673 -24.95 9.66 -12.87
C ASP B 673 -23.81 10.40 -12.19
N LEU B 674 -23.15 9.75 -11.24
CA LEU B 674 -22.10 10.39 -10.46
C LEU B 674 -20.71 10.07 -11.00
N VAL B 675 -19.77 10.97 -10.76
CA VAL B 675 -18.37 10.68 -11.07
C VAL B 675 -17.50 11.15 -9.92
N ALA B 676 -16.59 10.27 -9.48
CA ALA B 676 -15.71 10.58 -8.36
C ALA B 676 -14.35 11.01 -8.86
N TRP B 677 -13.75 11.98 -8.17
CA TRP B 677 -12.43 12.48 -8.52
C TRP B 677 -11.49 12.26 -7.34
N VAL B 678 -10.36 11.59 -7.60
CA VAL B 678 -9.45 11.19 -6.54
C VAL B 678 -8.04 11.75 -6.72
N THR B 679 -7.51 12.36 -5.66
CA THR B 679 -6.17 12.94 -5.71
C THR B 679 -5.21 12.20 -4.80
N ALA B 680 -4.18 11.62 -5.39
CA ALA B 680 -3.13 10.95 -4.64
C ALA B 680 -1.81 11.66 -4.88
N GLY B 681 -0.94 11.65 -3.88
CA GLY B 681 0.34 12.32 -3.98
C GLY B 681 1.11 12.25 -2.67
N PHE B 682 2.19 13.02 -2.56
CA PHE B 682 3.05 12.98 -1.39
C PHE B 682 4.18 14.00 -1.47
N LEU B 683 4.81 14.24 -0.32
CA LEU B 683 5.94 15.16 -0.24
C LEU B 683 7.23 14.42 -0.53
N HIS B 684 8.10 15.02 -1.33
CA HIS B 684 9.40 14.43 -1.61
C HIS B 684 10.57 15.35 -1.26
N ILE B 685 11.29 14.99 -0.19
CA ILE B 685 12.54 15.65 0.15
C ILE B 685 13.68 14.74 -0.29
N PRO B 686 14.24 15.02 -1.47
CA PRO B 686 15.24 14.14 -2.09
C PRO B 686 16.39 13.82 -1.15
N HIS B 687 16.91 12.60 -1.25
CA HIS B 687 18.04 12.20 -0.43
C HIS B 687 19.04 11.38 -1.24
N ALA B 688 20.06 10.86 -0.57
CA ALA B 688 21.12 10.14 -1.24
C ALA B 688 20.63 8.90 -2.00
N GLU B 689 19.64 8.22 -1.46
CA GLU B 689 19.14 6.98 -2.06
C GLU B 689 18.29 7.25 -3.29
N ASP B 690 18.16 8.52 -3.65
CA ASP B 690 17.50 8.90 -4.89
C ASP B 690 18.50 9.04 -6.03
N ILE B 691 19.74 8.66 -5.82
CA ILE B 691 20.75 8.73 -6.87
C ILE B 691 21.20 7.34 -7.24
N PRO B 692 21.09 6.92 -8.49
CA PRO B 692 20.82 7.71 -9.68
C PRO B 692 19.37 8.07 -9.96
N ASN B 693 18.46 7.13 -9.81
CA ASN B 693 17.04 7.39 -9.85
C ASN B 693 16.50 7.15 -8.50
N THR B 694 15.31 7.68 -8.26
CA THR B 694 14.51 7.45 -7.07
C THR B 694 13.79 6.14 -7.28
N VAL B 695 13.79 5.27 -6.26
CA VAL B 695 13.16 3.96 -6.37
C VAL B 695 11.65 4.01 -6.14
N THR B 696 10.97 2.93 -6.50
CA THR B 696 9.51 2.88 -6.46
C THR B 696 8.96 2.43 -5.12
N VAL B 697 9.78 1.72 -4.34
CA VAL B 697 9.36 1.21 -3.04
C VAL B 697 8.77 2.30 -2.16
N GLY B 698 7.55 2.05 -1.66
CA GLY B 698 6.91 2.95 -0.73
C GLY B 698 6.28 4.18 -1.35
N ASN B 699 6.45 4.35 -2.65
CA ASN B 699 5.93 5.54 -3.34
C ASN B 699 4.64 5.31 -4.11
N GLY B 700 4.09 4.10 -4.02
CA GLY B 700 2.87 3.77 -4.71
C GLY B 700 1.66 4.46 -4.11
N VAL B 701 1.11 5.43 -4.84
CA VAL B 701 -0.10 6.10 -4.42
C VAL B 701 -1.22 5.81 -5.41
N GLY B 702 -2.45 6.05 -5.00
CA GLY B 702 -3.60 5.74 -5.81
C GLY B 702 -4.79 5.39 -4.96
N PHE B 703 -5.55 4.38 -5.37
CA PHE B 703 -6.77 4.04 -4.66
C PHE B 703 -7.28 2.67 -5.02
N PHE B 704 -8.04 2.08 -4.12
CA PHE B 704 -8.79 0.87 -4.41
C PHE B 704 -10.25 1.21 -4.66
N LEU B 705 -10.86 0.51 -5.60
CA LEU B 705 -12.30 0.50 -5.72
C LEU B 705 -12.73 -0.86 -5.20
N ARG B 706 -13.40 -0.87 -4.05
CA ARG B 706 -13.74 -2.14 -3.41
C ARG B 706 -15.24 -2.36 -3.29
N PRO B 707 -15.69 -3.58 -3.63
CA PRO B 707 -17.11 -3.95 -3.60
C PRO B 707 -17.63 -4.02 -2.17
N TYR B 708 -18.73 -3.31 -1.92
CA TYR B 708 -19.29 -3.21 -0.58
C TYR B 708 -20.79 -3.50 -0.64
N ASN B 709 -21.15 -4.76 -0.48
CA ASN B 709 -22.54 -5.20 -0.57
C ASN B 709 -23.07 -5.13 -2.00
N PHE B 710 -22.14 -5.03 -2.94
CA PHE B 710 -22.46 -5.09 -4.36
C PHE B 710 -22.92 -6.51 -4.69
N PHE B 711 -22.17 -7.49 -4.19
CA PHE B 711 -22.47 -8.90 -4.41
C PHE B 711 -23.26 -9.50 -3.25
N ASP B 712 -23.63 -10.77 -3.39
CA ASP B 712 -24.36 -11.48 -2.34
C ASP B 712 -23.40 -12.31 -1.51
N GLU B 713 -22.23 -12.59 -2.09
CA GLU B 713 -21.11 -13.19 -1.37
C GLU B 713 -19.86 -12.86 -2.15
N ASP B 714 -18.68 -13.18 -1.60
CA ASP B 714 -17.45 -12.93 -2.33
C ASP B 714 -17.40 -13.77 -3.60
N PRO B 715 -17.23 -13.11 -4.75
CA PRO B 715 -17.17 -13.82 -6.03
C PRO B 715 -16.05 -14.86 -6.09
N SER B 716 -14.98 -14.67 -5.32
CA SER B 716 -13.84 -15.58 -5.40
C SER B 716 -14.19 -16.98 -4.88
N PHE B 717 -15.35 -17.10 -4.25
CA PHE B 717 -15.83 -18.40 -3.81
C PHE B 717 -15.97 -19.35 -5.00
N TYR B 718 -16.27 -18.80 -6.17
CA TYR B 718 -16.50 -19.59 -7.37
C TYR B 718 -15.26 -19.68 -8.25
N SER B 719 -14.10 -19.34 -7.69
CA SER B 719 -12.87 -19.34 -8.46
C SER B 719 -12.48 -20.72 -8.96
N ALA B 720 -11.89 -20.77 -10.15
CA ALA B 720 -11.38 -22.01 -10.70
C ALA B 720 -10.06 -22.37 -10.04
N ASP B 721 -9.46 -21.41 -9.36
CA ASP B 721 -8.12 -21.58 -8.79
C ASP B 721 -8.12 -21.83 -7.29
N SER B 722 -9.30 -21.88 -6.67
CA SER B 722 -9.38 -22.05 -5.24
C SER B 722 -8.98 -23.48 -4.86
N ILE B 723 -8.36 -23.61 -3.69
CA ILE B 723 -7.93 -24.91 -3.18
C ILE B 723 -8.70 -25.28 -1.92
N TYR B 724 -9.00 -26.56 -1.76
CA TYR B 724 -9.71 -27.03 -0.57
C TYR B 724 -9.56 -28.53 -0.36
N PHE B 725 -9.33 -28.91 0.89
CA PHE B 725 -9.25 -30.31 1.27
C PHE B 725 -9.55 -30.51 2.75
N ARG B 726 -10.27 -31.57 3.07
CA ARG B 726 -10.53 -31.93 4.46
C ARG B 726 -9.33 -32.67 5.03
N GLY B 727 -9.26 -32.74 6.35
CA GLY B 727 -8.21 -33.49 7.01
C GLY B 727 -8.21 -34.94 6.60
N ASP B 728 -9.41 -35.52 6.48
CA ASP B 728 -9.55 -36.93 6.12
C ASP B 728 -9.41 -37.17 4.61
N GLN B 729 -8.61 -36.35 3.94
CA GLN B 729 -8.31 -36.54 2.52
C GLN B 729 -6.81 -36.48 2.26
N ASP B 730 -6.40 -37.12 1.19
CA ASP B 730 -5.01 -37.03 0.75
C ASP B 730 -4.83 -35.69 0.05
N ALA B 731 -4.14 -34.76 0.71
CA ALA B 731 -3.92 -33.44 0.12
C ALA B 731 -2.85 -33.51 -0.97
N GLY B 732 -2.26 -34.69 -1.14
CA GLY B 732 -1.26 -34.92 -2.15
C GLY B 732 -1.80 -35.71 -3.32
N ALA B 733 -3.13 -35.83 -3.37
CA ALA B 733 -3.81 -36.53 -4.46
C ALA B 733 -4.36 -35.51 -5.47
N CYS B 734 -4.22 -35.82 -6.75
CA CYS B 734 -4.62 -34.89 -7.80
C CYS B 734 -6.10 -34.51 -7.77
N GLU B 735 -6.95 -35.48 -7.51
CA GLU B 735 -8.33 -35.23 -7.68
C GLU B 735 -8.97 -34.57 -6.52
N VAL B 736 -8.16 -34.18 -5.54
CA VAL B 736 -8.62 -33.42 -4.42
C VAL B 736 -7.91 -32.07 -4.40
N ASN B 737 -6.71 -32.03 -4.93
CA ASN B 737 -5.85 -30.85 -4.88
C ASN B 737 -5.09 -30.61 -6.19
N PRO B 738 -5.59 -29.67 -7.02
CA PRO B 738 -4.96 -29.32 -8.29
C PRO B 738 -3.45 -29.08 -8.12
N LEU B 739 -3.05 -28.56 -6.97
CA LEU B 739 -1.64 -28.25 -6.72
C LEU B 739 -0.73 -29.47 -6.81
N ALA B 740 -1.24 -30.62 -6.38
CA ALA B 740 -0.49 -31.86 -6.45
C ALA B 740 -0.18 -32.24 -7.90
N CYS B 741 -1.02 -31.82 -8.82
CA CYS B 741 -0.91 -32.27 -10.18
C CYS B 741 0.03 -31.33 -10.88
N LEU B 742 0.76 -30.58 -10.10
CA LEU B 742 1.58 -29.55 -10.64
C LEU B 742 2.79 -30.17 -11.22
N PRO B 743 3.64 -30.71 -10.38
CA PRO B 743 4.82 -31.38 -10.89
C PRO B 743 4.82 -32.50 -11.88
N CYS B 748 5.24 -27.88 -18.57
CA CYS B 748 6.65 -27.54 -18.77
C CYS B 748 6.81 -26.04 -19.03
N ALA B 749 8.02 -25.53 -18.83
CA ALA B 749 8.28 -24.10 -18.98
C ALA B 749 8.57 -23.74 -20.43
N PRO B 750 8.06 -22.59 -20.87
CA PRO B 750 8.08 -22.15 -22.26
C PRO B 750 9.46 -21.71 -22.74
N ASP B 751 9.71 -21.86 -24.04
CA ASP B 751 10.83 -21.20 -24.67
C ASP B 751 10.55 -19.70 -24.61
N LEU B 752 11.58 -18.89 -24.46
CA LEU B 752 11.37 -17.46 -24.38
C LEU B 752 11.51 -16.81 -25.76
N PRO B 753 10.72 -15.76 -26.00
CA PRO B 753 10.92 -14.95 -27.21
C PRO B 753 12.27 -14.25 -27.14
N ALA B 754 12.94 -14.09 -28.26
CA ALA B 754 14.20 -13.36 -28.28
C ALA B 754 13.93 -11.95 -27.77
N PHE B 755 14.80 -11.44 -26.91
CA PHE B 755 14.61 -10.08 -26.41
C PHE B 755 14.66 -9.09 -27.56
N SER B 756 13.76 -8.11 -27.51
CA SER B 756 13.77 -7.01 -28.45
C SER B 756 13.40 -5.75 -27.68
N HIS B 757 13.89 -4.60 -28.13
CA HIS B 757 13.57 -3.35 -27.47
C HIS B 757 12.90 -2.39 -28.46
N GLY B 758 12.25 -1.35 -27.92
CA GLY B 758 11.42 -0.48 -28.72
C GLY B 758 12.09 0.72 -29.36
N GLY B 759 13.33 0.99 -28.97
CA GLY B 759 14.10 2.06 -29.59
C GLY B 759 13.88 3.44 -29.01
N PHE B 760 14.46 4.45 -29.66
CA PHE B 760 14.43 5.81 -29.16
C PHE B 760 13.99 6.82 -30.24
N SER B 761 14.03 8.09 -29.90
CA SER B 761 13.64 9.14 -30.81
C SER B 761 14.81 10.00 -31.24
C1 NAG C . 4.48 -18.06 43.93
C2 NAG C . 5.40 -17.66 44.97
C3 NAG C . 6.54 -18.46 45.04
C4 NAG C . 6.18 -19.91 45.08
C5 NAG C . 5.04 -20.31 44.19
C6 NAG C . 4.43 -21.59 44.69
C7 NAG C . 5.02 -15.12 45.15
C8 NAG C . 5.35 -13.74 44.76
N2 NAG C . 5.82 -16.21 44.66
O3 NAG C . 7.30 -18.13 46.24
O4 NAG C . 7.38 -20.71 44.80
O5 NAG C . 4.01 -19.35 44.15
O6 NAG C . 5.19 -22.74 44.62
O7 NAG C . 4.17 -15.34 46.00
C1 NAG C . 7.82 -21.51 45.89
C2 NAG C . 9.18 -22.02 45.59
C3 NAG C . 9.57 -23.05 46.57
C4 NAG C . 9.57 -22.55 47.95
C5 NAG C . 8.38 -21.75 48.25
C6 NAG C . 8.63 -20.90 49.41
C7 NAG C . 10.12 -21.99 43.25
C8 NAG C . 10.29 -22.66 41.89
N2 NAG C . 9.24 -22.59 44.23
O3 NAG C . 10.82 -23.57 46.19
O4 NAG C . 9.62 -23.70 48.83
O5 NAG C . 7.89 -20.83 47.13
O6 NAG C . 8.60 -19.55 49.21
O7 NAG C . 10.61 -20.88 43.46
C1 MAN C . 10.77 -23.70 49.68
C2 MAN C . 11.89 -24.59 49.18
C3 MAN C . 13.08 -24.49 50.06
C4 MAN C . 12.76 -23.68 51.19
C5 MAN C . 11.59 -24.28 51.86
C6 MAN C . 11.40 -23.73 53.20
O2 MAN C . 12.29 -24.20 47.89
O3 MAN C . 14.20 -23.91 49.36
O4 MAN C . 13.88 -23.54 52.10
O5 MAN C . 10.39 -24.05 51.00
O6 MAN C . 10.76 -24.52 54.13
C1 NAG D . -18.17 -30.99 15.18
C2 NAG D . -18.19 -32.19 16.07
C3 NAG D . -17.07 -33.06 15.67
C4 NAG D . -17.26 -33.52 14.31
C5 NAG D . -17.12 -32.35 13.49
C6 NAG D . -17.23 -32.76 12.12
C7 NAG D . -18.65 -31.78 18.49
C8 NAG D . -18.01 -31.78 19.86
N2 NAG D . -17.75 -31.84 17.39
O3 NAG D . -16.85 -34.13 16.56
O4 NAG D . -16.24 -34.47 13.99
O5 NAG D . -18.22 -31.37 13.83
O6 NAG D . -17.15 -34.11 11.91
O7 NAG D . -19.73 -31.26 18.32
C1 NAG D . -16.37 -35.76 14.48
C2 NAG D . -15.31 -36.68 13.94
C3 NAG D . -15.75 -38.06 14.21
C4 NAG D . -15.83 -38.28 15.63
C5 NAG D . -16.92 -37.47 16.08
C6 NAG D . -17.09 -37.70 17.49
C7 NAG D . -14.34 -36.08 11.71
C8 NAG D . -14.30 -36.51 10.26
N2 NAG D . -15.36 -36.69 12.51
O3 NAG D . -14.94 -39.03 13.57
O4 NAG D . -16.11 -39.66 15.88
O5 NAG D . -16.60 -36.00 15.84
O6 NAG D . -16.43 -38.79 17.99
O7 NAG D . -13.94 -34.99 12.04
C1 NAG E . -9.65 31.14 -34.67
C2 NAG E . -10.84 31.89 -35.08
C3 NAG E . -11.46 31.23 -36.15
C4 NAG E . -10.68 31.15 -37.31
C5 NAG E . -9.47 30.45 -36.94
C6 NAG E . -8.59 30.50 -38.09
C7 NAG E . -12.12 32.88 -33.14
C8 NAG E . -13.09 32.74 -32.05
N2 NAG E . -11.90 31.80 -34.04
O3 NAG E . -12.68 31.86 -36.49
O4 NAG E . -11.42 30.29 -38.16
O5 NAG E . -8.83 31.04 -35.86
O6 NAG E . -8.46 31.70 -38.71
O7 NAG E . -11.24 33.69 -33.05
C1 NAG E . -11.70 30.90 -39.37
C2 NAG E . -12.29 29.94 -40.31
C3 NAG E . -12.53 30.60 -41.58
C4 NAG E . -13.41 31.73 -41.41
C5 NAG E . -12.98 32.63 -40.36
C6 NAG E . -14.14 33.34 -39.96
C7 NAG E . -11.55 27.67 -39.83
C8 NAG E . -10.65 26.49 -40.04
N2 NAG E . -11.34 28.90 -40.53
O3 NAG E . -13.25 29.73 -42.39
O4 NAG E . -13.47 32.35 -42.69
O5 NAG E . -12.67 31.86 -39.11
O6 NAG E . -14.84 32.62 -39.04
O7 NAG E . -12.50 27.56 -39.10
C1 NAG F . 24.87 15.68 -26.06
C2 NAG F . 25.23 15.93 -27.46
C3 NAG F . 24.92 14.83 -28.26
C4 NAG F . 25.45 13.59 -27.80
C5 NAG F . 25.17 13.35 -26.37
C6 NAG F . 26.13 12.35 -25.89
C7 NAG F . 24.10 18.19 -27.15
C8 NAG F . 22.90 19.02 -27.43
N2 NAG F . 24.30 16.98 -27.93
O3 NAG F . 25.48 15.07 -29.55
O4 NAG F . 24.70 12.63 -28.56
O5 NAG F . 25.42 14.45 -25.57
O6 NAG F . 25.66 11.06 -25.76
O7 NAG F . 25.04 18.63 -26.51
C1 NAG F . 25.42 12.09 -29.61
C2 NAG F . 24.65 10.91 -30.10
C3 NAG F . 25.22 10.32 -31.32
C4 NAG F . 25.34 11.35 -32.33
C5 NAG F . 26.21 12.39 -31.82
C6 NAG F . 26.49 13.36 -32.84
C7 NAG F . 23.33 9.53 -28.47
C8 NAG F . 23.23 8.22 -27.72
N2 NAG F . 24.60 9.91 -29.05
O3 NAG F . 24.38 9.32 -31.84
O4 NAG F . 25.88 10.76 -33.53
O5 NAG F . 25.54 13.04 -30.62
O6 NAG F . 27.29 14.41 -32.47
O7 NAG F . 22.32 10.07 -28.85
CU CU G . -12.48 -7.76 10.62
CA CA H . 10.95 5.70 29.25
CA CA I . 17.68 0.54 18.77
N1 IMD J . -11.05 -21.80 22.08
C2 IMD J . -9.94 -21.01 22.15
N3 IMD J . -8.91 -21.67 21.57
C4 IMD J . -9.36 -22.86 21.13
C5 IMD J . -10.71 -22.95 21.46
N1 IMD K . 7.07 -14.35 10.06
C2 IMD K . 6.99 -13.16 9.53
N3 IMD K . 8.06 -12.50 9.92
C4 IMD K . 8.82 -13.28 10.66
C5 IMD K . 8.18 -14.46 10.74
N1 IMD L . 6.63 -8.85 12.75
C2 IMD L . 7.81 -8.95 12.20
N3 IMD L . 7.65 -9.22 10.94
C4 IMD L . 6.35 -9.31 10.71
C5 IMD L . 5.70 -9.10 11.87
C1 NAG M . 28.42 12.09 17.78
C2 NAG M . 29.22 10.83 17.41
C3 NAG M . 30.29 11.07 16.36
C4 NAG M . 29.93 12.20 15.44
C5 NAG M . 29.51 13.37 16.30
C6 NAG M . 29.39 14.67 15.56
C7 NAG M . 29.37 9.45 19.39
C8 NAG M . 28.05 8.89 18.90
N2 NAG M . 29.90 10.38 18.62
O3 NAG M . 30.47 9.88 15.62
O4 NAG M . 31.07 12.58 14.72
O5 NAG M . 28.25 13.00 16.76
O6 NAG M . 28.41 15.42 16.25
O7 NAG M . 29.89 9.05 20.43
C1 NAG N . 10.83 16.12 33.15
C2 NAG N . 10.00 17.06 34.01
C3 NAG N . 10.73 18.37 34.20
C4 NAG N . 12.14 18.11 34.71
C5 NAG N . 12.88 17.12 33.83
C6 NAG N . 14.22 16.74 34.45
C7 NAG N . 7.61 16.80 33.88
C8 NAG N . 6.38 17.08 33.07
N2 NAG N . 8.72 17.28 33.36
O3 NAG N . 10.02 19.13 35.16
O4 NAG N . 12.86 19.34 34.77
O5 NAG N . 12.11 15.93 33.71
O6 NAG N . 15.19 16.53 33.45
O7 NAG N . 7.58 16.16 34.92
CU CU O . 10.04 13.24 -6.53
CA CA P . -21.50 7.22 -12.95
CA CA Q . -21.71 20.06 -10.34
N1 IMD R . 11.85 19.72 -23.69
C2 IMD R . 10.59 19.89 -23.30
N3 IMD R . 9.88 18.84 -23.67
C4 IMD R . 10.71 18.01 -24.31
C5 IMD R . 11.95 18.57 -24.32
N1 IMD S . -3.75 1.81 -17.35
C2 IMD S . -2.54 2.18 -17.07
N3 IMD S . -1.95 2.47 -18.19
C4 IMD S . -2.77 2.26 -19.16
C5 IMD S . -3.92 1.84 -18.63
N1 IMD T . -4.61 5.74 -14.50
C2 IMD T . -3.91 4.64 -14.73
N3 IMD T . -4.74 3.69 -15.00
C4 IMD T . -5.96 4.19 -14.95
C5 IMD T . -5.88 5.49 -14.63
C1 MAN U . -14.30 32.25 -44.02
C2 MAN U . -15.73 32.64 -44.26
C3 MAN U . -15.97 32.97 -45.69
C4 MAN U . -14.78 32.71 -46.43
C5 MAN U . -14.41 31.30 -46.21
C6 MAN U . -13.43 30.84 -47.19
O2 MAN U . -16.08 33.76 -43.50
O3 MAN U . -16.34 34.36 -45.83
O4 MAN U . -14.94 33.02 -47.83
O5 MAN U . -13.91 31.15 -44.81
O6 MAN U . -13.40 29.50 -47.51
C1 NAG V . -34.67 4.55 -6.79
C2 NAG V . -35.95 3.74 -6.81
C3 NAG V . -36.83 4.11 -7.89
C4 NAG V . -37.19 5.46 -7.68
C5 NAG V . -35.98 6.36 -7.57
C6 NAG V . -36.48 7.70 -7.32
C7 NAG V . -35.64 1.56 -5.63
C8 NAG V . -35.80 2.26 -4.32
N2 NAG V . -35.56 2.36 -6.85
O3 NAG V . -38.05 3.38 -7.73
O4 NAG V . -38.22 5.88 -8.56
O5 NAG V . -35.04 5.88 -6.56
O6 NAG V . -35.82 8.59 -6.51
O7 NAG V . -35.41 0.38 -5.69
C1 NAG W . -28.22 25.71 -3.23
C2 NAG W . -28.30 27.08 -2.58
C3 NAG W . -29.40 27.06 -1.55
C4 NAG W . -30.68 26.48 -2.10
C5 NAG W . -30.46 25.14 -2.77
C6 NAG W . -31.75 24.71 -3.45
C7 NAG W . -26.16 28.18 -2.49
C8 NAG W . -24.89 28.39 -1.73
N2 NAG W . -27.03 27.39 -1.92
O3 NAG W . -29.67 28.39 -1.17
O4 NAG W . -31.57 26.33 -1.02
O5 NAG W . -29.46 25.31 -3.76
O6 NAG W . -31.87 23.31 -3.53
O7 NAG W . -26.35 28.73 -3.57
#